data_1RRO
# 
_entry.id   1RRO 
# 
_audit_conform.dict_name       mmcif_pdbx.dic 
_audit_conform.dict_version    5.386 
_audit_conform.dict_location   http://mmcif.pdb.org/dictionaries/ascii/mmcif_pdbx.dic 
# 
loop_
_database_2.database_id 
_database_2.database_code 
_database_2.pdbx_database_accession 
_database_2.pdbx_DOI 
PDB   1RRO         pdb_00001rro 10.2210/pdb1rro/pdb 
WWPDB D_1000176191 ?            ?                   
# 
loop_
_pdbx_audit_revision_history.ordinal 
_pdbx_audit_revision_history.data_content_type 
_pdbx_audit_revision_history.major_revision 
_pdbx_audit_revision_history.minor_revision 
_pdbx_audit_revision_history.revision_date 
1 'Structure model' 1 0 1993-10-31 
2 'Structure model' 1 1 2008-03-24 
3 'Structure model' 1 2 2011-07-13 
4 'Structure model' 1 3 2017-11-29 
5 'Structure model' 1 4 2024-02-14 
# 
_pdbx_audit_revision_details.ordinal             1 
_pdbx_audit_revision_details.revision_ordinal    1 
_pdbx_audit_revision_details.data_content_type   'Structure model' 
_pdbx_audit_revision_details.provider            repository 
_pdbx_audit_revision_details.type                'Initial release' 
_pdbx_audit_revision_details.description         ? 
_pdbx_audit_revision_details.details             ? 
# 
loop_
_pdbx_audit_revision_group.ordinal 
_pdbx_audit_revision_group.revision_ordinal 
_pdbx_audit_revision_group.data_content_type 
_pdbx_audit_revision_group.group 
1 2 'Structure model' 'Version format compliance' 
2 3 'Structure model' 'Version format compliance' 
3 4 'Structure model' 'Derived calculations'      
4 4 'Structure model' Other                       
5 5 'Structure model' 'Data collection'           
6 5 'Structure model' 'Database references'       
7 5 'Structure model' 'Derived calculations'      
# 
loop_
_pdbx_audit_revision_category.ordinal 
_pdbx_audit_revision_category.revision_ordinal 
_pdbx_audit_revision_category.data_content_type 
_pdbx_audit_revision_category.category 
1 4 'Structure model' pdbx_database_status   
2 4 'Structure model' struct_conf            
3 4 'Structure model' struct_conf_type       
4 5 'Structure model' chem_comp_atom         
5 5 'Structure model' chem_comp_bond         
6 5 'Structure model' database_2             
7 5 'Structure model' pdbx_struct_conn_angle 
8 5 'Structure model' struct_conn            
9 5 'Structure model' struct_site            
# 
loop_
_pdbx_audit_revision_item.ordinal 
_pdbx_audit_revision_item.revision_ordinal 
_pdbx_audit_revision_item.data_content_type 
_pdbx_audit_revision_item.item 
1  4 'Structure model' '_pdbx_database_status.process_site'          
2  5 'Structure model' '_database_2.pdbx_DOI'                        
3  5 'Structure model' '_database_2.pdbx_database_accession'         
4  5 'Structure model' '_pdbx_struct_conn_angle.ptnr1_auth_comp_id'  
5  5 'Structure model' '_pdbx_struct_conn_angle.ptnr1_auth_seq_id'   
6  5 'Structure model' '_pdbx_struct_conn_angle.ptnr1_label_asym_id' 
7  5 'Structure model' '_pdbx_struct_conn_angle.ptnr1_label_atom_id' 
8  5 'Structure model' '_pdbx_struct_conn_angle.ptnr1_label_comp_id' 
9  5 'Structure model' '_pdbx_struct_conn_angle.ptnr1_label_seq_id'  
10 5 'Structure model' '_pdbx_struct_conn_angle.ptnr1_symmetry'      
11 5 'Structure model' '_pdbx_struct_conn_angle.ptnr2_auth_seq_id'   
12 5 'Structure model' '_pdbx_struct_conn_angle.ptnr2_label_asym_id' 
13 5 'Structure model' '_pdbx_struct_conn_angle.ptnr3_auth_comp_id'  
14 5 'Structure model' '_pdbx_struct_conn_angle.ptnr3_auth_seq_id'   
15 5 'Structure model' '_pdbx_struct_conn_angle.ptnr3_label_asym_id' 
16 5 'Structure model' '_pdbx_struct_conn_angle.ptnr3_label_atom_id' 
17 5 'Structure model' '_pdbx_struct_conn_angle.ptnr3_label_comp_id' 
18 5 'Structure model' '_pdbx_struct_conn_angle.ptnr3_label_seq_id'  
19 5 'Structure model' '_pdbx_struct_conn_angle.ptnr3_symmetry'      
20 5 'Structure model' '_pdbx_struct_conn_angle.value'               
21 5 'Structure model' '_struct_conn.pdbx_dist_value'                
22 5 'Structure model' '_struct_conn.ptnr1_auth_comp_id'             
23 5 'Structure model' '_struct_conn.ptnr1_auth_seq_id'              
24 5 'Structure model' '_struct_conn.ptnr1_label_asym_id'            
25 5 'Structure model' '_struct_conn.ptnr1_label_atom_id'            
26 5 'Structure model' '_struct_conn.ptnr1_label_comp_id'            
27 5 'Structure model' '_struct_conn.ptnr1_label_seq_id'             
28 5 'Structure model' '_struct_conn.ptnr1_symmetry'                 
29 5 'Structure model' '_struct_conn.ptnr2_auth_comp_id'             
30 5 'Structure model' '_struct_conn.ptnr2_auth_seq_id'              
31 5 'Structure model' '_struct_conn.ptnr2_label_asym_id'            
32 5 'Structure model' '_struct_conn.ptnr2_label_atom_id'            
33 5 'Structure model' '_struct_conn.ptnr2_label_comp_id'            
34 5 'Structure model' '_struct_conn.ptnr2_label_seq_id'             
35 5 'Structure model' '_struct_conn.ptnr2_symmetry'                 
36 5 'Structure model' '_struct_site.pdbx_auth_asym_id'              
37 5 'Structure model' '_struct_site.pdbx_auth_comp_id'              
38 5 'Structure model' '_struct_site.pdbx_auth_seq_id'               
# 
_pdbx_database_status.status_code                     REL 
_pdbx_database_status.entry_id                        1RRO 
_pdbx_database_status.recvd_initial_deposition_date   1992-08-27 
_pdbx_database_status.deposit_site                    ? 
_pdbx_database_status.process_site                    BNL 
_pdbx_database_status.status_code_sf                  REL 
_pdbx_database_status.status_code_mr                  ? 
_pdbx_database_status.SG_entry                        ? 
_pdbx_database_status.pdb_format_compatible           Y 
_pdbx_database_status.status_code_cs                  ? 
_pdbx_database_status.methods_development_category    ? 
_pdbx_database_status.status_code_nmr_data            ? 
# 
loop_
_audit_author.name 
_audit_author.pdbx_ordinal 
'Ahmed, F.R.' 1 
'Rose, D.R.'  2 
'Evans, S.V.' 3 
'Pippy, M.E.' 4 
'To, R.'      5 
# 
loop_
_citation.id 
_citation.title 
_citation.journal_abbrev 
_citation.journal_volume 
_citation.page_first 
_citation.page_last 
_citation.year 
_citation.journal_id_ASTM 
_citation.country 
_citation.journal_id_ISSN 
_citation.journal_id_CSD 
_citation.book_publisher 
_citation.pdbx_database_id_PubMed 
_citation.pdbx_database_id_DOI 
primary 'Refinement of recombinant oncomodulin at 1.30 A resolution.'                                                           
J.Mol.Biol.          230 1216 1224 1993 JMOBAK UK 0022-2836 0070 ? 8487302 10.1006/jmbi.1993.1237 
1       'Structure of Oncomodulin Refined at 1.85 Angstroms Resolution: An Example of Extensive Molecular Aggregation Via Ca2+' 
J.Mol.Biol.          216 127  ?    1990 JMOBAK UK 0022-2836 0070 ? ?       ?                      
2       'Crystallization and Preliminary Crystallographic Data for Oncomodulin'                                                 
J.Mol.Biol.          199 393  ?    1988 JMOBAK UK 0022-2836 0070 ? ?       ?                      
3       'Occurrence of a Low-Molecular-Weight Calcium-Binding Protein in Neoplastic Liver'                                      
'Cancer Res.'        39  3000 ?    1979 CNREA8 US 0008-5472 0400 ? ?       ?                      
4       'The Purification of a Unique Calcium-Binding Protein from Morris Hepatoma 5123 Tc'                                     
Biochim.Biophys.Acta 621 296  ?    1980 BBACAQ NE 0006-3002 0113 ? ?       ?                      
# 
loop_
_citation_author.citation_id 
_citation_author.name 
_citation_author.ordinal 
_citation_author.identifier_ORCID 
primary 'Ahmed, F.R.'    1  ? 
primary 'Rose, D.R.'     2  ? 
primary 'Evans, S.V.'    3  ? 
primary 'Pippy, M.E.'    4  ? 
primary 'To, R.'         5  ? 
1       'Ahmed, F.R.'    6  ? 
1       'Przybylska, M.' 7  ? 
1       'Rose, D.R.'     8  ? 
1       'Birnbaum, G.I.' 9  ? 
1       'Pippy, M.E.'    10 ? 
1       'Macmanus, J.P.' 11 ? 
2       'Przybylska, M.' 12 ? 
2       'Ahmed, F.R.'    13 ? 
2       'Birnbaum, G.I.' 14 ? 
2       'Rose, D.R.'     15 ? 
3       'Macmanus, J.P.' 16 ? 
4       'Macmanus, J.P.' 17 ? 
# 
loop_
_entity.id 
_entity.type 
_entity.src_method 
_entity.pdbx_description 
_entity.formula_weight 
_entity.pdbx_number_of_molecules 
_entity.pdbx_ec 
_entity.pdbx_mutation 
_entity.pdbx_fragment 
_entity.details 
1 polymer     man 'RAT ONCOMODULIN' 12067.064 1   ? ? ? ? 
2 non-polymer syn 'CALCIUM ION'     40.078    4   ? ? ? ? 
3 water       nat water             18.015    103 ? ? ? ? 
# 
_entity_poly.entity_id                      1 
_entity_poly.type                           'polypeptide(L)' 
_entity_poly.nstd_linkage                   no 
_entity_poly.nstd_monomer                   no 
_entity_poly.pdbx_seq_one_letter_code       
;SITDILSAEDIAAALQECQDPDTFEPQKFFQTSGLSKMSASQVKDIFRFIDNDQSGYLDGDELKYFLQKFQSDARELTES
ETKSLMDAADNDGDGKIGADEFQEMVHS
;
_entity_poly.pdbx_seq_one_letter_code_can   
;SITDILSAEDIAAALQECQDPDTFEPQKFFQTSGLSKMSASQVKDIFRFIDNDQSGYLDGDELKYFLQKFQSDARELTES
ETKSLMDAADNDGDGKIGADEFQEMVHS
;
_entity_poly.pdbx_strand_id                 A 
_entity_poly.pdbx_target_identifier         ? 
# 
loop_
_pdbx_entity_nonpoly.entity_id 
_pdbx_entity_nonpoly.name 
_pdbx_entity_nonpoly.comp_id 
2 'CALCIUM ION' CA  
3 water         HOH 
# 
loop_
_entity_poly_seq.entity_id 
_entity_poly_seq.num 
_entity_poly_seq.mon_id 
_entity_poly_seq.hetero 
1 1   SER n 
1 2   ILE n 
1 3   THR n 
1 4   ASP n 
1 5   ILE n 
1 6   LEU n 
1 7   SER n 
1 8   ALA n 
1 9   GLU n 
1 10  ASP n 
1 11  ILE n 
1 12  ALA n 
1 13  ALA n 
1 14  ALA n 
1 15  LEU n 
1 16  GLN n 
1 17  GLU n 
1 18  CYS n 
1 19  GLN n 
1 20  ASP n 
1 21  PRO n 
1 22  ASP n 
1 23  THR n 
1 24  PHE n 
1 25  GLU n 
1 26  PRO n 
1 27  GLN n 
1 28  LYS n 
1 29  PHE n 
1 30  PHE n 
1 31  GLN n 
1 32  THR n 
1 33  SER n 
1 34  GLY n 
1 35  LEU n 
1 36  SER n 
1 37  LYS n 
1 38  MET n 
1 39  SER n 
1 40  ALA n 
1 41  SER n 
1 42  GLN n 
1 43  VAL n 
1 44  LYS n 
1 45  ASP n 
1 46  ILE n 
1 47  PHE n 
1 48  ARG n 
1 49  PHE n 
1 50  ILE n 
1 51  ASP n 
1 52  ASN n 
1 53  ASP n 
1 54  GLN n 
1 55  SER n 
1 56  GLY n 
1 57  TYR n 
1 58  LEU n 
1 59  ASP n 
1 60  GLY n 
1 61  ASP n 
1 62  GLU n 
1 63  LEU n 
1 64  LYS n 
1 65  TYR n 
1 66  PHE n 
1 67  LEU n 
1 68  GLN n 
1 69  LYS n 
1 70  PHE n 
1 71  GLN n 
1 72  SER n 
1 73  ASP n 
1 74  ALA n 
1 75  ARG n 
1 76  GLU n 
1 77  LEU n 
1 78  THR n 
1 79  GLU n 
1 80  SER n 
1 81  GLU n 
1 82  THR n 
1 83  LYS n 
1 84  SER n 
1 85  LEU n 
1 86  MET n 
1 87  ASP n 
1 88  ALA n 
1 89  ALA n 
1 90  ASP n 
1 91  ASN n 
1 92  ASP n 
1 93  GLY n 
1 94  ASP n 
1 95  GLY n 
1 96  LYS n 
1 97  ILE n 
1 98  GLY n 
1 99  ALA n 
1 100 ASP n 
1 101 GLU n 
1 102 PHE n 
1 103 GLN n 
1 104 GLU n 
1 105 MET n 
1 106 VAL n 
1 107 HIS n 
1 108 SER n 
# 
_entity_src_gen.entity_id                          1 
_entity_src_gen.pdbx_src_id                        1 
_entity_src_gen.pdbx_alt_source_flag               sample 
_entity_src_gen.pdbx_seq_type                      ? 
_entity_src_gen.pdbx_beg_seq_num                   ? 
_entity_src_gen.pdbx_end_seq_num                   ? 
_entity_src_gen.gene_src_common_name               'black rat' 
_entity_src_gen.gene_src_genus                     Rattus 
_entity_src_gen.pdbx_gene_src_gene                 ? 
_entity_src_gen.gene_src_species                   ? 
_entity_src_gen.gene_src_strain                    ? 
_entity_src_gen.gene_src_tissue                    ? 
_entity_src_gen.gene_src_tissue_fraction           ? 
_entity_src_gen.gene_src_details                   ? 
_entity_src_gen.pdbx_gene_src_fragment             ? 
_entity_src_gen.pdbx_gene_src_scientific_name      'Rattus rattus' 
_entity_src_gen.pdbx_gene_src_ncbi_taxonomy_id     10117 
_entity_src_gen.pdbx_gene_src_variant              ? 
_entity_src_gen.pdbx_gene_src_cell_line            ? 
_entity_src_gen.pdbx_gene_src_atcc                 ? 
_entity_src_gen.pdbx_gene_src_organ                LIVER 
_entity_src_gen.pdbx_gene_src_organelle            ? 
_entity_src_gen.pdbx_gene_src_cell                 ? 
_entity_src_gen.pdbx_gene_src_cellular_location    ? 
_entity_src_gen.host_org_common_name               ? 
_entity_src_gen.pdbx_host_org_scientific_name      ? 
_entity_src_gen.pdbx_host_org_ncbi_taxonomy_id     ? 
_entity_src_gen.host_org_genus                     ? 
_entity_src_gen.pdbx_host_org_gene                 ? 
_entity_src_gen.pdbx_host_org_organ                ? 
_entity_src_gen.host_org_species                   ? 
_entity_src_gen.pdbx_host_org_tissue               ? 
_entity_src_gen.pdbx_host_org_tissue_fraction      ? 
_entity_src_gen.pdbx_host_org_strain               ? 
_entity_src_gen.pdbx_host_org_variant              ? 
_entity_src_gen.pdbx_host_org_cell_line            ? 
_entity_src_gen.pdbx_host_org_atcc                 ? 
_entity_src_gen.pdbx_host_org_culture_collection   ? 
_entity_src_gen.pdbx_host_org_cell                 ? 
_entity_src_gen.pdbx_host_org_organelle            ? 
_entity_src_gen.pdbx_host_org_cellular_location    ? 
_entity_src_gen.pdbx_host_org_vector_type          ? 
_entity_src_gen.pdbx_host_org_vector               ? 
_entity_src_gen.host_org_details                   ? 
_entity_src_gen.expression_system_id               ? 
_entity_src_gen.plasmid_name                       ? 
_entity_src_gen.plasmid_details                    ? 
_entity_src_gen.pdbx_description                   ? 
# 
loop_
_chem_comp.id 
_chem_comp.type 
_chem_comp.mon_nstd_flag 
_chem_comp.name 
_chem_comp.pdbx_synonyms 
_chem_comp.formula 
_chem_comp.formula_weight 
ALA 'L-peptide linking' y ALANINE         ? 'C3 H7 N O2'     89.093  
ARG 'L-peptide linking' y ARGININE        ? 'C6 H15 N4 O2 1' 175.209 
ASN 'L-peptide linking' y ASPARAGINE      ? 'C4 H8 N2 O3'    132.118 
ASP 'L-peptide linking' y 'ASPARTIC ACID' ? 'C4 H7 N O4'     133.103 
CA  non-polymer         . 'CALCIUM ION'   ? 'Ca 2'           40.078  
CYS 'L-peptide linking' y CYSTEINE        ? 'C3 H7 N O2 S'   121.158 
GLN 'L-peptide linking' y GLUTAMINE       ? 'C5 H10 N2 O3'   146.144 
GLU 'L-peptide linking' y 'GLUTAMIC ACID' ? 'C5 H9 N O4'     147.129 
GLY 'peptide linking'   y GLYCINE         ? 'C2 H5 N O2'     75.067  
HIS 'L-peptide linking' y HISTIDINE       ? 'C6 H10 N3 O2 1' 156.162 
HOH non-polymer         . WATER           ? 'H2 O'           18.015  
ILE 'L-peptide linking' y ISOLEUCINE      ? 'C6 H13 N O2'    131.173 
LEU 'L-peptide linking' y LEUCINE         ? 'C6 H13 N O2'    131.173 
LYS 'L-peptide linking' y LYSINE          ? 'C6 H15 N2 O2 1' 147.195 
MET 'L-peptide linking' y METHIONINE      ? 'C5 H11 N O2 S'  149.211 
PHE 'L-peptide linking' y PHENYLALANINE   ? 'C9 H11 N O2'    165.189 
PRO 'L-peptide linking' y PROLINE         ? 'C5 H9 N O2'     115.130 
SER 'L-peptide linking' y SERINE          ? 'C3 H7 N O3'     105.093 
THR 'L-peptide linking' y THREONINE       ? 'C4 H9 N O3'     119.119 
TYR 'L-peptide linking' y TYROSINE        ? 'C9 H11 N O3'    181.189 
VAL 'L-peptide linking' y VALINE          ? 'C5 H11 N O2'    117.146 
# 
loop_
_pdbx_poly_seq_scheme.asym_id 
_pdbx_poly_seq_scheme.entity_id 
_pdbx_poly_seq_scheme.seq_id 
_pdbx_poly_seq_scheme.mon_id 
_pdbx_poly_seq_scheme.ndb_seq_num 
_pdbx_poly_seq_scheme.pdb_seq_num 
_pdbx_poly_seq_scheme.auth_seq_num 
_pdbx_poly_seq_scheme.pdb_mon_id 
_pdbx_poly_seq_scheme.auth_mon_id 
_pdbx_poly_seq_scheme.pdb_strand_id 
_pdbx_poly_seq_scheme.pdb_ins_code 
_pdbx_poly_seq_scheme.hetero 
A 1 1   SER 1   1   1   SER SER A . n 
A 1 2   ILE 2   2   2   ILE ILE A . n 
A 1 3   THR 3   3   3   THR THR A . n 
A 1 4   ASP 4   4   4   ASP ASP A . n 
A 1 5   ILE 5   5   5   ILE ILE A . n 
A 1 6   LEU 6   6   6   LEU LEU A . n 
A 1 7   SER 7   7   7   SER SER A . n 
A 1 8   ALA 8   8   8   ALA ALA A . n 
A 1 9   GLU 9   9   9   GLU GLU A . n 
A 1 10  ASP 10  10  10  ASP ASP A . n 
A 1 11  ILE 11  11  11  ILE ILE A . n 
A 1 12  ALA 12  12  12  ALA ALA A . n 
A 1 13  ALA 13  13  13  ALA ALA A . n 
A 1 14  ALA 14  14  14  ALA ALA A . n 
A 1 15  LEU 15  15  15  LEU LEU A . n 
A 1 16  GLN 16  16  16  GLN GLN A . n 
A 1 17  GLU 17  17  17  GLU GLU A . n 
A 1 18  CYS 18  18  18  CYS CYS A . n 
A 1 19  GLN 19  19  19  GLN GLN A . n 
A 1 20  ASP 20  20  20  ASP ASP A . n 
A 1 21  PRO 21  21  21  PRO PRO A . n 
A 1 22  ASP 22  22  22  ASP ASP A . n 
A 1 23  THR 23  23  23  THR THR A . n 
A 1 24  PHE 24  24  24  PHE PHE A . n 
A 1 25  GLU 25  25  25  GLU GLU A . n 
A 1 26  PRO 26  26  26  PRO PRO A . n 
A 1 27  GLN 27  27  27  GLN GLN A . n 
A 1 28  LYS 28  28  28  LYS LYS A . n 
A 1 29  PHE 29  29  29  PHE PHE A . n 
A 1 30  PHE 30  30  30  PHE PHE A . n 
A 1 31  GLN 31  31  31  GLN GLN A . n 
A 1 32  THR 32  32  32  THR THR A . n 
A 1 33  SER 33  33  33  SER SER A . n 
A 1 34  GLY 34  34  34  GLY GLY A . n 
A 1 35  LEU 35  35  35  LEU LEU A . n 
A 1 36  SER 36  36  36  SER SER A . n 
A 1 37  LYS 37  37  37  LYS LYS A . n 
A 1 38  MET 38  38  38  MET MET A . n 
A 1 39  SER 39  39  39  SER SER A . n 
A 1 40  ALA 40  40  40  ALA ALA A . n 
A 1 41  SER 41  41  41  SER SER A . n 
A 1 42  GLN 42  42  42  GLN GLN A . n 
A 1 43  VAL 43  43  43  VAL VAL A . n 
A 1 44  LYS 44  44  44  LYS LYS A . n 
A 1 45  ASP 45  45  45  ASP ASP A . n 
A 1 46  ILE 46  46  46  ILE ILE A . n 
A 1 47  PHE 47  47  47  PHE PHE A . n 
A 1 48  ARG 48  48  48  ARG ARG A . n 
A 1 49  PHE 49  49  49  PHE PHE A . n 
A 1 50  ILE 50  50  50  ILE ILE A . n 
A 1 51  ASP 51  51  51  ASP ASP A . n 
A 1 52  ASN 52  52  52  ASN ASN A . n 
A 1 53  ASP 53  53  53  ASP ASP A . n 
A 1 54  GLN 54  54  54  GLN GLN A . n 
A 1 55  SER 55  55  55  SER SER A . n 
A 1 56  GLY 56  56  56  GLY GLY A . n 
A 1 57  TYR 57  57  57  TYR TYR A . n 
A 1 58  LEU 58  58  58  LEU LEU A . n 
A 1 59  ASP 59  59  59  ASP ASP A . n 
A 1 60  GLY 60  60  60  GLY GLY A . n 
A 1 61  ASP 61  61  61  ASP ASP A . n 
A 1 62  GLU 62  62  62  GLU GLU A . n 
A 1 63  LEU 63  63  63  LEU LEU A . n 
A 1 64  LYS 64  64  64  LYS LYS A . n 
A 1 65  TYR 65  65  65  TYR TYR A . n 
A 1 66  PHE 66  66  66  PHE PHE A . n 
A 1 67  LEU 67  67  67  LEU LEU A . n 
A 1 68  GLN 68  68  68  GLN GLN A . n 
A 1 69  LYS 69  69  69  LYS LYS A . n 
A 1 70  PHE 70  70  70  PHE PHE A . n 
A 1 71  GLN 71  71  71  GLN GLN A . n 
A 1 72  SER 72  72  72  SER SER A . n 
A 1 73  ASP 73  73  73  ASP ASP A . n 
A 1 74  ALA 74  74  74  ALA ALA A . n 
A 1 75  ARG 75  75  75  ARG ARG A . n 
A 1 76  GLU 76  76  76  GLU GLU A . n 
A 1 77  LEU 77  77  77  LEU LEU A . n 
A 1 78  THR 78  78  78  THR THR A . n 
A 1 79  GLU 79  79  79  GLU GLU A . n 
A 1 80  SER 80  80  80  SER SER A . n 
A 1 81  GLU 81  81  81  GLU GLU A . n 
A 1 82  THR 82  82  82  THR THR A . n 
A 1 83  LYS 83  83  83  LYS LYS A . n 
A 1 84  SER 84  84  84  SER SER A . n 
A 1 85  LEU 85  85  85  LEU LEU A . n 
A 1 86  MET 86  86  86  MET MET A . n 
A 1 87  ASP 87  87  87  ASP ASP A . n 
A 1 88  ALA 88  88  88  ALA ALA A . n 
A 1 89  ALA 89  89  89  ALA ALA A . n 
A 1 90  ASP 90  90  90  ASP ASP A . n 
A 1 91  ASN 91  91  91  ASN ASN A . n 
A 1 92  ASP 92  92  92  ASP ASP A . n 
A 1 93  GLY 93  93  93  GLY GLY A . n 
A 1 94  ASP 94  94  94  ASP ASP A . n 
A 1 95  GLY 95  95  95  GLY GLY A . n 
A 1 96  LYS 96  96  96  LYS LYS A . n 
A 1 97  ILE 97  97  97  ILE ILE A . n 
A 1 98  GLY 98  98  98  GLY GLY A . n 
A 1 99  ALA 99  99  99  ALA ALA A . n 
A 1 100 ASP 100 100 100 ASP ASP A . n 
A 1 101 GLU 101 101 101 GLU GLU A . n 
A 1 102 PHE 102 102 102 PHE PHE A . n 
A 1 103 GLN 103 103 103 GLN GLN A . n 
A 1 104 GLU 104 104 104 GLU GLU A . n 
A 1 105 MET 105 105 105 MET MET A . n 
A 1 106 VAL 106 106 106 VAL VAL A . n 
A 1 107 HIS 107 107 107 HIS HIS A . n 
A 1 108 SER 108 108 108 SER SER A . n 
# 
loop_
_pdbx_nonpoly_scheme.asym_id 
_pdbx_nonpoly_scheme.entity_id 
_pdbx_nonpoly_scheme.mon_id 
_pdbx_nonpoly_scheme.ndb_seq_num 
_pdbx_nonpoly_scheme.pdb_seq_num 
_pdbx_nonpoly_scheme.auth_seq_num 
_pdbx_nonpoly_scheme.pdb_mon_id 
_pdbx_nonpoly_scheme.auth_mon_id 
_pdbx_nonpoly_scheme.pdb_strand_id 
_pdbx_nonpoly_scheme.pdb_ins_code 
B 2 CA  1   109 109 CA  CA  A . 
C 2 CA  1   110 110 CA  CA  A . 
D 2 CA  1   124 124 CA  CA  A . 
E 2 CA  1   135 135 CA  CA  A . 
F 3 HOH 1   111 111 HOH HOH A . 
F 3 HOH 2   112 112 HOH HOH A . 
F 3 HOH 3   113 113 HOH HOH A . 
F 3 HOH 4   114 114 HOH HOH A . 
F 3 HOH 5   115 115 HOH HOH A . 
F 3 HOH 6   116 116 HOH HOH A . 
F 3 HOH 7   117 117 HOH HOH A . 
F 3 HOH 8   118 118 HOH HOH A . 
F 3 HOH 9   119 119 HOH HOH A . 
F 3 HOH 10  120 120 HOH HOH A . 
F 3 HOH 11  121 121 HOH HOH A . 
F 3 HOH 12  122 122 HOH HOH A . 
F 3 HOH 13  123 123 HOH HOH A . 
F 3 HOH 14  125 125 HOH HOH A . 
F 3 HOH 15  126 126 HOH HOH A . 
F 3 HOH 16  127 127 HOH HOH A . 
F 3 HOH 17  128 128 HOH HOH A . 
F 3 HOH 18  129 129 HOH HOH A . 
F 3 HOH 19  130 130 HOH HOH A . 
F 3 HOH 20  131 131 HOH HOH A . 
F 3 HOH 21  132 132 HOH HOH A . 
F 3 HOH 22  133 133 HOH HOH A . 
F 3 HOH 23  134 134 HOH HOH A . 
F 3 HOH 24  136 136 HOH HOH A . 
F 3 HOH 25  137 137 HOH HOH A . 
F 3 HOH 26  138 138 HOH HOH A . 
F 3 HOH 27  139 139 HOH HOH A . 
F 3 HOH 28  140 140 HOH HOH A . 
F 3 HOH 29  141 141 HOH HOH A . 
F 3 HOH 30  142 142 HOH HOH A . 
F 3 HOH 31  143 143 HOH HOH A . 
F 3 HOH 32  144 144 HOH HOH A . 
F 3 HOH 33  145 145 HOH HOH A . 
F 3 HOH 34  146 146 HOH HOH A . 
F 3 HOH 35  147 147 HOH HOH A . 
F 3 HOH 36  148 148 HOH HOH A . 
F 3 HOH 37  149 149 HOH HOH A . 
F 3 HOH 38  150 150 HOH HOH A . 
F 3 HOH 39  151 151 HOH HOH A . 
F 3 HOH 40  152 152 HOH HOH A . 
F 3 HOH 41  153 153 HOH HOH A . 
F 3 HOH 42  154 154 HOH HOH A . 
F 3 HOH 43  155 155 HOH HOH A . 
F 3 HOH 44  156 156 HOH HOH A . 
F 3 HOH 45  157 157 HOH HOH A . 
F 3 HOH 46  158 158 HOH HOH A . 
F 3 HOH 47  159 159 HOH HOH A . 
F 3 HOH 48  160 160 HOH HOH A . 
F 3 HOH 49  161 161 HOH HOH A . 
F 3 HOH 50  162 162 HOH HOH A . 
F 3 HOH 51  163 163 HOH HOH A . 
F 3 HOH 52  164 164 HOH HOH A . 
F 3 HOH 53  165 165 HOH HOH A . 
F 3 HOH 54  166 166 HOH HOH A . 
F 3 HOH 55  167 167 HOH HOH A . 
F 3 HOH 56  168 168 HOH HOH A . 
F 3 HOH 57  169 169 HOH HOH A . 
F 3 HOH 58  170 170 HOH HOH A . 
F 3 HOH 59  171 171 HOH HOH A . 
F 3 HOH 60  172 172 HOH HOH A . 
F 3 HOH 61  173 173 HOH HOH A . 
F 3 HOH 62  174 174 HOH HOH A . 
F 3 HOH 63  175 175 HOH HOH A . 
F 3 HOH 64  176 176 HOH HOH A . 
F 3 HOH 65  177 177 HOH HOH A . 
F 3 HOH 66  178 178 HOH HOH A . 
F 3 HOH 67  179 179 HOH HOH A . 
F 3 HOH 68  180 180 HOH HOH A . 
F 3 HOH 69  181 181 HOH HOH A . 
F 3 HOH 70  182 182 HOH HOH A . 
F 3 HOH 71  183 183 HOH HOH A . 
F 3 HOH 72  184 184 HOH HOH A . 
F 3 HOH 73  185 185 HOH HOH A . 
F 3 HOH 74  186 186 HOH HOH A . 
F 3 HOH 75  187 187 HOH HOH A . 
F 3 HOH 76  188 188 HOH HOH A . 
F 3 HOH 77  189 189 HOH HOH A . 
F 3 HOH 78  190 190 HOH HOH A . 
F 3 HOH 79  191 191 HOH HOH A . 
F 3 HOH 80  192 192 HOH HOH A . 
F 3 HOH 81  193 193 HOH HOH A . 
F 3 HOH 82  194 194 HOH HOH A . 
F 3 HOH 83  195 195 HOH HOH A . 
F 3 HOH 84  196 196 HOH HOH A . 
F 3 HOH 85  197 197 HOH HOH A . 
F 3 HOH 86  198 198 HOH HOH A . 
F 3 HOH 87  199 199 HOH HOH A . 
F 3 HOH 88  200 200 HOH HOH A . 
F 3 HOH 89  201 201 HOH HOH A . 
F 3 HOH 90  202 202 HOH HOH A . 
F 3 HOH 91  203 203 HOH HOH A . 
F 3 HOH 92  204 204 HOH HOH A . 
F 3 HOH 93  205 205 HOH HOH A . 
F 3 HOH 94  206 206 HOH HOH A . 
F 3 HOH 95  207 207 HOH HOH A . 
F 3 HOH 96  208 208 HOH HOH A . 
F 3 HOH 97  209 209 HOH HOH A . 
F 3 HOH 98  210 210 HOH HOH A . 
F 3 HOH 99  211 211 HOH HOH A . 
F 3 HOH 100 212 212 HOH HOH A . 
F 3 HOH 101 213 213 HOH HOH A . 
F 3 HOH 102 214 214 HOH HOH A . 
F 3 HOH 103 215 215 HOH HOH A . 
# 
_software.name             PROLSQ 
_software.classification   refinement 
_software.version          . 
_software.citation_id      ? 
_software.pdbx_ordinal     1 
# 
_cell.entry_id           1RRO 
_cell.length_a           39.700 
_cell.length_b           65.120 
_cell.length_c           32.940 
_cell.angle_alpha        90.00 
_cell.angle_beta         90.00 
_cell.angle_gamma        90.00 
_cell.Z_PDB              4 
_cell.pdbx_unique_axis   ? 
# 
_symmetry.entry_id                         1RRO 
_symmetry.space_group_name_H-M             'P 21 21 21' 
_symmetry.pdbx_full_space_group_name_H-M   ? 
_symmetry.cell_setting                     ? 
_symmetry.Int_Tables_number                19 
# 
_exptl.entry_id          1RRO 
_exptl.method            'X-RAY DIFFRACTION' 
_exptl.crystals_number   ? 
# 
_exptl_crystal.id                    1 
_exptl_crystal.density_meas          ? 
_exptl_crystal.density_Matthews      1.76 
_exptl_crystal.density_percent_sol   30.28 
_exptl_crystal.description           ? 
# 
_diffrn.id                     1 
_diffrn.ambient_temp           ? 
_diffrn.ambient_temp_details   ? 
_diffrn.crystal_id             1 
# 
_diffrn_radiation.diffrn_id                        1 
_diffrn_radiation.wavelength_id                    1 
_diffrn_radiation.pdbx_monochromatic_or_laue_m_l   ? 
_diffrn_radiation.monochromator                    ? 
_diffrn_radiation.pdbx_diffrn_protocol             ? 
_diffrn_radiation.pdbx_scattering_type             x-ray 
# 
_diffrn_radiation_wavelength.id           1 
_diffrn_radiation_wavelength.wavelength   . 
_diffrn_radiation_wavelength.wt           1.0 
# 
_refine.entry_id                                 1RRO 
_refine.ls_number_reflns_obs                     20186 
_refine.ls_number_reflns_all                     ? 
_refine.pdbx_ls_sigma_I                          ? 
_refine.pdbx_ls_sigma_F                          ? 
_refine.pdbx_data_cutoff_high_absF               ? 
_refine.pdbx_data_cutoff_low_absF                ? 
_refine.pdbx_data_cutoff_high_rms_absF           ? 
_refine.ls_d_res_low                             10.0 
_refine.ls_d_res_high                            1.3 
_refine.ls_percent_reflns_obs                    ? 
_refine.ls_R_factor_obs                          0.1760000 
_refine.ls_R_factor_all                          ? 
_refine.ls_R_factor_R_work                       ? 
_refine.ls_R_factor_R_free                       ? 
_refine.ls_R_factor_R_free_error                 ? 
_refine.ls_R_factor_R_free_error_details         ? 
_refine.ls_percent_reflns_R_free                 ? 
_refine.ls_number_reflns_R_free                  ? 
_refine.ls_number_parameters                     ? 
_refine.ls_number_restraints                     ? 
_refine.occupancy_min                            ? 
_refine.occupancy_max                            ? 
_refine.B_iso_mean                               ? 
_refine.aniso_B[1][1]                            ? 
_refine.aniso_B[2][2]                            ? 
_refine.aniso_B[3][3]                            ? 
_refine.aniso_B[1][2]                            ? 
_refine.aniso_B[1][3]                            ? 
_refine.aniso_B[2][3]                            ? 
_refine.solvent_model_details                    ? 
_refine.solvent_model_param_ksol                 ? 
_refine.solvent_model_param_bsol                 ? 
_refine.pdbx_ls_cross_valid_method               ? 
_refine.details                                  
;RESIDUES SER 7, GLU 25, MET 38, SER 41, GLN 42, ARG 48, ASP 59, SER 84, ASP 100 AND GLN 103 ARE DISORDERED.
RESIDUE LYS 64 IS POORLY DEFINED.
;
_refine.pdbx_starting_model                      ? 
_refine.pdbx_method_to_determine_struct          ? 
_refine.pdbx_isotropic_thermal_model             ? 
_refine.pdbx_stereochemistry_target_values       ? 
_refine.pdbx_stereochem_target_val_spec_case     ? 
_refine.pdbx_R_Free_selection_details            ? 
_refine.pdbx_overall_ESU_R                       ? 
_refine.pdbx_overall_ESU_R_Free                  ? 
_refine.overall_SU_ML                            ? 
_refine.overall_SU_B                             ? 
_refine.pdbx_refine_id                           'X-RAY DIFFRACTION' 
_refine.pdbx_diffrn_id                           1 
_refine.pdbx_TLS_residual_ADP_flag               ? 
_refine.correlation_coeff_Fo_to_Fc               ? 
_refine.correlation_coeff_Fo_to_Fc_free          ? 
_refine.pdbx_solvent_vdw_probe_radii             ? 
_refine.pdbx_solvent_ion_probe_radii             ? 
_refine.pdbx_solvent_shrinkage_radii             ? 
_refine.pdbx_overall_phase_error                 ? 
_refine.overall_SU_R_Cruickshank_DPI             ? 
_refine.pdbx_overall_SU_R_free_Cruickshank_DPI   ? 
_refine.pdbx_overall_SU_R_Blow_DPI               ? 
_refine.pdbx_overall_SU_R_free_Blow_DPI          ? 
# 
_refine_hist.pdbx_refine_id                   'X-RAY DIFFRACTION' 
_refine_hist.cycle_id                         LAST 
_refine_hist.pdbx_number_atoms_protein        846 
_refine_hist.pdbx_number_atoms_nucleic_acid   0 
_refine_hist.pdbx_number_atoms_ligand         4 
_refine_hist.number_atoms_solvent             103 
_refine_hist.number_atoms_total               953 
_refine_hist.d_res_high                       1.3 
_refine_hist.d_res_low                        10.0 
# 
loop_
_refine_ls_restr.type 
_refine_ls_restr.dev_ideal 
_refine_ls_restr.dev_ideal_target 
_refine_ls_restr.weight 
_refine_ls_restr.number 
_refine_ls_restr.pdbx_refine_id 
_refine_ls_restr.pdbx_restraint_function 
p_bond_d            0.024 ? ? ? 'X-RAY DIFFRACTION' ? 
p_angle_d           ?     ? ? ? 'X-RAY DIFFRACTION' ? 
p_angle_deg         ?     ? ? ? 'X-RAY DIFFRACTION' ? 
p_planar_d          ?     ? ? ? 'X-RAY DIFFRACTION' ? 
p_hb_or_metal_coord ?     ? ? ? 'X-RAY DIFFRACTION' ? 
p_mcbond_it         ?     ? ? ? 'X-RAY DIFFRACTION' ? 
p_mcangle_it        ?     ? ? ? 'X-RAY DIFFRACTION' ? 
p_scbond_it         ?     ? ? ? 'X-RAY DIFFRACTION' ? 
p_scangle_it        ?     ? ? ? 'X-RAY DIFFRACTION' ? 
p_plane_restr       ?     ? ? ? 'X-RAY DIFFRACTION' ? 
p_chiral_restr      ?     ? ? ? 'X-RAY DIFFRACTION' ? 
p_singtor_nbd       ?     ? ? ? 'X-RAY DIFFRACTION' ? 
p_multtor_nbd       ?     ? ? ? 'X-RAY DIFFRACTION' ? 
p_xhyhbond_nbd      ?     ? ? ? 'X-RAY DIFFRACTION' ? 
p_xyhbond_nbd       ?     ? ? ? 'X-RAY DIFFRACTION' ? 
p_planar_tor        ?     ? ? ? 'X-RAY DIFFRACTION' ? 
p_staggered_tor     ?     ? ? ? 'X-RAY DIFFRACTION' ? 
p_orthonormal_tor   ?     ? ? ? 'X-RAY DIFFRACTION' ? 
p_transverse_tor    ?     ? ? ? 'X-RAY DIFFRACTION' ? 
p_special_tor       ?     ? ? ? 'X-RAY DIFFRACTION' ? 
# 
_struct.entry_id                  1RRO 
_struct.title                     'REFINEMENT OF RECOMBINANT ONCOMODULIN AT 1.30 ANGSTROMS RESOLUTION' 
_struct.pdbx_model_details        ? 
_struct.pdbx_CASP_flag            ? 
_struct.pdbx_model_type_details   ? 
# 
_struct_keywords.entry_id        1RRO 
_struct_keywords.pdbx_keywords   'CALCIUM-BINDING PROTEIN' 
_struct_keywords.text            'CALCIUM-BINDING PROTEIN' 
# 
loop_
_struct_asym.id 
_struct_asym.pdbx_blank_PDB_chainid_flag 
_struct_asym.pdbx_modified 
_struct_asym.entity_id 
_struct_asym.details 
A N N 1 ? 
B N N 2 ? 
C N N 2 ? 
D N N 2 ? 
E N N 2 ? 
F N N 3 ? 
# 
_struct_ref.id                         1 
_struct_ref.db_name                    UNP 
_struct_ref.db_code                    ONCO_RAT 
_struct_ref.entity_id                  1 
_struct_ref.pdbx_db_accession          P02631 
_struct_ref.pdbx_align_begin           1 
_struct_ref.pdbx_seq_one_letter_code   
;SITDILSAEDIAAALQECQDPDTFEPQKFFQTSGLSKMSASQVKDIFRFIDNDQSGYLDGDELKYFLQKFQSDARELTES
ETKSLMDAADNDGDGKIGADEFQEMVHS
;
_struct_ref.pdbx_db_isoform            ? 
# 
_struct_ref_seq.align_id                      1 
_struct_ref_seq.ref_id                        1 
_struct_ref_seq.pdbx_PDB_id_code              1RRO 
_struct_ref_seq.pdbx_strand_id                A 
_struct_ref_seq.seq_align_beg                 1 
_struct_ref_seq.pdbx_seq_align_beg_ins_code   ? 
_struct_ref_seq.seq_align_end                 108 
_struct_ref_seq.pdbx_seq_align_end_ins_code   ? 
_struct_ref_seq.pdbx_db_accession             P02631 
_struct_ref_seq.db_align_beg                  1 
_struct_ref_seq.pdbx_db_align_beg_ins_code    ? 
_struct_ref_seq.db_align_end                  108 
_struct_ref_seq.pdbx_db_align_end_ins_code    ? 
_struct_ref_seq.pdbx_auth_seq_align_beg       1 
_struct_ref_seq.pdbx_auth_seq_align_end       108 
# 
_pdbx_struct_assembly.id                   1 
_pdbx_struct_assembly.details              author_defined_assembly 
_pdbx_struct_assembly.method_details       ? 
_pdbx_struct_assembly.oligomeric_details   monomeric 
_pdbx_struct_assembly.oligomeric_count     1 
# 
_pdbx_struct_assembly_gen.assembly_id       1 
_pdbx_struct_assembly_gen.oper_expression   1 
_pdbx_struct_assembly_gen.asym_id_list      A,B,C,D,E,F 
# 
_pdbx_struct_oper_list.id                   1 
_pdbx_struct_oper_list.type                 'identity operation' 
_pdbx_struct_oper_list.name                 1_555 
_pdbx_struct_oper_list.symmetry_operation   x,y,z 
_pdbx_struct_oper_list.matrix[1][1]         1.0000000000 
_pdbx_struct_oper_list.matrix[1][2]         0.0000000000 
_pdbx_struct_oper_list.matrix[1][3]         0.0000000000 
_pdbx_struct_oper_list.vector[1]            0.0000000000 
_pdbx_struct_oper_list.matrix[2][1]         0.0000000000 
_pdbx_struct_oper_list.matrix[2][2]         1.0000000000 
_pdbx_struct_oper_list.matrix[2][3]         0.0000000000 
_pdbx_struct_oper_list.vector[2]            0.0000000000 
_pdbx_struct_oper_list.matrix[3][1]         0.0000000000 
_pdbx_struct_oper_list.matrix[3][2]         0.0000000000 
_pdbx_struct_oper_list.matrix[3][3]         1.0000000000 
_pdbx_struct_oper_list.vector[3]            0.0000000000 
# 
_struct_biol.id   1 
# 
loop_
_struct_conf.conf_type_id 
_struct_conf.id 
_struct_conf.pdbx_PDB_helix_id 
_struct_conf.beg_label_comp_id 
_struct_conf.beg_label_asym_id 
_struct_conf.beg_label_seq_id 
_struct_conf.pdbx_beg_PDB_ins_code 
_struct_conf.end_label_comp_id 
_struct_conf.end_label_asym_id 
_struct_conf.end_label_seq_id 
_struct_conf.pdbx_end_PDB_ins_code 
_struct_conf.beg_auth_comp_id 
_struct_conf.beg_auth_asym_id 
_struct_conf.beg_auth_seq_id 
_struct_conf.end_auth_comp_id 
_struct_conf.end_auth_asym_id 
_struct_conf.end_auth_seq_id 
_struct_conf.pdbx_PDB_helix_class 
_struct_conf.details 
_struct_conf.pdbx_PDB_helix_length 
HELX_P HELX_P1 A ALA A 8  ? GLU A 17  ? ALA A 8  GLU A 17  1 ? 10 
HELX_P HELX_P2 B PRO A 26 ? SER A 33  ? PRO A 26 SER A 33  1 ? 8  
HELX_P HELX_P3 C ALA A 40 ? ILE A 50  ? ALA A 40 ILE A 50  1 ? 11 
HELX_P HELX_P4 D ASP A 61 ? PHE A 70  ? ASP A 61 PHE A 70  1 ? 10 
HELX_P HELX_P5 E GLU A 79 ? ALA A 88  ? GLU A 79 ALA A 88  1 ? 10 
HELX_P HELX_P6 F ALA A 99 ? VAL A 106 ? ALA A 99 VAL A 106 1 ? 8  
# 
_struct_conf_type.id          HELX_P 
_struct_conf_type.criteria    ? 
_struct_conf_type.reference   ? 
# 
loop_
_struct_conn.id 
_struct_conn.conn_type_id 
_struct_conn.pdbx_leaving_atom_flag 
_struct_conn.pdbx_PDB_id 
_struct_conn.ptnr1_label_asym_id 
_struct_conn.ptnr1_label_comp_id 
_struct_conn.ptnr1_label_seq_id 
_struct_conn.ptnr1_label_atom_id 
_struct_conn.pdbx_ptnr1_label_alt_id 
_struct_conn.pdbx_ptnr1_PDB_ins_code 
_struct_conn.pdbx_ptnr1_standard_comp_id 
_struct_conn.ptnr1_symmetry 
_struct_conn.ptnr2_label_asym_id 
_struct_conn.ptnr2_label_comp_id 
_struct_conn.ptnr2_label_seq_id 
_struct_conn.ptnr2_label_atom_id 
_struct_conn.pdbx_ptnr2_label_alt_id 
_struct_conn.pdbx_ptnr2_PDB_ins_code 
_struct_conn.ptnr1_auth_asym_id 
_struct_conn.ptnr1_auth_comp_id 
_struct_conn.ptnr1_auth_seq_id 
_struct_conn.ptnr2_auth_asym_id 
_struct_conn.ptnr2_auth_comp_id 
_struct_conn.ptnr2_auth_seq_id 
_struct_conn.ptnr2_symmetry 
_struct_conn.pdbx_ptnr3_label_atom_id 
_struct_conn.pdbx_ptnr3_label_seq_id 
_struct_conn.pdbx_ptnr3_label_comp_id 
_struct_conn.pdbx_ptnr3_label_asym_id 
_struct_conn.pdbx_ptnr3_label_alt_id 
_struct_conn.pdbx_ptnr3_PDB_ins_code 
_struct_conn.details 
_struct_conn.pdbx_dist_value 
_struct_conn.pdbx_value_order 
_struct_conn.pdbx_role 
metalc1  metalc ? ? A LYS 37  O   ? ? ? 1_555 D CA  . CA ? ? A LYS 37  A CA  124 1_555 ? ? ? ? ? ? ? 2.352 ? ? 
metalc2  metalc ? ? A ASP 51  OD1 ? ? ? 1_555 C CA  . CA ? ? A ASP 51  A CA  110 1_555 ? ? ? ? ? ? ? 2.333 ? ? 
metalc3  metalc ? ? A ASP 53  OD1 ? ? ? 1_555 C CA  . CA ? ? A ASP 53  A CA  110 1_555 ? ? ? ? ? ? ? 2.329 ? ? 
metalc4  metalc ? ? A GLN 54  OE1 ? ? ? 4_557 E CA  . CA ? ? A GLN 54  A CA  135 1_555 ? ? ? ? ? ? ? 2.339 ? ? 
metalc5  metalc ? ? A SER 55  OG  ? ? ? 1_555 C CA  . CA ? ? A SER 55  A CA  110 1_555 ? ? ? ? ? ? ? 2.561 ? ? 
metalc6  metalc ? ? A TYR 57  O   ? ? ? 1_555 C CA  . CA ? ? A TYR 57  A CA  110 1_555 ? ? ? ? ? ? ? 2.305 ? ? 
metalc7  metalc ? ? A GLU 62  OE1 ? ? ? 1_555 C CA  . CA ? ? A GLU 62  A CA  110 1_555 ? ? ? ? ? ? ? 2.481 ? ? 
metalc8  metalc ? ? A GLU 62  OE2 ? ? ? 1_555 C CA  . CA ? ? A GLU 62  A CA  110 1_555 ? ? ? ? ? ? ? 2.497 ? ? 
metalc9  metalc ? ? A GLN 71  OE1 ? ? ? 1_555 E CA  . CA ? ? A GLN 71  A CA  135 1_555 ? ? ? ? ? ? ? 2.356 ? ? 
metalc10 metalc ? ? A ASP 73  OD1 ? ? ? 1_555 E CA  . CA ? ? A ASP 73  A CA  135 1_555 ? ? ? ? ? ? ? 2.458 ? ? 
metalc11 metalc ? ? A ASP 73  OD2 ? ? ? 1_555 E CA  . CA ? ? A ASP 73  A CA  135 1_555 ? ? ? ? ? ? ? 2.453 ? ? 
metalc12 metalc ? ? A GLU 79  OE1 ? ? ? 4_556 E CA  . CA ? ? A GLU 79  A CA  135 1_555 ? ? ? ? ? ? ? 2.276 ? ? 
metalc13 metalc ? ? A ASP 90  OD1 ? ? ? 1_555 B CA  . CA ? ? A ASP 90  A CA  109 1_555 ? ? ? ? ? ? ? 2.311 ? ? 
metalc14 metalc ? ? A ASP 92  OD1 ? ? ? 1_555 B CA  . CA ? ? A ASP 92  A CA  109 1_555 ? ? ? ? ? ? ? 2.289 ? ? 
metalc15 metalc ? ? A ASP 94  OD1 ? ? ? 1_555 B CA  . CA ? ? A ASP 94  A CA  109 1_555 ? ? ? ? ? ? ? 2.393 ? ? 
metalc16 metalc ? ? A LYS 96  O   ? ? ? 1_555 B CA  . CA ? ? A LYS 96  A CA  109 1_555 ? ? ? ? ? ? ? 2.380 ? ? 
metalc17 metalc ? ? A GLU 101 OE2 ? ? ? 1_555 B CA  . CA ? ? A GLU 101 A CA  109 1_555 ? ? ? ? ? ? ? 2.543 ? ? 
metalc18 metalc ? ? A GLU 101 OE1 ? ? ? 1_555 B CA  . CA ? ? A GLU 101 A CA  109 1_555 ? ? ? ? ? ? ? 2.477 ? ? 
metalc19 metalc ? ? B CA  .   CA  ? ? ? 1_555 F HOH . O  ? ? A CA  109 A HOH 111 1_555 ? ? ? ? ? ? ? 2.433 ? ? 
metalc20 metalc ? ? C CA  .   CA  ? ? ? 1_555 F HOH . O  ? ? A CA  110 A HOH 112 1_555 ? ? ? ? ? ? ? 2.344 ? ? 
metalc21 metalc ? ? D CA  .   CA  ? ? ? 1_555 F HOH . O  ? ? A CA  124 A HOH 125 1_555 ? ? ? ? ? ? ? 2.378 ? ? 
metalc22 metalc ? ? D CA  .   CA  ? ? ? 1_555 F HOH . O  ? ? A CA  124 A HOH 163 2_555 ? ? ? ? ? ? ? 2.606 ? ? 
metalc23 metalc ? ? D CA  .   CA  ? ? ? 1_555 F HOH . O  ? ? A CA  124 A HOH 174 1_555 ? ? ? ? ? ? ? 2.199 ? ? 
metalc24 metalc ? ? D CA  .   CA  ? ? ? 1_555 F HOH . O  ? ? A CA  124 A HOH 180 2_555 ? ? ? ? ? ? ? 2.255 ? ? 
metalc25 metalc ? ? D CA  .   CA  ? ? ? 1_555 F HOH . O  ? ? A CA  124 A HOH 181 3_646 ? ? ? ? ? ? ? 2.421 ? ? 
metalc26 metalc ? ? D CA  .   CA  ? ? ? 1_555 F HOH . O  ? ? A CA  124 A HOH 200 3_646 ? ? ? ? ? ? ? 2.242 ? ? 
metalc27 metalc ? ? F HOH .   O   ? ? ? 1_555 E CA  . CA ? ? A HOH 127 A CA  135 1_555 ? ? ? ? ? ? ? 2.523 ? ? 
metalc28 metalc ? ? F HOH .   O   ? ? ? 1_555 E CA  . CA ? ? A HOH 129 A CA  135 1_555 ? ? ? ? ? ? ? 2.422 ? ? 
# 
_struct_conn_type.id          metalc 
_struct_conn_type.criteria    ? 
_struct_conn_type.reference   ? 
# 
loop_
_pdbx_struct_conn_angle.id 
_pdbx_struct_conn_angle.ptnr1_label_atom_id 
_pdbx_struct_conn_angle.ptnr1_label_alt_id 
_pdbx_struct_conn_angle.ptnr1_label_asym_id 
_pdbx_struct_conn_angle.ptnr1_label_comp_id 
_pdbx_struct_conn_angle.ptnr1_label_seq_id 
_pdbx_struct_conn_angle.ptnr1_auth_atom_id 
_pdbx_struct_conn_angle.ptnr1_auth_asym_id 
_pdbx_struct_conn_angle.ptnr1_auth_comp_id 
_pdbx_struct_conn_angle.ptnr1_auth_seq_id 
_pdbx_struct_conn_angle.ptnr1_PDB_ins_code 
_pdbx_struct_conn_angle.ptnr1_symmetry 
_pdbx_struct_conn_angle.ptnr2_label_atom_id 
_pdbx_struct_conn_angle.ptnr2_label_alt_id 
_pdbx_struct_conn_angle.ptnr2_label_asym_id 
_pdbx_struct_conn_angle.ptnr2_label_comp_id 
_pdbx_struct_conn_angle.ptnr2_label_seq_id 
_pdbx_struct_conn_angle.ptnr2_auth_atom_id 
_pdbx_struct_conn_angle.ptnr2_auth_asym_id 
_pdbx_struct_conn_angle.ptnr2_auth_comp_id 
_pdbx_struct_conn_angle.ptnr2_auth_seq_id 
_pdbx_struct_conn_angle.ptnr2_PDB_ins_code 
_pdbx_struct_conn_angle.ptnr2_symmetry 
_pdbx_struct_conn_angle.ptnr3_label_atom_id 
_pdbx_struct_conn_angle.ptnr3_label_alt_id 
_pdbx_struct_conn_angle.ptnr3_label_asym_id 
_pdbx_struct_conn_angle.ptnr3_label_comp_id 
_pdbx_struct_conn_angle.ptnr3_label_seq_id 
_pdbx_struct_conn_angle.ptnr3_auth_atom_id 
_pdbx_struct_conn_angle.ptnr3_auth_asym_id 
_pdbx_struct_conn_angle.ptnr3_auth_comp_id 
_pdbx_struct_conn_angle.ptnr3_auth_seq_id 
_pdbx_struct_conn_angle.ptnr3_PDB_ins_code 
_pdbx_struct_conn_angle.ptnr3_symmetry 
_pdbx_struct_conn_angle.value 
_pdbx_struct_conn_angle.value_esd 
1  O   ? A LYS 37  ? A LYS 37  ? 1_555 CA ? D CA . ? A CA 124 ? 1_555 O   ? F HOH .   ? A HOH 125 ? 1_555 80.9  ? 
2  O   ? A LYS 37  ? A LYS 37  ? 1_555 CA ? D CA . ? A CA 124 ? 1_555 O   ? F HOH .   ? A HOH 163 ? 2_555 75.0  ? 
3  O   ? F HOH .   ? A HOH 125 ? 1_555 CA ? D CA . ? A CA 124 ? 1_555 O   ? F HOH .   ? A HOH 163 ? 2_555 127.0 ? 
4  O   ? A LYS 37  ? A LYS 37  ? 1_555 CA ? D CA . ? A CA 124 ? 1_555 O   ? F HOH .   ? A HOH 174 ? 1_555 88.1  ? 
5  O   ? F HOH .   ? A HOH 125 ? 1_555 CA ? D CA . ? A CA 124 ? 1_555 O   ? F HOH .   ? A HOH 174 ? 1_555 89.0  ? 
6  O   ? F HOH .   ? A HOH 163 ? 2_555 CA ? D CA . ? A CA 124 ? 1_555 O   ? F HOH .   ? A HOH 174 ? 1_555 135.5 ? 
7  O   ? A LYS 37  ? A LYS 37  ? 1_555 CA ? D CA . ? A CA 124 ? 1_555 O   ? F HOH .   ? A HOH 180 ? 2_555 110.2 ? 
8  O   ? F HOH .   ? A HOH 125 ? 1_555 CA ? D CA . ? A CA 124 ? 1_555 O   ? F HOH .   ? A HOH 180 ? 2_555 77.2  ? 
9  O   ? F HOH .   ? A HOH 163 ? 2_555 CA ? D CA . ? A CA 124 ? 1_555 O   ? F HOH .   ? A HOH 180 ? 2_555 68.4  ? 
10 O   ? F HOH .   ? A HOH 174 ? 1_555 CA ? D CA . ? A CA 124 ? 1_555 O   ? F HOH .   ? A HOH 180 ? 2_555 154.6 ? 
11 O   ? A LYS 37  ? A LYS 37  ? 1_555 CA ? D CA . ? A CA 124 ? 1_555 O   ? F HOH .   ? A HOH 181 ? 3_646 107.1 ? 
12 O   ? F HOH .   ? A HOH 125 ? 1_555 CA ? D CA . ? A CA 124 ? 1_555 O   ? F HOH .   ? A HOH 181 ? 3_646 170.2 ? 
13 O   ? F HOH .   ? A HOH 163 ? 2_555 CA ? D CA . ? A CA 124 ? 1_555 O   ? F HOH .   ? A HOH 181 ? 3_646 61.7  ? 
14 O   ? F HOH .   ? A HOH 174 ? 1_555 CA ? D CA . ? A CA 124 ? 1_555 O   ? F HOH .   ? A HOH 181 ? 3_646 85.7  ? 
15 O   ? F HOH .   ? A HOH 180 ? 2_555 CA ? D CA . ? A CA 124 ? 1_555 O   ? F HOH .   ? A HOH 181 ? 3_646 104.6 ? 
16 O   ? A LYS 37  ? A LYS 37  ? 1_555 CA ? D CA . ? A CA 124 ? 1_555 O   ? F HOH .   ? A HOH 200 ? 3_646 158.6 ? 
17 O   ? F HOH .   ? A HOH 125 ? 1_555 CA ? D CA . ? A CA 124 ? 1_555 O   ? F HOH .   ? A HOH 200 ? 3_646 105.4 ? 
18 O   ? F HOH .   ? A HOH 163 ? 2_555 CA ? D CA . ? A CA 124 ? 1_555 O   ? F HOH .   ? A HOH 200 ? 3_646 114.2 ? 
19 O   ? F HOH .   ? A HOH 174 ? 1_555 CA ? D CA . ? A CA 124 ? 1_555 O   ? F HOH .   ? A HOH 200 ? 3_646 71.8  ? 
20 O   ? F HOH .   ? A HOH 180 ? 2_555 CA ? D CA . ? A CA 124 ? 1_555 O   ? F HOH .   ? A HOH 200 ? 3_646 91.2  ? 
21 O   ? F HOH .   ? A HOH 181 ? 3_646 CA ? D CA . ? A CA 124 ? 1_555 O   ? F HOH .   ? A HOH 200 ? 3_646 65.2  ? 
22 OD1 ? A ASP 51  ? A ASP 51  ? 1_555 CA ? C CA . ? A CA 110 ? 1_555 OD1 ? A ASP 53  ? A ASP 53  ? 1_555 88.0  ? 
23 OD1 ? A ASP 51  ? A ASP 51  ? 1_555 CA ? C CA . ? A CA 110 ? 1_555 OG  ? A SER 55  ? A SER 55  ? 1_555 90.5  ? 
24 OD1 ? A ASP 53  ? A ASP 53  ? 1_555 CA ? C CA . ? A CA 110 ? 1_555 OG  ? A SER 55  ? A SER 55  ? 1_555 76.8  ? 
25 OD1 ? A ASP 51  ? A ASP 51  ? 1_555 CA ? C CA . ? A CA 110 ? 1_555 O   ? A TYR 57  ? A TYR 57  ? 1_555 84.4  ? 
26 OD1 ? A ASP 53  ? A ASP 53  ? 1_555 CA ? C CA . ? A CA 110 ? 1_555 O   ? A TYR 57  ? A TYR 57  ? 1_555 149.5 ? 
27 OG  ? A SER 55  ? A SER 55  ? 1_555 CA ? C CA . ? A CA 110 ? 1_555 O   ? A TYR 57  ? A TYR 57  ? 1_555 73.8  ? 
28 OD1 ? A ASP 51  ? A ASP 51  ? 1_555 CA ? C CA . ? A CA 110 ? 1_555 OE1 ? A GLU 62  ? A GLU 62  ? 1_555 99.6  ? 
29 OD1 ? A ASP 53  ? A ASP 53  ? 1_555 CA ? C CA . ? A CA 110 ? 1_555 OE1 ? A GLU 62  ? A GLU 62  ? 1_555 127.2 ? 
30 OG  ? A SER 55  ? A SER 55  ? 1_555 CA ? C CA . ? A CA 110 ? 1_555 OE1 ? A GLU 62  ? A GLU 62  ? 1_555 153.9 ? 
31 O   ? A TYR 57  ? A TYR 57  ? 1_555 CA ? C CA . ? A CA 110 ? 1_555 OE1 ? A GLU 62  ? A GLU 62  ? 1_555 83.3  ? 
32 OD1 ? A ASP 51  ? A ASP 51  ? 1_555 CA ? C CA . ? A CA 110 ? 1_555 OE2 ? A GLU 62  ? A GLU 62  ? 1_555 95.3  ? 
33 OD1 ? A ASP 53  ? A ASP 53  ? 1_555 CA ? C CA . ? A CA 110 ? 1_555 OE2 ? A GLU 62  ? A GLU 62  ? 1_555 74.3  ? 
34 OG  ? A SER 55  ? A SER 55  ? 1_555 CA ? C CA . ? A CA 110 ? 1_555 OE2 ? A GLU 62  ? A GLU 62  ? 1_555 150.3 ? 
35 O   ? A TYR 57  ? A TYR 57  ? 1_555 CA ? C CA . ? A CA 110 ? 1_555 OE2 ? A GLU 62  ? A GLU 62  ? 1_555 135.7 ? 
36 OE1 ? A GLU 62  ? A GLU 62  ? 1_555 CA ? C CA . ? A CA 110 ? 1_555 OE2 ? A GLU 62  ? A GLU 62  ? 1_555 53.0  ? 
37 OD1 ? A ASP 51  ? A ASP 51  ? 1_555 CA ? C CA . ? A CA 110 ? 1_555 O   ? F HOH .   ? A HOH 112 ? 1_555 172.8 ? 
38 OD1 ? A ASP 53  ? A ASP 53  ? 1_555 CA ? C CA . ? A CA 110 ? 1_555 O   ? F HOH .   ? A HOH 112 ? 1_555 94.8  ? 
39 OG  ? A SER 55  ? A SER 55  ? 1_555 CA ? C CA . ? A CA 110 ? 1_555 O   ? F HOH .   ? A HOH 112 ? 1_555 83.7  ? 
40 O   ? A TYR 57  ? A TYR 57  ? 1_555 CA ? C CA . ? A CA 110 ? 1_555 O   ? F HOH .   ? A HOH 112 ? 1_555 89.9  ? 
41 OE1 ? A GLU 62  ? A GLU 62  ? 1_555 CA ? C CA . ? A CA 110 ? 1_555 O   ? F HOH .   ? A HOH 112 ? 1_555 84.0  ? 
42 OE2 ? A GLU 62  ? A GLU 62  ? 1_555 CA ? C CA . ? A CA 110 ? 1_555 O   ? F HOH .   ? A HOH 112 ? 1_555 91.9  ? 
43 OE1 ? A GLN 54  ? A GLN 54  ? 4_557 CA ? E CA . ? A CA 135 ? 1_555 OE1 ? A GLN 71  ? A GLN 71  ? 1_555 88.0  ? 
44 OE1 ? A GLN 54  ? A GLN 54  ? 4_557 CA ? E CA . ? A CA 135 ? 1_555 OD1 ? A ASP 73  ? A ASP 73  ? 1_555 88.2  ? 
45 OE1 ? A GLN 71  ? A GLN 71  ? 1_555 CA ? E CA . ? A CA 135 ? 1_555 OD1 ? A ASP 73  ? A ASP 73  ? 1_555 84.6  ? 
46 OE1 ? A GLN 54  ? A GLN 54  ? 4_557 CA ? E CA . ? A CA 135 ? 1_555 OD2 ? A ASP 73  ? A ASP 73  ? 1_555 84.6  ? 
47 OE1 ? A GLN 71  ? A GLN 71  ? 1_555 CA ? E CA . ? A CA 135 ? 1_555 OD2 ? A ASP 73  ? A ASP 73  ? 1_555 135.5 ? 
48 OD1 ? A ASP 73  ? A ASP 73  ? 1_555 CA ? E CA . ? A CA 135 ? 1_555 OD2 ? A ASP 73  ? A ASP 73  ? 1_555 51.5  ? 
49 OE1 ? A GLN 54  ? A GLN 54  ? 4_557 CA ? E CA . ? A CA 135 ? 1_555 OE1 ? A GLU 79  ? A GLU 79  ? 4_556 178.7 ? 
50 OE1 ? A GLN 71  ? A GLN 71  ? 1_555 CA ? E CA . ? A CA 135 ? 1_555 OE1 ? A GLU 79  ? A GLU 79  ? 4_556 92.0  ? 
51 OD1 ? A ASP 73  ? A ASP 73  ? 1_555 CA ? E CA . ? A CA 135 ? 1_555 OE1 ? A GLU 79  ? A GLU 79  ? 4_556 93.1  ? 
52 OD2 ? A ASP 73  ? A ASP 73  ? 1_555 CA ? E CA . ? A CA 135 ? 1_555 OE1 ? A GLU 79  ? A GLU 79  ? 4_556 96.3  ? 
53 OE1 ? A GLN 54  ? A GLN 54  ? 4_557 CA ? E CA . ? A CA 135 ? 1_555 O   ? F HOH .   ? A HOH 127 ? 1_555 91.8  ? 
54 OE1 ? A GLN 71  ? A GLN 71  ? 1_555 CA ? E CA . ? A CA 135 ? 1_555 O   ? F HOH .   ? A HOH 127 ? 1_555 152.0 ? 
55 OD1 ? A ASP 73  ? A ASP 73  ? 1_555 CA ? E CA . ? A CA 135 ? 1_555 O   ? F HOH .   ? A HOH 127 ? 1_555 123.4 ? 
56 OD2 ? A ASP 73  ? A ASP 73  ? 1_555 CA ? E CA . ? A CA 135 ? 1_555 O   ? F HOH .   ? A HOH 127 ? 1_555 72.2  ? 
57 OE1 ? A GLU 79  ? A GLU 79  ? 4_556 CA ? E CA . ? A CA 135 ? 1_555 O   ? F HOH .   ? A HOH 127 ? 1_555 87.7  ? 
58 OE1 ? A GLN 54  ? A GLN 54  ? 4_557 CA ? E CA . ? A CA 135 ? 1_555 O   ? F HOH .   ? A HOH 129 ? 1_555 86.8  ? 
59 OE1 ? A GLN 71  ? A GLN 71  ? 1_555 CA ? E CA . ? A CA 135 ? 1_555 O   ? F HOH .   ? A HOH 129 ? 1_555 78.2  ? 
60 OD1 ? A ASP 73  ? A ASP 73  ? 1_555 CA ? E CA . ? A CA 135 ? 1_555 O   ? F HOH .   ? A HOH 129 ? 1_555 162.2 ? 
61 OD2 ? A ASP 73  ? A ASP 73  ? 1_555 CA ? E CA . ? A CA 135 ? 1_555 O   ? F HOH .   ? A HOH 129 ? 1_555 144.7 ? 
62 OE1 ? A GLU 79  ? A GLU 79  ? 4_556 CA ? E CA . ? A CA 135 ? 1_555 O   ? F HOH .   ? A HOH 129 ? 1_555 91.9  ? 
63 O   ? F HOH .   ? A HOH 127 ? 1_555 CA ? E CA . ? A CA 135 ? 1_555 O   ? F HOH .   ? A HOH 129 ? 1_555 73.9  ? 
64 OD1 ? A ASP 90  ? A ASP 90  ? 1_555 CA ? B CA . ? A CA 109 ? 1_555 OD1 ? A ASP 92  ? A ASP 92  ? 1_555 84.5  ? 
65 OD1 ? A ASP 90  ? A ASP 90  ? 1_555 CA ? B CA . ? A CA 109 ? 1_555 OD1 ? A ASP 94  ? A ASP 94  ? 1_555 88.1  ? 
66 OD1 ? A ASP 92  ? A ASP 92  ? 1_555 CA ? B CA . ? A CA 109 ? 1_555 OD1 ? A ASP 94  ? A ASP 94  ? 1_555 80.4  ? 
67 OD1 ? A ASP 90  ? A ASP 90  ? 1_555 CA ? B CA . ? A CA 109 ? 1_555 O   ? A LYS 96  ? A LYS 96  ? 1_555 91.6  ? 
68 OD1 ? A ASP 92  ? A ASP 92  ? 1_555 CA ? B CA . ? A CA 109 ? 1_555 O   ? A LYS 96  ? A LYS 96  ? 1_555 160.9 ? 
69 OD1 ? A ASP 94  ? A ASP 94  ? 1_555 CA ? B CA . ? A CA 109 ? 1_555 O   ? A LYS 96  ? A LYS 96  ? 1_555 80.8  ? 
70 OD1 ? A ASP 90  ? A ASP 90  ? 1_555 CA ? B CA . ? A CA 109 ? 1_555 OE2 ? A GLU 101 ? A GLU 101 ? 1_555 81.6  ? 
71 OD1 ? A ASP 92  ? A ASP 92  ? 1_555 CA ? B CA . ? A CA 109 ? 1_555 OE2 ? A GLU 101 ? A GLU 101 ? 1_555 76.2  ? 
72 OD1 ? A ASP 94  ? A ASP 94  ? 1_555 CA ? B CA . ? A CA 109 ? 1_555 OE2 ? A GLU 101 ? A GLU 101 ? 1_555 155.3 ? 
73 O   ? A LYS 96  ? A LYS 96  ? 1_555 CA ? B CA . ? A CA 109 ? 1_555 OE2 ? A GLU 101 ? A GLU 101 ? 1_555 121.7 ? 
74 OD1 ? A ASP 90  ? A ASP 90  ? 1_555 CA ? B CA . ? A CA 109 ? 1_555 OE1 ? A GLU 101 ? A GLU 101 ? 1_555 112.1 ? 
75 OD1 ? A ASP 92  ? A ASP 92  ? 1_555 CA ? B CA . ? A CA 109 ? 1_555 OE1 ? A GLU 101 ? A GLU 101 ? 1_555 119.1 ? 
76 OD1 ? A ASP 94  ? A ASP 94  ? 1_555 CA ? B CA . ? A CA 109 ? 1_555 OE1 ? A GLU 101 ? A GLU 101 ? 1_555 152.1 ? 
77 O   ? A LYS 96  ? A LYS 96  ? 1_555 CA ? B CA . ? A CA 109 ? 1_555 OE1 ? A GLU 101 ? A GLU 101 ? 1_555 79.7  ? 
78 OE2 ? A GLU 101 ? A GLU 101 ? 1_555 CA ? B CA . ? A CA 109 ? 1_555 OE1 ? A GLU 101 ? A GLU 101 ? 1_555 51.5  ? 
79 OD1 ? A ASP 90  ? A ASP 90  ? 1_555 CA ? B CA . ? A CA 109 ? 1_555 O   ? F HOH .   ? A HOH 111 ? 1_555 168.7 ? 
80 OD1 ? A ASP 92  ? A ASP 92  ? 1_555 CA ? B CA . ? A CA 109 ? 1_555 O   ? F HOH .   ? A HOH 111 ? 1_555 94.4  ? 
81 OD1 ? A ASP 94  ? A ASP 94  ? 1_555 CA ? B CA . ? A CA 109 ? 1_555 O   ? F HOH .   ? A HOH 111 ? 1_555 80.7  ? 
82 O   ? A LYS 96  ? A LYS 96  ? 1_555 CA ? B CA . ? A CA 109 ? 1_555 O   ? F HOH .   ? A HOH 111 ? 1_555 85.8  ? 
83 OE2 ? A GLU 101 ? A GLU 101 ? 1_555 CA ? B CA . ? A CA 109 ? 1_555 O   ? F HOH .   ? A HOH 111 ? 1_555 109.1 ? 
84 OE1 ? A GLU 101 ? A GLU 101 ? 1_555 CA ? B CA . ? A CA 109 ? 1_555 O   ? F HOH .   ? A HOH 111 ? 1_555 78.3  ? 
# 
_struct_sheet.id               A 
_struct_sheet.type             ? 
_struct_sheet.number_strands   2 
_struct_sheet.details          ? 
# 
_struct_sheet_order.sheet_id     A 
_struct_sheet_order.range_id_1   1 
_struct_sheet_order.range_id_2   2 
_struct_sheet_order.offset       ? 
_struct_sheet_order.sense        anti-parallel 
# 
loop_
_struct_sheet_range.sheet_id 
_struct_sheet_range.id 
_struct_sheet_range.beg_label_comp_id 
_struct_sheet_range.beg_label_asym_id 
_struct_sheet_range.beg_label_seq_id 
_struct_sheet_range.pdbx_beg_PDB_ins_code 
_struct_sheet_range.end_label_comp_id 
_struct_sheet_range.end_label_asym_id 
_struct_sheet_range.end_label_seq_id 
_struct_sheet_range.pdbx_end_PDB_ins_code 
_struct_sheet_range.beg_auth_comp_id 
_struct_sheet_range.beg_auth_asym_id 
_struct_sheet_range.beg_auth_seq_id 
_struct_sheet_range.end_auth_comp_id 
_struct_sheet_range.end_auth_asym_id 
_struct_sheet_range.end_auth_seq_id 
A 1 TYR A 57 ? LEU A 58 ? TYR A 57 LEU A 58 
A 2 ILE A 97 ? GLY A 98 ? ILE A 97 GLY A 98 
# 
_pdbx_struct_sheet_hbond.sheet_id                A 
_pdbx_struct_sheet_hbond.range_id_1              1 
_pdbx_struct_sheet_hbond.range_id_2              2 
_pdbx_struct_sheet_hbond.range_1_label_atom_id   N 
_pdbx_struct_sheet_hbond.range_1_label_comp_id   LEU 
_pdbx_struct_sheet_hbond.range_1_label_asym_id   A 
_pdbx_struct_sheet_hbond.range_1_label_seq_id    58 
_pdbx_struct_sheet_hbond.range_1_PDB_ins_code    ? 
_pdbx_struct_sheet_hbond.range_1_auth_atom_id    N 
_pdbx_struct_sheet_hbond.range_1_auth_comp_id    LEU 
_pdbx_struct_sheet_hbond.range_1_auth_asym_id    A 
_pdbx_struct_sheet_hbond.range_1_auth_seq_id     58 
_pdbx_struct_sheet_hbond.range_2_label_atom_id   O 
_pdbx_struct_sheet_hbond.range_2_label_comp_id   ILE 
_pdbx_struct_sheet_hbond.range_2_label_asym_id   A 
_pdbx_struct_sheet_hbond.range_2_label_seq_id    97 
_pdbx_struct_sheet_hbond.range_2_PDB_ins_code    ? 
_pdbx_struct_sheet_hbond.range_2_auth_atom_id    O 
_pdbx_struct_sheet_hbond.range_2_auth_comp_id    ILE 
_pdbx_struct_sheet_hbond.range_2_auth_asym_id    A 
_pdbx_struct_sheet_hbond.range_2_auth_seq_id     97 
# 
loop_
_struct_site.id 
_struct_site.pdbx_evidence_code 
_struct_site.pdbx_auth_asym_id 
_struct_site.pdbx_auth_comp_id 
_struct_site.pdbx_auth_seq_id 
_struct_site.pdbx_auth_ins_code 
_struct_site.pdbx_num_residues 
_struct_site.details 
AC1 Software A CA 109 ? 6 'BINDING SITE FOR RESIDUE CA A 109' 
AC2 Software A CA 110 ? 6 'BINDING SITE FOR RESIDUE CA A 110' 
AC3 Software A CA 124 ? 7 'BINDING SITE FOR RESIDUE CA A 124' 
AC4 Software A CA 135 ? 6 'BINDING SITE FOR RESIDUE CA A 135' 
# 
loop_
_struct_site_gen.id 
_struct_site_gen.site_id 
_struct_site_gen.pdbx_num_res 
_struct_site_gen.label_comp_id 
_struct_site_gen.label_asym_id 
_struct_site_gen.label_seq_id 
_struct_site_gen.pdbx_auth_ins_code 
_struct_site_gen.auth_comp_id 
_struct_site_gen.auth_asym_id 
_struct_site_gen.auth_seq_id 
_struct_site_gen.label_atom_id 
_struct_site_gen.label_alt_id 
_struct_site_gen.symmetry 
_struct_site_gen.details 
1  AC1 6 ASP A 90  ? ASP A 90  . ? 1_555 ? 
2  AC1 6 ASP A 92  ? ASP A 92  . ? 1_555 ? 
3  AC1 6 ASP A 94  ? ASP A 94  . ? 1_555 ? 
4  AC1 6 LYS A 96  ? LYS A 96  . ? 1_555 ? 
5  AC1 6 GLU A 101 ? GLU A 101 . ? 1_555 ? 
6  AC1 6 HOH F .   ? HOH A 111 . ? 1_555 ? 
7  AC2 6 ASP A 51  ? ASP A 51  . ? 1_555 ? 
8  AC2 6 ASP A 53  ? ASP A 53  . ? 1_555 ? 
9  AC2 6 SER A 55  ? SER A 55  . ? 1_555 ? 
10 AC2 6 TYR A 57  ? TYR A 57  . ? 1_555 ? 
11 AC2 6 GLU A 62  ? GLU A 62  . ? 1_555 ? 
12 AC2 6 HOH F .   ? HOH A 112 . ? 1_555 ? 
13 AC3 7 LYS A 37  ? LYS A 37  . ? 1_555 ? 
14 AC3 7 HOH F .   ? HOH A 125 . ? 1_555 ? 
15 AC3 7 HOH F .   ? HOH A 163 . ? 2_555 ? 
16 AC3 7 HOH F .   ? HOH A 174 . ? 1_555 ? 
17 AC3 7 HOH F .   ? HOH A 180 . ? 2_555 ? 
18 AC3 7 HOH F .   ? HOH A 181 . ? 3_646 ? 
19 AC3 7 HOH F .   ? HOH A 200 . ? 3_646 ? 
20 AC4 6 GLN A 54  ? GLN A 54  . ? 4_557 ? 
21 AC4 6 GLN A 71  ? GLN A 71  . ? 1_555 ? 
22 AC4 6 ASP A 73  ? ASP A 73  . ? 1_555 ? 
23 AC4 6 GLU A 79  ? GLU A 79  . ? 4_556 ? 
24 AC4 6 HOH F .   ? HOH A 127 . ? 1_555 ? 
25 AC4 6 HOH F .   ? HOH A 129 . ? 1_555 ? 
# 
loop_
_pdbx_validate_rmsd_bond.id 
_pdbx_validate_rmsd_bond.PDB_model_num 
_pdbx_validate_rmsd_bond.auth_atom_id_1 
_pdbx_validate_rmsd_bond.auth_asym_id_1 
_pdbx_validate_rmsd_bond.auth_comp_id_1 
_pdbx_validate_rmsd_bond.auth_seq_id_1 
_pdbx_validate_rmsd_bond.PDB_ins_code_1 
_pdbx_validate_rmsd_bond.label_alt_id_1 
_pdbx_validate_rmsd_bond.auth_atom_id_2 
_pdbx_validate_rmsd_bond.auth_asym_id_2 
_pdbx_validate_rmsd_bond.auth_comp_id_2 
_pdbx_validate_rmsd_bond.auth_seq_id_2 
_pdbx_validate_rmsd_bond.PDB_ins_code_2 
_pdbx_validate_rmsd_bond.label_alt_id_2 
_pdbx_validate_rmsd_bond.bond_value 
_pdbx_validate_rmsd_bond.bond_target_value 
_pdbx_validate_rmsd_bond.bond_deviation 
_pdbx_validate_rmsd_bond.bond_standard_deviation 
_pdbx_validate_rmsd_bond.linker_flag 
1 1 CD A GLU 9  ? ? OE2 A GLU 9  ? ? 1.321 1.252 0.069  0.011 N 
2 1 CD A GLU 17 ? ? OE1 A GLU 17 ? ? 1.184 1.252 -0.068 0.011 N 
3 1 CD A GLU 79 ? ? OE1 A GLU 79 ? ? 1.172 1.252 -0.080 0.011 N 
# 
loop_
_pdbx_validate_rmsd_angle.id 
_pdbx_validate_rmsd_angle.PDB_model_num 
_pdbx_validate_rmsd_angle.auth_atom_id_1 
_pdbx_validate_rmsd_angle.auth_asym_id_1 
_pdbx_validate_rmsd_angle.auth_comp_id_1 
_pdbx_validate_rmsd_angle.auth_seq_id_1 
_pdbx_validate_rmsd_angle.PDB_ins_code_1 
_pdbx_validate_rmsd_angle.label_alt_id_1 
_pdbx_validate_rmsd_angle.auth_atom_id_2 
_pdbx_validate_rmsd_angle.auth_asym_id_2 
_pdbx_validate_rmsd_angle.auth_comp_id_2 
_pdbx_validate_rmsd_angle.auth_seq_id_2 
_pdbx_validate_rmsd_angle.PDB_ins_code_2 
_pdbx_validate_rmsd_angle.label_alt_id_2 
_pdbx_validate_rmsd_angle.auth_atom_id_3 
_pdbx_validate_rmsd_angle.auth_asym_id_3 
_pdbx_validate_rmsd_angle.auth_comp_id_3 
_pdbx_validate_rmsd_angle.auth_seq_id_3 
_pdbx_validate_rmsd_angle.PDB_ins_code_3 
_pdbx_validate_rmsd_angle.label_alt_id_3 
_pdbx_validate_rmsd_angle.angle_value 
_pdbx_validate_rmsd_angle.angle_target_value 
_pdbx_validate_rmsd_angle.angle_deviation 
_pdbx_validate_rmsd_angle.angle_standard_deviation 
_pdbx_validate_rmsd_angle.linker_flag 
1 1 OE1 A GLU 9   ? ? CD A GLU 9   ? ? OE2 A GLU 9   ? ? 115.37 123.30 -7.93  1.20 N 
2 1 CB  A ASP 10  ? ? CG A ASP 10  ? ? OD2 A ASP 10  ? ? 110.69 118.30 -7.61  0.90 N 
3 1 CD  A ARG 48  ? ? NE A ARG 48  ? ? CZ  A ARG 48  ? ? 111.08 123.60 -12.52 1.40 N 
4 1 NE  A ARG 48  ? ? CZ A ARG 48  ? ? NH2 A ARG 48  ? ? 115.92 120.30 -4.38  0.50 N 
5 1 OE1 A GLU 76  ? ? CD A GLU 76  ? ? OE2 A GLU 76  ? ? 134.19 123.30 10.89  1.20 N 
6 1 CG  A GLU 76  ? ? CD A GLU 76  ? ? OE2 A GLU 76  ? ? 104.14 118.30 -14.16 2.00 N 
7 1 CB  A ASP 100 ? ? CG A ASP 100 ? ? OD1 A ASP 100 ? ? 135.20 118.30 16.90  0.90 N 
8 1 CB  A ASP 100 ? ? CG A ASP 100 ? ? OD2 A ASP 100 ? ? 108.89 118.30 -9.41  0.90 N 
9 1 CA  A SER 108 ? ? CB A SER 108 ? ? OG  A SER 108 ? ? 94.15  111.20 -17.05 2.70 N 
# 
_pdbx_validate_planes.id              1 
_pdbx_validate_planes.PDB_model_num   1 
_pdbx_validate_planes.auth_comp_id    ARG 
_pdbx_validate_planes.auth_asym_id    A 
_pdbx_validate_planes.auth_seq_id     48 
_pdbx_validate_planes.PDB_ins_code    ? 
_pdbx_validate_planes.label_alt_id    ? 
_pdbx_validate_planes.rmsd            0.165 
_pdbx_validate_planes.type            'SIDE CHAIN' 
# 
loop_
_chem_comp_atom.comp_id 
_chem_comp_atom.atom_id 
_chem_comp_atom.type_symbol 
_chem_comp_atom.pdbx_aromatic_flag 
_chem_comp_atom.pdbx_stereo_config 
_chem_comp_atom.pdbx_ordinal 
ALA N    N  N N 1   
ALA CA   C  N S 2   
ALA C    C  N N 3   
ALA O    O  N N 4   
ALA CB   C  N N 5   
ALA OXT  O  N N 6   
ALA H    H  N N 7   
ALA H2   H  N N 8   
ALA HA   H  N N 9   
ALA HB1  H  N N 10  
ALA HB2  H  N N 11  
ALA HB3  H  N N 12  
ALA HXT  H  N N 13  
ARG N    N  N N 14  
ARG CA   C  N S 15  
ARG C    C  N N 16  
ARG O    O  N N 17  
ARG CB   C  N N 18  
ARG CG   C  N N 19  
ARG CD   C  N N 20  
ARG NE   N  N N 21  
ARG CZ   C  N N 22  
ARG NH1  N  N N 23  
ARG NH2  N  N N 24  
ARG OXT  O  N N 25  
ARG H    H  N N 26  
ARG H2   H  N N 27  
ARG HA   H  N N 28  
ARG HB2  H  N N 29  
ARG HB3  H  N N 30  
ARG HG2  H  N N 31  
ARG HG3  H  N N 32  
ARG HD2  H  N N 33  
ARG HD3  H  N N 34  
ARG HE   H  N N 35  
ARG HH11 H  N N 36  
ARG HH12 H  N N 37  
ARG HH21 H  N N 38  
ARG HH22 H  N N 39  
ARG HXT  H  N N 40  
ASN N    N  N N 41  
ASN CA   C  N S 42  
ASN C    C  N N 43  
ASN O    O  N N 44  
ASN CB   C  N N 45  
ASN CG   C  N N 46  
ASN OD1  O  N N 47  
ASN ND2  N  N N 48  
ASN OXT  O  N N 49  
ASN H    H  N N 50  
ASN H2   H  N N 51  
ASN HA   H  N N 52  
ASN HB2  H  N N 53  
ASN HB3  H  N N 54  
ASN HD21 H  N N 55  
ASN HD22 H  N N 56  
ASN HXT  H  N N 57  
ASP N    N  N N 58  
ASP CA   C  N S 59  
ASP C    C  N N 60  
ASP O    O  N N 61  
ASP CB   C  N N 62  
ASP CG   C  N N 63  
ASP OD1  O  N N 64  
ASP OD2  O  N N 65  
ASP OXT  O  N N 66  
ASP H    H  N N 67  
ASP H2   H  N N 68  
ASP HA   H  N N 69  
ASP HB2  H  N N 70  
ASP HB3  H  N N 71  
ASP HD2  H  N N 72  
ASP HXT  H  N N 73  
CA  CA   CA N N 74  
CYS N    N  N N 75  
CYS CA   C  N R 76  
CYS C    C  N N 77  
CYS O    O  N N 78  
CYS CB   C  N N 79  
CYS SG   S  N N 80  
CYS OXT  O  N N 81  
CYS H    H  N N 82  
CYS H2   H  N N 83  
CYS HA   H  N N 84  
CYS HB2  H  N N 85  
CYS HB3  H  N N 86  
CYS HG   H  N N 87  
CYS HXT  H  N N 88  
GLN N    N  N N 89  
GLN CA   C  N S 90  
GLN C    C  N N 91  
GLN O    O  N N 92  
GLN CB   C  N N 93  
GLN CG   C  N N 94  
GLN CD   C  N N 95  
GLN OE1  O  N N 96  
GLN NE2  N  N N 97  
GLN OXT  O  N N 98  
GLN H    H  N N 99  
GLN H2   H  N N 100 
GLN HA   H  N N 101 
GLN HB2  H  N N 102 
GLN HB3  H  N N 103 
GLN HG2  H  N N 104 
GLN HG3  H  N N 105 
GLN HE21 H  N N 106 
GLN HE22 H  N N 107 
GLN HXT  H  N N 108 
GLU N    N  N N 109 
GLU CA   C  N S 110 
GLU C    C  N N 111 
GLU O    O  N N 112 
GLU CB   C  N N 113 
GLU CG   C  N N 114 
GLU CD   C  N N 115 
GLU OE1  O  N N 116 
GLU OE2  O  N N 117 
GLU OXT  O  N N 118 
GLU H    H  N N 119 
GLU H2   H  N N 120 
GLU HA   H  N N 121 
GLU HB2  H  N N 122 
GLU HB3  H  N N 123 
GLU HG2  H  N N 124 
GLU HG3  H  N N 125 
GLU HE2  H  N N 126 
GLU HXT  H  N N 127 
GLY N    N  N N 128 
GLY CA   C  N N 129 
GLY C    C  N N 130 
GLY O    O  N N 131 
GLY OXT  O  N N 132 
GLY H    H  N N 133 
GLY H2   H  N N 134 
GLY HA2  H  N N 135 
GLY HA3  H  N N 136 
GLY HXT  H  N N 137 
HIS N    N  N N 138 
HIS CA   C  N S 139 
HIS C    C  N N 140 
HIS O    O  N N 141 
HIS CB   C  N N 142 
HIS CG   C  Y N 143 
HIS ND1  N  Y N 144 
HIS CD2  C  Y N 145 
HIS CE1  C  Y N 146 
HIS NE2  N  Y N 147 
HIS OXT  O  N N 148 
HIS H    H  N N 149 
HIS H2   H  N N 150 
HIS HA   H  N N 151 
HIS HB2  H  N N 152 
HIS HB3  H  N N 153 
HIS HD1  H  N N 154 
HIS HD2  H  N N 155 
HIS HE1  H  N N 156 
HIS HE2  H  N N 157 
HIS HXT  H  N N 158 
HOH O    O  N N 159 
HOH H1   H  N N 160 
HOH H2   H  N N 161 
ILE N    N  N N 162 
ILE CA   C  N S 163 
ILE C    C  N N 164 
ILE O    O  N N 165 
ILE CB   C  N S 166 
ILE CG1  C  N N 167 
ILE CG2  C  N N 168 
ILE CD1  C  N N 169 
ILE OXT  O  N N 170 
ILE H    H  N N 171 
ILE H2   H  N N 172 
ILE HA   H  N N 173 
ILE HB   H  N N 174 
ILE HG12 H  N N 175 
ILE HG13 H  N N 176 
ILE HG21 H  N N 177 
ILE HG22 H  N N 178 
ILE HG23 H  N N 179 
ILE HD11 H  N N 180 
ILE HD12 H  N N 181 
ILE HD13 H  N N 182 
ILE HXT  H  N N 183 
LEU N    N  N N 184 
LEU CA   C  N S 185 
LEU C    C  N N 186 
LEU O    O  N N 187 
LEU CB   C  N N 188 
LEU CG   C  N N 189 
LEU CD1  C  N N 190 
LEU CD2  C  N N 191 
LEU OXT  O  N N 192 
LEU H    H  N N 193 
LEU H2   H  N N 194 
LEU HA   H  N N 195 
LEU HB2  H  N N 196 
LEU HB3  H  N N 197 
LEU HG   H  N N 198 
LEU HD11 H  N N 199 
LEU HD12 H  N N 200 
LEU HD13 H  N N 201 
LEU HD21 H  N N 202 
LEU HD22 H  N N 203 
LEU HD23 H  N N 204 
LEU HXT  H  N N 205 
LYS N    N  N N 206 
LYS CA   C  N S 207 
LYS C    C  N N 208 
LYS O    O  N N 209 
LYS CB   C  N N 210 
LYS CG   C  N N 211 
LYS CD   C  N N 212 
LYS CE   C  N N 213 
LYS NZ   N  N N 214 
LYS OXT  O  N N 215 
LYS H    H  N N 216 
LYS H2   H  N N 217 
LYS HA   H  N N 218 
LYS HB2  H  N N 219 
LYS HB3  H  N N 220 
LYS HG2  H  N N 221 
LYS HG3  H  N N 222 
LYS HD2  H  N N 223 
LYS HD3  H  N N 224 
LYS HE2  H  N N 225 
LYS HE3  H  N N 226 
LYS HZ1  H  N N 227 
LYS HZ2  H  N N 228 
LYS HZ3  H  N N 229 
LYS HXT  H  N N 230 
MET N    N  N N 231 
MET CA   C  N S 232 
MET C    C  N N 233 
MET O    O  N N 234 
MET CB   C  N N 235 
MET CG   C  N N 236 
MET SD   S  N N 237 
MET CE   C  N N 238 
MET OXT  O  N N 239 
MET H    H  N N 240 
MET H2   H  N N 241 
MET HA   H  N N 242 
MET HB2  H  N N 243 
MET HB3  H  N N 244 
MET HG2  H  N N 245 
MET HG3  H  N N 246 
MET HE1  H  N N 247 
MET HE2  H  N N 248 
MET HE3  H  N N 249 
MET HXT  H  N N 250 
PHE N    N  N N 251 
PHE CA   C  N S 252 
PHE C    C  N N 253 
PHE O    O  N N 254 
PHE CB   C  N N 255 
PHE CG   C  Y N 256 
PHE CD1  C  Y N 257 
PHE CD2  C  Y N 258 
PHE CE1  C  Y N 259 
PHE CE2  C  Y N 260 
PHE CZ   C  Y N 261 
PHE OXT  O  N N 262 
PHE H    H  N N 263 
PHE H2   H  N N 264 
PHE HA   H  N N 265 
PHE HB2  H  N N 266 
PHE HB3  H  N N 267 
PHE HD1  H  N N 268 
PHE HD2  H  N N 269 
PHE HE1  H  N N 270 
PHE HE2  H  N N 271 
PHE HZ   H  N N 272 
PHE HXT  H  N N 273 
PRO N    N  N N 274 
PRO CA   C  N S 275 
PRO C    C  N N 276 
PRO O    O  N N 277 
PRO CB   C  N N 278 
PRO CG   C  N N 279 
PRO CD   C  N N 280 
PRO OXT  O  N N 281 
PRO H    H  N N 282 
PRO HA   H  N N 283 
PRO HB2  H  N N 284 
PRO HB3  H  N N 285 
PRO HG2  H  N N 286 
PRO HG3  H  N N 287 
PRO HD2  H  N N 288 
PRO HD3  H  N N 289 
PRO HXT  H  N N 290 
SER N    N  N N 291 
SER CA   C  N S 292 
SER C    C  N N 293 
SER O    O  N N 294 
SER CB   C  N N 295 
SER OG   O  N N 296 
SER OXT  O  N N 297 
SER H    H  N N 298 
SER H2   H  N N 299 
SER HA   H  N N 300 
SER HB2  H  N N 301 
SER HB3  H  N N 302 
SER HG   H  N N 303 
SER HXT  H  N N 304 
THR N    N  N N 305 
THR CA   C  N S 306 
THR C    C  N N 307 
THR O    O  N N 308 
THR CB   C  N R 309 
THR OG1  O  N N 310 
THR CG2  C  N N 311 
THR OXT  O  N N 312 
THR H    H  N N 313 
THR H2   H  N N 314 
THR HA   H  N N 315 
THR HB   H  N N 316 
THR HG1  H  N N 317 
THR HG21 H  N N 318 
THR HG22 H  N N 319 
THR HG23 H  N N 320 
THR HXT  H  N N 321 
TYR N    N  N N 322 
TYR CA   C  N S 323 
TYR C    C  N N 324 
TYR O    O  N N 325 
TYR CB   C  N N 326 
TYR CG   C  Y N 327 
TYR CD1  C  Y N 328 
TYR CD2  C  Y N 329 
TYR CE1  C  Y N 330 
TYR CE2  C  Y N 331 
TYR CZ   C  Y N 332 
TYR OH   O  N N 333 
TYR OXT  O  N N 334 
TYR H    H  N N 335 
TYR H2   H  N N 336 
TYR HA   H  N N 337 
TYR HB2  H  N N 338 
TYR HB3  H  N N 339 
TYR HD1  H  N N 340 
TYR HD2  H  N N 341 
TYR HE1  H  N N 342 
TYR HE2  H  N N 343 
TYR HH   H  N N 344 
TYR HXT  H  N N 345 
VAL N    N  N N 346 
VAL CA   C  N S 347 
VAL C    C  N N 348 
VAL O    O  N N 349 
VAL CB   C  N N 350 
VAL CG1  C  N N 351 
VAL CG2  C  N N 352 
VAL OXT  O  N N 353 
VAL H    H  N N 354 
VAL H2   H  N N 355 
VAL HA   H  N N 356 
VAL HB   H  N N 357 
VAL HG11 H  N N 358 
VAL HG12 H  N N 359 
VAL HG13 H  N N 360 
VAL HG21 H  N N 361 
VAL HG22 H  N N 362 
VAL HG23 H  N N 363 
VAL HXT  H  N N 364 
# 
loop_
_chem_comp_bond.comp_id 
_chem_comp_bond.atom_id_1 
_chem_comp_bond.atom_id_2 
_chem_comp_bond.value_order 
_chem_comp_bond.pdbx_aromatic_flag 
_chem_comp_bond.pdbx_stereo_config 
_chem_comp_bond.pdbx_ordinal 
ALA N   CA   sing N N 1   
ALA N   H    sing N N 2   
ALA N   H2   sing N N 3   
ALA CA  C    sing N N 4   
ALA CA  CB   sing N N 5   
ALA CA  HA   sing N N 6   
ALA C   O    doub N N 7   
ALA C   OXT  sing N N 8   
ALA CB  HB1  sing N N 9   
ALA CB  HB2  sing N N 10  
ALA CB  HB3  sing N N 11  
ALA OXT HXT  sing N N 12  
ARG N   CA   sing N N 13  
ARG N   H    sing N N 14  
ARG N   H2   sing N N 15  
ARG CA  C    sing N N 16  
ARG CA  CB   sing N N 17  
ARG CA  HA   sing N N 18  
ARG C   O    doub N N 19  
ARG C   OXT  sing N N 20  
ARG CB  CG   sing N N 21  
ARG CB  HB2  sing N N 22  
ARG CB  HB3  sing N N 23  
ARG CG  CD   sing N N 24  
ARG CG  HG2  sing N N 25  
ARG CG  HG3  sing N N 26  
ARG CD  NE   sing N N 27  
ARG CD  HD2  sing N N 28  
ARG CD  HD3  sing N N 29  
ARG NE  CZ   sing N N 30  
ARG NE  HE   sing N N 31  
ARG CZ  NH1  sing N N 32  
ARG CZ  NH2  doub N N 33  
ARG NH1 HH11 sing N N 34  
ARG NH1 HH12 sing N N 35  
ARG NH2 HH21 sing N N 36  
ARG NH2 HH22 sing N N 37  
ARG OXT HXT  sing N N 38  
ASN N   CA   sing N N 39  
ASN N   H    sing N N 40  
ASN N   H2   sing N N 41  
ASN CA  C    sing N N 42  
ASN CA  CB   sing N N 43  
ASN CA  HA   sing N N 44  
ASN C   O    doub N N 45  
ASN C   OXT  sing N N 46  
ASN CB  CG   sing N N 47  
ASN CB  HB2  sing N N 48  
ASN CB  HB3  sing N N 49  
ASN CG  OD1  doub N N 50  
ASN CG  ND2  sing N N 51  
ASN ND2 HD21 sing N N 52  
ASN ND2 HD22 sing N N 53  
ASN OXT HXT  sing N N 54  
ASP N   CA   sing N N 55  
ASP N   H    sing N N 56  
ASP N   H2   sing N N 57  
ASP CA  C    sing N N 58  
ASP CA  CB   sing N N 59  
ASP CA  HA   sing N N 60  
ASP C   O    doub N N 61  
ASP C   OXT  sing N N 62  
ASP CB  CG   sing N N 63  
ASP CB  HB2  sing N N 64  
ASP CB  HB3  sing N N 65  
ASP CG  OD1  doub N N 66  
ASP CG  OD2  sing N N 67  
ASP OD2 HD2  sing N N 68  
ASP OXT HXT  sing N N 69  
CYS N   CA   sing N N 70  
CYS N   H    sing N N 71  
CYS N   H2   sing N N 72  
CYS CA  C    sing N N 73  
CYS CA  CB   sing N N 74  
CYS CA  HA   sing N N 75  
CYS C   O    doub N N 76  
CYS C   OXT  sing N N 77  
CYS CB  SG   sing N N 78  
CYS CB  HB2  sing N N 79  
CYS CB  HB3  sing N N 80  
CYS SG  HG   sing N N 81  
CYS OXT HXT  sing N N 82  
GLN N   CA   sing N N 83  
GLN N   H    sing N N 84  
GLN N   H2   sing N N 85  
GLN CA  C    sing N N 86  
GLN CA  CB   sing N N 87  
GLN CA  HA   sing N N 88  
GLN C   O    doub N N 89  
GLN C   OXT  sing N N 90  
GLN CB  CG   sing N N 91  
GLN CB  HB2  sing N N 92  
GLN CB  HB3  sing N N 93  
GLN CG  CD   sing N N 94  
GLN CG  HG2  sing N N 95  
GLN CG  HG3  sing N N 96  
GLN CD  OE1  doub N N 97  
GLN CD  NE2  sing N N 98  
GLN NE2 HE21 sing N N 99  
GLN NE2 HE22 sing N N 100 
GLN OXT HXT  sing N N 101 
GLU N   CA   sing N N 102 
GLU N   H    sing N N 103 
GLU N   H2   sing N N 104 
GLU CA  C    sing N N 105 
GLU CA  CB   sing N N 106 
GLU CA  HA   sing N N 107 
GLU C   O    doub N N 108 
GLU C   OXT  sing N N 109 
GLU CB  CG   sing N N 110 
GLU CB  HB2  sing N N 111 
GLU CB  HB3  sing N N 112 
GLU CG  CD   sing N N 113 
GLU CG  HG2  sing N N 114 
GLU CG  HG3  sing N N 115 
GLU CD  OE1  doub N N 116 
GLU CD  OE2  sing N N 117 
GLU OE2 HE2  sing N N 118 
GLU OXT HXT  sing N N 119 
GLY N   CA   sing N N 120 
GLY N   H    sing N N 121 
GLY N   H2   sing N N 122 
GLY CA  C    sing N N 123 
GLY CA  HA2  sing N N 124 
GLY CA  HA3  sing N N 125 
GLY C   O    doub N N 126 
GLY C   OXT  sing N N 127 
GLY OXT HXT  sing N N 128 
HIS N   CA   sing N N 129 
HIS N   H    sing N N 130 
HIS N   H2   sing N N 131 
HIS CA  C    sing N N 132 
HIS CA  CB   sing N N 133 
HIS CA  HA   sing N N 134 
HIS C   O    doub N N 135 
HIS C   OXT  sing N N 136 
HIS CB  CG   sing N N 137 
HIS CB  HB2  sing N N 138 
HIS CB  HB3  sing N N 139 
HIS CG  ND1  sing Y N 140 
HIS CG  CD2  doub Y N 141 
HIS ND1 CE1  doub Y N 142 
HIS ND1 HD1  sing N N 143 
HIS CD2 NE2  sing Y N 144 
HIS CD2 HD2  sing N N 145 
HIS CE1 NE2  sing Y N 146 
HIS CE1 HE1  sing N N 147 
HIS NE2 HE2  sing N N 148 
HIS OXT HXT  sing N N 149 
HOH O   H1   sing N N 150 
HOH O   H2   sing N N 151 
ILE N   CA   sing N N 152 
ILE N   H    sing N N 153 
ILE N   H2   sing N N 154 
ILE CA  C    sing N N 155 
ILE CA  CB   sing N N 156 
ILE CA  HA   sing N N 157 
ILE C   O    doub N N 158 
ILE C   OXT  sing N N 159 
ILE CB  CG1  sing N N 160 
ILE CB  CG2  sing N N 161 
ILE CB  HB   sing N N 162 
ILE CG1 CD1  sing N N 163 
ILE CG1 HG12 sing N N 164 
ILE CG1 HG13 sing N N 165 
ILE CG2 HG21 sing N N 166 
ILE CG2 HG22 sing N N 167 
ILE CG2 HG23 sing N N 168 
ILE CD1 HD11 sing N N 169 
ILE CD1 HD12 sing N N 170 
ILE CD1 HD13 sing N N 171 
ILE OXT HXT  sing N N 172 
LEU N   CA   sing N N 173 
LEU N   H    sing N N 174 
LEU N   H2   sing N N 175 
LEU CA  C    sing N N 176 
LEU CA  CB   sing N N 177 
LEU CA  HA   sing N N 178 
LEU C   O    doub N N 179 
LEU C   OXT  sing N N 180 
LEU CB  CG   sing N N 181 
LEU CB  HB2  sing N N 182 
LEU CB  HB3  sing N N 183 
LEU CG  CD1  sing N N 184 
LEU CG  CD2  sing N N 185 
LEU CG  HG   sing N N 186 
LEU CD1 HD11 sing N N 187 
LEU CD1 HD12 sing N N 188 
LEU CD1 HD13 sing N N 189 
LEU CD2 HD21 sing N N 190 
LEU CD2 HD22 sing N N 191 
LEU CD2 HD23 sing N N 192 
LEU OXT HXT  sing N N 193 
LYS N   CA   sing N N 194 
LYS N   H    sing N N 195 
LYS N   H2   sing N N 196 
LYS CA  C    sing N N 197 
LYS CA  CB   sing N N 198 
LYS CA  HA   sing N N 199 
LYS C   O    doub N N 200 
LYS C   OXT  sing N N 201 
LYS CB  CG   sing N N 202 
LYS CB  HB2  sing N N 203 
LYS CB  HB3  sing N N 204 
LYS CG  CD   sing N N 205 
LYS CG  HG2  sing N N 206 
LYS CG  HG3  sing N N 207 
LYS CD  CE   sing N N 208 
LYS CD  HD2  sing N N 209 
LYS CD  HD3  sing N N 210 
LYS CE  NZ   sing N N 211 
LYS CE  HE2  sing N N 212 
LYS CE  HE3  sing N N 213 
LYS NZ  HZ1  sing N N 214 
LYS NZ  HZ2  sing N N 215 
LYS NZ  HZ3  sing N N 216 
LYS OXT HXT  sing N N 217 
MET N   CA   sing N N 218 
MET N   H    sing N N 219 
MET N   H2   sing N N 220 
MET CA  C    sing N N 221 
MET CA  CB   sing N N 222 
MET CA  HA   sing N N 223 
MET C   O    doub N N 224 
MET C   OXT  sing N N 225 
MET CB  CG   sing N N 226 
MET CB  HB2  sing N N 227 
MET CB  HB3  sing N N 228 
MET CG  SD   sing N N 229 
MET CG  HG2  sing N N 230 
MET CG  HG3  sing N N 231 
MET SD  CE   sing N N 232 
MET CE  HE1  sing N N 233 
MET CE  HE2  sing N N 234 
MET CE  HE3  sing N N 235 
MET OXT HXT  sing N N 236 
PHE N   CA   sing N N 237 
PHE N   H    sing N N 238 
PHE N   H2   sing N N 239 
PHE CA  C    sing N N 240 
PHE CA  CB   sing N N 241 
PHE CA  HA   sing N N 242 
PHE C   O    doub N N 243 
PHE C   OXT  sing N N 244 
PHE CB  CG   sing N N 245 
PHE CB  HB2  sing N N 246 
PHE CB  HB3  sing N N 247 
PHE CG  CD1  doub Y N 248 
PHE CG  CD2  sing Y N 249 
PHE CD1 CE1  sing Y N 250 
PHE CD1 HD1  sing N N 251 
PHE CD2 CE2  doub Y N 252 
PHE CD2 HD2  sing N N 253 
PHE CE1 CZ   doub Y N 254 
PHE CE1 HE1  sing N N 255 
PHE CE2 CZ   sing Y N 256 
PHE CE2 HE2  sing N N 257 
PHE CZ  HZ   sing N N 258 
PHE OXT HXT  sing N N 259 
PRO N   CA   sing N N 260 
PRO N   CD   sing N N 261 
PRO N   H    sing N N 262 
PRO CA  C    sing N N 263 
PRO CA  CB   sing N N 264 
PRO CA  HA   sing N N 265 
PRO C   O    doub N N 266 
PRO C   OXT  sing N N 267 
PRO CB  CG   sing N N 268 
PRO CB  HB2  sing N N 269 
PRO CB  HB3  sing N N 270 
PRO CG  CD   sing N N 271 
PRO CG  HG2  sing N N 272 
PRO CG  HG3  sing N N 273 
PRO CD  HD2  sing N N 274 
PRO CD  HD3  sing N N 275 
PRO OXT HXT  sing N N 276 
SER N   CA   sing N N 277 
SER N   H    sing N N 278 
SER N   H2   sing N N 279 
SER CA  C    sing N N 280 
SER CA  CB   sing N N 281 
SER CA  HA   sing N N 282 
SER C   O    doub N N 283 
SER C   OXT  sing N N 284 
SER CB  OG   sing N N 285 
SER CB  HB2  sing N N 286 
SER CB  HB3  sing N N 287 
SER OG  HG   sing N N 288 
SER OXT HXT  sing N N 289 
THR N   CA   sing N N 290 
THR N   H    sing N N 291 
THR N   H2   sing N N 292 
THR CA  C    sing N N 293 
THR CA  CB   sing N N 294 
THR CA  HA   sing N N 295 
THR C   O    doub N N 296 
THR C   OXT  sing N N 297 
THR CB  OG1  sing N N 298 
THR CB  CG2  sing N N 299 
THR CB  HB   sing N N 300 
THR OG1 HG1  sing N N 301 
THR CG2 HG21 sing N N 302 
THR CG2 HG22 sing N N 303 
THR CG2 HG23 sing N N 304 
THR OXT HXT  sing N N 305 
TYR N   CA   sing N N 306 
TYR N   H    sing N N 307 
TYR N   H2   sing N N 308 
TYR CA  C    sing N N 309 
TYR CA  CB   sing N N 310 
TYR CA  HA   sing N N 311 
TYR C   O    doub N N 312 
TYR C   OXT  sing N N 313 
TYR CB  CG   sing N N 314 
TYR CB  HB2  sing N N 315 
TYR CB  HB3  sing N N 316 
TYR CG  CD1  doub Y N 317 
TYR CG  CD2  sing Y N 318 
TYR CD1 CE1  sing Y N 319 
TYR CD1 HD1  sing N N 320 
TYR CD2 CE2  doub Y N 321 
TYR CD2 HD2  sing N N 322 
TYR CE1 CZ   doub Y N 323 
TYR CE1 HE1  sing N N 324 
TYR CE2 CZ   sing Y N 325 
TYR CE2 HE2  sing N N 326 
TYR CZ  OH   sing N N 327 
TYR OH  HH   sing N N 328 
TYR OXT HXT  sing N N 329 
VAL N   CA   sing N N 330 
VAL N   H    sing N N 331 
VAL N   H2   sing N N 332 
VAL CA  C    sing N N 333 
VAL CA  CB   sing N N 334 
VAL CA  HA   sing N N 335 
VAL C   O    doub N N 336 
VAL C   OXT  sing N N 337 
VAL CB  CG1  sing N N 338 
VAL CB  CG2  sing N N 339 
VAL CB  HB   sing N N 340 
VAL CG1 HG11 sing N N 341 
VAL CG1 HG12 sing N N 342 
VAL CG1 HG13 sing N N 343 
VAL CG2 HG21 sing N N 344 
VAL CG2 HG22 sing N N 345 
VAL CG2 HG23 sing N N 346 
VAL OXT HXT  sing N N 347 
# 
_atom_sites.entry_id                    1RRO 
_atom_sites.fract_transf_matrix[1][1]   -0.01222128 
_atom_sites.fract_transf_matrix[1][2]   -0.01626848 
_atom_sites.fract_transf_matrix[1][3]   0.01484798 
_atom_sites.fract_transf_matrix[2][1]   0.00762192 
_atom_sites.fract_transf_matrix[2][2]   0.00539874 
_atom_sites.fract_transf_matrix[2][3]   0.01218879 
_atom_sites.fract_transf_matrix[3][1]   -0.02185430 
_atom_sites.fract_transf_matrix[3][2]   0.02057337 
_atom_sites.fract_transf_matrix[3][3]   0.00455347 
_atom_sites.fract_transf_vector[1]      0.432498 
_atom_sites.fract_transf_vector[2]      0.126636 
_atom_sites.fract_transf_vector[3]      0.759522 
# 
loop_
_atom_sites_footnote.id 
_atom_sites_footnote.text 
1 'RESIDUES SER 7, GLU 25, MET 38, SER 41, GLN 42, ARG 48, ASP 59, SER 84, ASP 100 AND GLN 103 ARE DISORDERED.' 
2 'RESIDUE LYS 64 IS POORLY DEFINED.'                                                                           
# 
loop_
_atom_type.symbol 
C  
CA 
N  
O  
S  
# 
loop_
_atom_site.group_PDB 
_atom_site.id 
_atom_site.type_symbol 
_atom_site.label_atom_id 
_atom_site.label_alt_id 
_atom_site.label_comp_id 
_atom_site.label_asym_id 
_atom_site.label_entity_id 
_atom_site.label_seq_id 
_atom_site.pdbx_PDB_ins_code 
_atom_site.Cartn_x 
_atom_site.Cartn_y 
_atom_site.Cartn_z 
_atom_site.occupancy 
_atom_site.B_iso_or_equiv 
_atom_site.pdbx_formal_charge 
_atom_site.auth_seq_id 
_atom_site.auth_comp_id 
_atom_site.auth_asym_id 
_atom_site.auth_atom_id 
_atom_site.pdbx_PDB_model_num 
ATOM   1   N  N   . SER A 1 1   ? -13.024 5.358   6.448   1.00 27.71 ? 1   SER A N   1 
ATOM   2   C  CA  . SER A 1 1   ? -11.881 4.460   6.857   1.00 27.68 ? 1   SER A CA  1 
ATOM   3   C  C   . SER A 1 1   ? -11.588 3.436   5.765   1.00 26.63 ? 1   SER A C   1 
ATOM   4   O  O   . SER A 1 1   ? -12.457 3.249   4.879   1.00 26.13 ? 1   SER A O   1 
ATOM   5   C  CB  . SER A 1 1   ? -12.227 3.769   8.165   1.00 28.23 ? 1   SER A CB  1 
ATOM   6   O  OG  . SER A 1 1   ? -13.316 2.865   8.023   1.00 32.69 ? 1   SER A OG  1 
ATOM   7   N  N   . ILE A 1 2   ? -10.455 2.766   5.852   1.00 23.96 ? 2   ILE A N   1 
ATOM   8   C  CA  . ILE A 1 2   ? -10.071 1.727   4.864   1.00 21.09 ? 2   ILE A CA  1 
ATOM   9   C  C   . ILE A 1 2   ? -11.153 0.676   4.826   1.00 21.76 ? 2   ILE A C   1 
ATOM   10  O  O   . ILE A 1 2   ? -11.481 0.076   3.813   1.00 20.08 ? 2   ILE A O   1 
ATOM   11  C  CB  . ILE A 1 2   ? -8.701  1.074   5.206   1.00 20.41 ? 2   ILE A CB  1 
ATOM   12  C  CG1 . ILE A 1 2   ? -7.613  2.209   5.075   1.00 19.75 ? 2   ILE A CG1 1 
ATOM   13  C  CG2 . ILE A 1 2   ? -8.336  -0.162  4.365   1.00 17.82 ? 2   ILE A CG2 1 
ATOM   14  C  CD1 . ILE A 1 2   ? -6.167  1.699   5.371   1.00 24.62 ? 2   ILE A CD1 1 
ATOM   15  N  N   . THR A 1 3   ? -11.699 0.459   6.027   1.00 23.45 ? 3   THR A N   1 
ATOM   16  C  CA  . THR A 1 3   ? -12.747 -0.488  6.325   1.00 22.94 ? 3   THR A CA  1 
ATOM   17  C  C   . THR A 1 3   ? -14.050 -0.143  5.588   1.00 22.98 ? 3   THR A C   1 
ATOM   18  O  O   . THR A 1 3   ? -14.807 -1.063  5.248   1.00 24.86 ? 3   THR A O   1 
ATOM   19  C  CB  . THR A 1 3   ? -12.919 -0.720  7.896   1.00 25.56 ? 3   THR A CB  1 
ATOM   20  O  OG1 . THR A 1 3   ? -12.939 0.574   8.625   1.00 27.30 ? 3   THR A OG1 1 
ATOM   21  C  CG2 . THR A 1 3   ? -11.848 -1.620  8.549   1.00 25.89 ? 3   THR A CG2 1 
ATOM   22  N  N   . ASP A 1 4   ? -14.277 1.126   5.348   1.00 22.03 ? 4   ASP A N   1 
ATOM   23  C  CA  . ASP A 1 4   ? -15.446 1.608   4.637   1.00 20.98 ? 4   ASP A CA  1 
ATOM   24  C  C   . ASP A 1 4   ? -15.280 1.367   3.126   1.00 18.83 ? 4   ASP A C   1 
ATOM   25  O  O   . ASP A 1 4   ? -16.292 1.592   2.417   1.00 20.06 ? 4   ASP A O   1 
ATOM   26  C  CB  . ASP A 1 4   ? -15.665 3.094   4.899   1.00 22.89 ? 4   ASP A CB  1 
ATOM   27  C  CG  . ASP A 1 4   ? -15.905 3.464   6.367   1.00 26.49 ? 4   ASP A CG  1 
ATOM   28  O  OD1 . ASP A 1 4   ? -16.878 3.032   6.967   1.00 29.74 ? 4   ASP A OD1 1 
ATOM   29  O  OD2 . ASP A 1 4   ? -15.125 4.283   6.880   1.00 26.72 ? 4   ASP A OD2 1 
ATOM   30  N  N   . ILE A 1 5   ? -14.073 1.035   2.694   1.00 14.29 ? 5   ILE A N   1 
ATOM   31  C  CA  . ILE A 1 5   ? -13.821 0.892   1.247   1.00 14.13 ? 5   ILE A CA  1 
ATOM   32  C  C   . ILE A 1 5   ? -13.560 -0.518  0.786   1.00 13.41 ? 5   ILE A C   1 
ATOM   33  O  O   . ILE A 1 5   ? -14.147 -0.953  -0.227  1.00 13.03 ? 5   ILE A O   1 
ATOM   34  C  CB  . ILE A 1 5   ? -12.645 1.843   0.853   1.00 14.35 ? 5   ILE A CB  1 
ATOM   35  C  CG1 . ILE A 1 5   ? -13.052 3.286   1.178   1.00 17.52 ? 5   ILE A CG1 1 
ATOM   36  C  CG2 . ILE A 1 5   ? -12.320 1.737   -0.672  1.00 16.11 ? 5   ILE A CG2 1 
ATOM   37  C  CD1 . ILE A 1 5   ? -11.874 4.289   1.202   1.00 18.55 ? 5   ILE A CD1 1 
ATOM   38  N  N   . LEU A 1 6   ? -12.613 -1.208  1.422   1.00 12.42 ? 6   LEU A N   1 
ATOM   39  C  CA  . LEU A 1 6   ? -12.281 -2.604  1.061   1.00 12.59 ? 6   LEU A CA  1 
ATOM   40  C  C   . LEU A 1 6   ? -13.043 -3.569  1.983   1.00 14.34 ? 6   LEU A C   1 
ATOM   41  O  O   . LEU A 1 6   ? -13.327 -3.140  3.122   1.00 16.14 ? 6   LEU A O   1 
ATOM   42  C  CB  . LEU A 1 6   ? -10.756 -2.863  1.171   1.00 12.34 ? 6   LEU A CB  1 
ATOM   43  C  CG  . LEU A 1 6   ? -9.874  -1.927  0.354   1.00 14.34 ? 6   LEU A CG  1 
ATOM   44  C  CD1 . LEU A 1 6   ? -8.422  -2.292  0.629   1.00 14.15 ? 6   LEU A CD1 1 
ATOM   45  C  CD2 . LEU A 1 6   ? -10.217 -2.047  -1.122  1.00 13.05 ? 6   LEU A CD2 1 
ATOM   46  N  N   . SER A 1 7   ? -13.250 -4.765  1.475   1.00 13.07 ? 7   SER A N   1 
ATOM   47  C  CA  . SER A 1 7   ? -13.951 -5.750  2.370   1.00 14.01 ? 7   SER A CA  1 
ATOM   48  C  C   . SER A 1 7   ? -12.901 -6.344  3.329   1.00 12.69 ? 7   SER A C   1 
ATOM   49  O  O   . SER A 1 7   ? -11.745 -6.589  2.877   1.00 12.28 ? 7   SER A O   1 
ATOM   50  C  CB  . SER A 1 7   ? -14.643 -6.819  1.602   1.00 17.34 ? 7   SER A CB  1 
ATOM   51  O  OG  . SER A 1 7   ? -13.732 -7.693  1.111   1.00 22.58 ? 7   SER A OG  1 
ATOM   52  N  N   . ALA A 1 8   ? -13.302 -6.576  4.578   1.00 11.81 ? 8   ALA A N   1 
ATOM   53  C  CA  . ALA A 1 8   ? -12.409 -7.174  5.547   1.00 10.82 ? 8   ALA A CA  1 
ATOM   54  C  C   . ALA A 1 8   ? -11.839 -8.519  5.084   1.00 10.52 ? 8   ALA A C   1 
ATOM   55  O  O   . ALA A 1 8   ? -10.686 -8.830  5.385   1.00 10.17 ? 8   ALA A O   1 
ATOM   56  C  CB  . ALA A 1 8   ? -13.155 -7.325  6.849   1.00 15.31 ? 8   ALA A CB  1 
ATOM   57  N  N   . GLU A 1 9   ? -12.669 -9.284  4.358   1.00 8.68  ? 9   GLU A N   1 
ATOM   58  C  CA  . GLU A 1 9   ? -12.224 -10.593 3.903   1.00 8.64  ? 9   GLU A CA  1 
ATOM   59  C  C   . GLU A 1 9   ? -11.097 -10.506 2.861   1.00 7.82  ? 9   GLU A C   1 
ATOM   60  O  O   . GLU A 1 9   ? -10.209 -11.338 2.833   1.00 8.82  ? 9   GLU A O   1 
ATOM   61  C  CB  . GLU A 1 9   ? -13.349 -11.452 3.271   1.00 9.78  ? 9   GLU A CB  1 
ATOM   62  C  CG  . GLU A 1 9   ? -14.508 -11.706 4.251   1.00 14.76 ? 9   GLU A CG  1 
ATOM   63  C  CD  . GLU A 1 9   ? -15.510 -10.647 4.475   1.00 15.19 ? 9   GLU A CD  1 
ATOM   64  O  OE1 . GLU A 1 9   ? -15.480 -9.498  4.133   1.00 15.49 ? 9   GLU A OE1 1 
ATOM   65  O  OE2 . GLU A 1 9   ? -16.606 -11.020 5.111   1.00 19.26 ? 9   GLU A OE2 1 
ATOM   66  N  N   . ASP A 1 10  ? -11.234 -9.473  2.019   1.00 8.00  ? 10  ASP A N   1 
ATOM   67  C  CA  . ASP A 1 10  ? -10.192 -9.305  0.955   1.00 9.82  ? 10  ASP A CA  1 
ATOM   68  C  C   . ASP A 1 10  ? -8.846  -8.818  1.599   1.00 8.81  ? 10  ASP A C   1 
ATOM   69  O  O   . ASP A 1 10  ? -7.804  -9.254  1.173   1.00 9.08  ? 10  ASP A O   1 
ATOM   70  C  CB  . ASP A 1 10  ? -10.603 -8.373  -0.163  1.00 11.27 ? 10  ASP A CB  1 
ATOM   71  C  CG  . ASP A 1 10  ? -11.757 -8.985  -0.974  1.00 13.47 ? 10  ASP A CG  1 
ATOM   72  O  OD1 . ASP A 1 10  ? -11.925 -10.151 -1.087  1.00 16.66 ? 10  ASP A OD1 1 
ATOM   73  O  OD2 . ASP A 1 10  ? -12.425 -8.080  -1.554  1.00 19.54 ? 10  ASP A OD2 1 
ATOM   74  N  N   . ILE A 1 11  ? -8.995  -7.958  2.593   1.00 9.03  ? 11  ILE A N   1 
ATOM   75  C  CA  . ILE A 1 11  ? -7.820  -7.491  3.352   1.00 8.68  ? 11  ILE A CA  1 
ATOM   76  C  C   . ILE A 1 11  ? -7.134  -8.693  4.033   1.00 9.46  ? 11  ILE A C   1 
ATOM   77  O  O   . ILE A 1 11  ? -5.930  -8.897  3.953   1.00 8.60  ? 11  ILE A O   1 
ATOM   78  C  CB  . ILE A 1 11  ? -8.190  -6.470  4.407   1.00 8.86  ? 11  ILE A CB  1 
ATOM   79  C  CG1 . ILE A 1 11  ? -8.639  -5.153  3.663   1.00 13.01 ? 11  ILE A CG1 1 
ATOM   80  C  CG2 . ILE A 1 11  ? -6.972  -6.141  5.325   1.00 11.86 ? 11  ILE A CG2 1 
ATOM   81  C  CD1 . ILE A 1 11  ? -9.259  -4.138  4.646   1.00 16.26 ? 11  ILE A CD1 1 
ATOM   82  N  N   . ALA A 1 12  ? -7.949  -9.539  4.711   1.00 8.30  ? 12  ALA A N   1 
ATOM   83  C  CA  . ALA A 1 12  ? -7.448  -10.750 5.364   1.00 9.46  ? 12  ALA A CA  1 
ATOM   84  C  C   . ALA A 1 12  ? -6.732  -11.681 4.376   1.00 8.40  ? 12  ALA A C   1 
ATOM   85  O  O   . ALA A 1 12  ? -5.642  -12.212 4.635   1.00 8.08  ? 12  ALA A O   1 
ATOM   86  C  CB  . ALA A 1 12  ? -8.567  -11.486 6.123   1.00 10.45 ? 12  ALA A CB  1 
ATOM   87  N  N   . ALA A 1 13  ? -7.319  -11.813 3.186   1.00 8.50  ? 13  ALA A N   1 
ATOM   88  C  CA  . ALA A 1 13  ? -6.727  -12.677 2.125   1.00 8.04  ? 13  ALA A CA  1 
ATOM   89  C  C   . ALA A 1 13  ? -5.367  -12.091 1.666   1.00 7.12  ? 13  ALA A C   1 
ATOM   90  O  O   . ALA A 1 13  ? -4.446  -12.878 1.467   1.00 9.28  ? 13  ALA A O   1 
ATOM   91  C  CB  . ALA A 1 13  ? -7.645  -12.900 0.950   1.00 10.35 ? 13  ALA A CB  1 
ATOM   92  N  N   . ALA A 1 14  ? -5.380  -10.790 1.533   1.00 7.10  ? 14  ALA A N   1 
ATOM   93  C  CA  . ALA A 1 14  ? -4.110  -10.113 1.042   1.00 6.77  ? 14  ALA A CA  1 
ATOM   94  C  C   . ALA A 1 14  ? -2.979  -10.286 2.015   1.00 7.52  ? 14  ALA A C   1 
ATOM   95  O  O   . ALA A 1 14  ? -1.805  -10.540 1.638   1.00 8.19  ? 14  ALA A O   1 
ATOM   96  C  CB  . ALA A 1 14  ? -4.374  -8.676  0.638   1.00 7.81  ? 14  ALA A CB  1 
ATOM   97  N  N   . LEU A 1 15  ? -3.283  -10.188 3.321   1.00 7.35  ? 15  LEU A N   1 
ATOM   98  C  CA  . LEU A 1 15  ? -2.265  -10.343 4.373   1.00 7.54  ? 15  LEU A CA  1 
ATOM   99  C  C   . LEU A 1 15  ? -1.786  -11.782 4.474   1.00 7.37  ? 15  LEU A C   1 
ATOM   100 O  O   . LEU A 1 15  ? -0.633  -12.084 4.686   1.00 9.71  ? 15  LEU A O   1 
ATOM   101 C  CB  . LEU A 1 15  ? -2.828  -9.872  5.741   1.00 7.40  ? 15  LEU A CB  1 
ATOM   102 C  CG  . LEU A 1 15  ? -3.120  -8.363  5.737   1.00 8.04  ? 15  LEU A CG  1 
ATOM   103 C  CD1 . LEU A 1 15  ? -3.878  -8.018  7.018   1.00 10.30 ? 15  LEU A CD1 1 
ATOM   104 C  CD2 . LEU A 1 15  ? -1.820  -7.538  5.677   1.00 9.82  ? 15  LEU A CD2 1 
ATOM   105 N  N   . GLN A 1 16  ? -2.780  -12.690 4.314   1.00 8.36  ? 16  GLN A N   1 
ATOM   106 C  CA  . GLN A 1 16  ? -2.459  -14.139 4.336   1.00 9.06  ? 16  GLN A CA  1 
ATOM   107 C  C   . GLN A 1 16  ? -1.441  -14.518 3.265   1.00 8.67  ? 16  GLN A C   1 
ATOM   108 O  O   . GLN A 1 16  ? -0.501  -15.282 3.430   1.00 10.11 ? 16  GLN A O   1 
ATOM   109 C  CB  . GLN A 1 16  ? -3.732  -14.992 4.149   1.00 10.52 ? 16  GLN A CB  1 
ATOM   110 C  CG  . GLN A 1 16  ? -3.390  -16.493 4.013   1.00 17.59 ? 16  GLN A CG  1 
ATOM   111 C  CD  . GLN A 1 16  ? -4.648  -17.336 3.990   1.00 23.42 ? 16  GLN A CD  1 
ATOM   112 O  OE1 . GLN A 1 16  ? -5.275  -17.568 5.054   1.00 29.70 ? 16  GLN A OE1 1 
ATOM   113 N  NE2 . GLN A 1 16  ? -5.134  -17.827 2.844   1.00 23.52 ? 16  GLN A NE2 1 
ATOM   114 N  N   . GLU A 1 17  ? -1.680  -13.946 2.052   1.00 8.84  ? 17  GLU A N   1 
ATOM   115 C  CA  . GLU A 1 17  ? -0.846  -14.190 0.880   1.00 9.49  ? 17  GLU A CA  1 
ATOM   116 C  C   . GLU A 1 17  ? 0.618   -13.809 1.096   1.00 9.12  ? 17  GLU A C   1 
ATOM   117 O  O   . GLU A 1 17  ? 1.505   -14.447 0.540   1.00 10.42 ? 17  GLU A O   1 
ATOM   118 C  CB  . GLU A 1 17  ? -1.440  -13.417 -0.316  1.00 9.96  ? 17  GLU A CB  1 
ATOM   119 C  CG  . GLU A 1 17  ? -0.758  -13.630 -1.644  1.00 10.86 ? 17  GLU A CG  1 
ATOM   120 C  CD  . GLU A 1 17  ? -1.531  -12.921 -2.763  1.00 13.39 ? 17  GLU A CD  1 
ATOM   121 O  OE1 . GLU A 1 17  ? -2.228  -11.986 -2.561  1.00 12.01 ? 17  GLU A OE1 1 
ATOM   122 O  OE2 . GLU A 1 17  ? -1.249  -13.401 -3.912  1.00 16.43 ? 17  GLU A OE2 1 
ATOM   123 N  N   . CYS A 1 18  ? 0.794   -12.729 1.874   1.00 8.17  ? 18  CYS A N   1 
ATOM   124 C  CA  . CYS A 1 18  ? 2.222   -12.246 2.110   1.00 8.46  ? 18  CYS A CA  1 
ATOM   125 C  C   . CYS A 1 18  ? 2.693   -12.466 3.538   1.00 9.40  ? 18  CYS A C   1 
ATOM   126 O  O   . CYS A 1 18  ? 3.531   -11.693 4.017   1.00 8.49  ? 18  CYS A O   1 
ATOM   127 C  CB  . CYS A 1 18  ? 2.336   -10.808 1.639   1.00 8.73  ? 18  CYS A CB  1 
ATOM   128 S  SG  . CYS A 1 18  ? 1.443   -9.580  2.505   1.00 10.22 ? 18  CYS A SG  1 
ATOM   129 N  N   . GLN A 1 19  ? 2.175   -13.486 4.222   1.00 8.51  ? 19  GLN A N   1 
ATOM   130 C  CA  . GLN A 1 19  ? 2.560   -13.737 5.629   1.00 9.99  ? 19  GLN A CA  1 
ATOM   131 C  C   . GLN A 1 19  ? 4.053   -13.914 5.797   1.00 7.57  ? 19  GLN A C   1 
ATOM   132 O  O   . GLN A 1 19  ? 4.586   -13.377 6.821   1.00 9.56  ? 19  GLN A O   1 
ATOM   133 C  CB  . GLN A 1 19  ? 1.894   -15.085 6.062   1.00 14.43 ? 19  GLN A CB  1 
ATOM   134 C  CG  . GLN A 1 19  ? 2.193   -15.374 7.510   1.00 24.55 ? 19  GLN A CG  1 
ATOM   135 C  CD  . GLN A 1 19  ? 1.854   -16.750 8.043   1.00 27.00 ? 19  GLN A CD  1 
ATOM   136 O  OE1 . GLN A 1 19  ? 2.216   -17.014 9.236   1.00 29.36 ? 19  GLN A OE1 1 
ATOM   137 N  NE2 . GLN A 1 19  ? 1.243   -17.597 7.210   1.00 25.72 ? 19  GLN A NE2 1 
ATOM   138 N  N   . ASP A 1 20  ? 4.718   -14.663 4.979   1.00 9.18  ? 20  ASP A N   1 
ATOM   139 C  CA  . ASP A 1 20  ? 6.151   -14.976 5.158   1.00 10.47 ? 20  ASP A CA  1 
ATOM   140 C  C   . ASP A 1 20  ? 6.938   -13.749 4.682   1.00 11.19 ? 20  ASP A C   1 
ATOM   141 O  O   . ASP A 1 20  ? 6.590   -13.099 3.661   1.00 9.63  ? 20  ASP A O   1 
ATOM   142 C  CB  . ASP A 1 20  ? 6.578   -16.220 4.385   1.00 13.04 ? 20  ASP A CB  1 
ATOM   143 C  CG  . ASP A 1 20  ? 5.856   -17.478 4.890   1.00 15.82 ? 20  ASP A CG  1 
ATOM   144 O  OD1 . ASP A 1 20  ? 5.353   -17.361 6.011   1.00 18.33 ? 20  ASP A OD1 1 
ATOM   145 O  OD2 . ASP A 1 20  ? 5.867   -18.488 4.171   1.00 20.33 ? 20  ASP A OD2 1 
ATOM   146 N  N   . PRO A 1 21  ? 8.060   -13.465 5.300   1.00 10.93 ? 21  PRO A N   1 
ATOM   147 C  CA  . PRO A 1 21  ? 8.921   -12.350 4.918   1.00 10.02 ? 21  PRO A CA  1 
ATOM   148 C  C   . PRO A 1 21  ? 9.415   -12.503 3.471   1.00 9.49  ? 21  PRO A C   1 
ATOM   149 O  O   . PRO A 1 21  ? 9.756   -13.599 3.055   1.00 9.55  ? 21  PRO A O   1 
ATOM   150 C  CB  . PRO A 1 21  ? 10.038  -12.392 5.968   1.00 12.22 ? 21  PRO A CB  1 
ATOM   151 C  CG  . PRO A 1 21  ? 10.063  -13.768 6.505   1.00 13.51 ? 21  PRO A CG  1 
ATOM   152 C  CD  . PRO A 1 21  ? 8.586   -14.196 6.498   1.00 12.06 ? 21  PRO A CD  1 
ATOM   153 N  N   . ASP A 1 22  ? 9.496   -11.360 2.785   1.00 8.63  ? 22  ASP A N   1 
ATOM   154 C  CA  . ASP A 1 22  ? 9.990   -11.296 1.406   1.00 9.23  ? 22  ASP A CA  1 
ATOM   155 C  C   . ASP A 1 22  ? 9.021   -11.964 0.420   1.00 11.75 ? 22  ASP A C   1 
ATOM   156 O  O   . ASP A 1 22  ? 9.528   -12.333 -0.664  1.00 14.37 ? 22  ASP A O   1 
ATOM   157 C  CB  . ASP A 1 22  ? 11.456  -11.720 1.289   1.00 9.10  ? 22  ASP A CB  1 
ATOM   158 C  CG  . ASP A 1 22  ? 12.377  -10.683 1.933   1.00 9.43  ? 22  ASP A CG  1 
ATOM   159 O  OD1 . ASP A 1 22  ? 12.086  -9.489  1.731   1.00 10.71 ? 22  ASP A OD1 1 
ATOM   160 O  OD2 . ASP A 1 22  ? 13.401  -11.025 2.511   1.00 12.64 ? 22  ASP A OD2 1 
ATOM   161 N  N   . THR A 1 23  ? 7.768   -12.067 0.775   1.00 8.53  ? 23  THR A N   1 
ATOM   162 C  CA  . THR A 1 23  ? 6.784   -12.555 -0.219  1.00 9.49  ? 23  THR A CA  1 
ATOM   163 C  C   . THR A 1 23  ? 5.871   -11.410 -0.601  1.00 9.92  ? 23  THR A C   1 
ATOM   164 O  O   . THR A 1 23  ? 5.021   -11.708 -1.485  1.00 13.32 ? 23  THR A O   1 
ATOM   165 C  CB  . THR A 1 23  ? 6.035   -13.813 0.332   1.00 11.47 ? 23  THR A CB  1 
ATOM   166 O  OG1 . THR A 1 23  ? 5.219   -13.406 1.457   1.00 10.89 ? 23  THR A OG1 1 
ATOM   167 C  CG2 . THR A 1 23  ? 7.006   -14.974 0.686   1.00 10.92 ? 23  THR A CG2 1 
ATOM   168 N  N   . PHE A 1 24  ? 5.911   -10.247 -0.019  1.00 8.73  ? 24  PHE A N   1 
ATOM   169 C  CA  . PHE A 1 24  ? 5.056   -9.150  -0.435  1.00 7.74  ? 24  PHE A CA  1 
ATOM   170 C  C   . PHE A 1 24  ? 5.432   -8.717  -1.859  1.00 8.19  ? 24  PHE A C   1 
ATOM   171 O  O   . PHE A 1 24  ? 6.606   -8.500  -2.115  1.00 10.56 ? 24  PHE A O   1 
ATOM   172 C  CB  . PHE A 1 24  ? 5.171   -7.980  0.551   1.00 8.52  ? 24  PHE A CB  1 
ATOM   173 C  CG  . PHE A 1 24  ? 4.441   -6.738  0.152   1.00 10.25 ? 24  PHE A CG  1 
ATOM   174 C  CD1 . PHE A 1 24  ? 3.130   -6.542  0.411   1.00 9.40  ? 24  PHE A CD1 1 
ATOM   175 C  CD2 . PHE A 1 24  ? 5.175   -5.703  -0.478  1.00 10.35 ? 24  PHE A CD2 1 
ATOM   176 C  CE1 . PHE A 1 24  ? 2.440   -5.392  0.005   1.00 9.88  ? 24  PHE A CE1 1 
ATOM   177 C  CE2 . PHE A 1 24  ? 4.519   -4.529  -0.896  1.00 10.88 ? 24  PHE A CE2 1 
ATOM   178 C  CZ  . PHE A 1 24  ? 3.174   -4.382  -0.632  1.00 10.01 ? 24  PHE A CZ  1 
ATOM   179 N  N   . GLU A 1 25  ? 4.412   -8.604  -2.681  1.00 8.23  ? 25  GLU A N   1 
ATOM   180 C  CA  . GLU A 1 25  ? 4.610   -8.072  -4.068  1.00 9.44  ? 25  GLU A CA  1 
ATOM   181 C  C   . GLU A 1 25  ? 3.556   -7.058  -4.260  1.00 9.81  ? 25  GLU A C   1 
ATOM   182 O  O   . GLU A 1 25  ? 2.342   -7.415  -4.130  1.00 8.79  ? 25  GLU A O   1 
ATOM   183 C  CB  . GLU A 1 25  ? 4.434   -9.182  -5.064  1.00 11.54 ? 25  GLU A CB  1 
ATOM   184 C  CG  . GLU A 1 25  ? 5.525   -10.118 -5.424  1.00 23.52 ? 25  GLU A CG  1 
ATOM   185 C  CD  . GLU A 1 25  ? 5.543   -10.642 -6.864  1.00 28.46 ? 25  GLU A CD  1 
ATOM   186 O  OE1 . GLU A 1 25  ? 4.913   -9.954  -7.728  1.00 31.18 ? 25  GLU A OE1 1 
ATOM   187 O  OE2 . GLU A 1 25  ? 6.144   -11.698 -7.042  1.00 36.81 ? 25  GLU A OE2 1 
ATOM   188 N  N   . PRO A 1 26  ? 3.864   -5.794  -4.547  1.00 9.28  ? 26  PRO A N   1 
ATOM   189 C  CA  . PRO A 1 26  ? 2.845   -4.761  -4.664  1.00 9.70  ? 26  PRO A CA  1 
ATOM   190 C  C   . PRO A 1 26  ? 1.649   -5.175  -5.508  1.00 8.48  ? 26  PRO A C   1 
ATOM   191 O  O   . PRO A 1 26  ? 0.481   -5.045  -5.084  1.00 9.35  ? 26  PRO A O   1 
ATOM   192 C  CB  . PRO A 1 26  ? 3.629   -3.573  -5.247  1.00 9.93  ? 26  PRO A CB  1 
ATOM   193 C  CG  . PRO A 1 26  ? 5.010   -3.803  -4.737  1.00 13.23 ? 26  PRO A CG  1 
ATOM   194 C  CD  . PRO A 1 26  ? 5.262   -5.309  -4.652  1.00 10.41 ? 26  PRO A CD  1 
ATOM   195 N  N   . GLN A 1 27  ? 1.914   -5.635  -6.721  1.00 9.03  ? 27  GLN A N   1 
ATOM   196 C  CA  . GLN A 1 27  ? 0.810   -5.968  -7.650  1.00 10.37 ? 27  GLN A CA  1 
ATOM   197 C  C   . GLN A 1 27  ? -0.118  -7.031  -7.085  1.00 9.67  ? 27  GLN A C   1 
ATOM   198 O  O   . GLN A 1 27  ? -1.322  -6.950  -7.340  1.00 11.28 ? 27  GLN A O   1 
ATOM   199 C  CB  . GLN A 1 27  ? 1.324   -6.373  -9.026  1.00 13.01 ? 27  GLN A CB  1 
ATOM   200 C  CG  . GLN A 1 27  ? 2.114   -7.657  -9.100  1.00 20.59 ? 27  GLN A CG  1 
ATOM   201 C  CD  . GLN A 1 27  ? 2.681   -7.938  -10.488 1.00 27.01 ? 27  GLN A CD  1 
ATOM   202 O  OE1 . GLN A 1 27  ? 3.723   -8.613  -10.578 1.00 28.63 ? 27  GLN A OE1 1 
ATOM   203 N  NE2 . GLN A 1 27  ? 2.006   -7.372  -11.518 1.00 29.63 ? 27  GLN A NE2 1 
ATOM   204 N  N   . LYS A 1 28  ? 0.482   -8.021  -6.433  1.00 10.16 ? 28  LYS A N   1 
ATOM   205 C  CA  . LYS A 1 28  ? -0.419  -9.095  -5.860  1.00 9.36  ? 28  LYS A CA  1 
ATOM   206 C  C   . LYS A 1 28  ? -1.271  -8.529  -4.737  1.00 9.13  ? 28  LYS A C   1 
ATOM   207 O  O   . LYS A 1 28  ? -2.438  -8.874  -4.657  1.00 9.08  ? 28  LYS A O   1 
ATOM   208 C  CB  . LYS A 1 28  ? 0.418   -10.250 -5.350  1.00 12.29 ? 28  LYS A CB  1 
ATOM   209 C  CG  . LYS A 1 28  ? 1.116   -11.079 -6.461  1.00 16.88 ? 28  LYS A CG  1 
ATOM   210 C  CD  . LYS A 1 28  ? 1.568   -12.410 -5.906  1.00 22.32 ? 28  LYS A CD  1 
ATOM   211 C  CE  . LYS A 1 28  ? 2.541   -13.214 -6.685  1.00 25.71 ? 28  LYS A CE  1 
ATOM   212 N  NZ  . LYS A 1 28  ? 2.318   -13.119 -8.167  1.00 31.01 ? 28  LYS A NZ  1 
ATOM   213 N  N   . PHE A 1 29  ? -0.651  -7.727  -3.903  1.00 7.09  ? 29  PHE A N   1 
ATOM   214 C  CA  . PHE A 1 29  ? -1.408  -7.153  -2.762  1.00 8.03  ? 29  PHE A CA  1 
ATOM   215 C  C   . PHE A 1 29  ? -2.569  -6.325  -3.260  1.00 6.66  ? 29  PHE A C   1 
ATOM   216 O  O   . PHE A 1 29  ? -3.706  -6.379  -2.757  1.00 7.02  ? 29  PHE A O   1 
ATOM   217 C  CB  . PHE A 1 29  ? -0.447  -6.362  -1.843  1.00 7.77  ? 29  PHE A CB  1 
ATOM   218 C  CG  . PHE A 1 29  ? -1.190  -5.813  -0.648  1.00 8.94  ? 29  PHE A CG  1 
ATOM   219 C  CD1 . PHE A 1 29  ? -1.287  -6.584  0.530   1.00 9.79  ? 29  PHE A CD1 1 
ATOM   220 C  CD2 . PHE A 1 29  ? -1.746  -4.535  -0.709  1.00 10.38 ? 29  PHE A CD2 1 
ATOM   221 C  CE1 . PHE A 1 29  ? -1.982  -6.047  1.635   1.00 10.74 ? 29  PHE A CE1 1 
ATOM   222 C  CE2 . PHE A 1 29  ? -2.452  -4.049  0.397   1.00 13.75 ? 29  PHE A CE2 1 
ATOM   223 C  CZ  . PHE A 1 29  ? -2.537  -4.797  1.548   1.00 11.52 ? 29  PHE A CZ  1 
ATOM   224 N  N   . PHE A 1 30  ? -2.239  -5.472  -4.271  1.00 6.91  ? 30  PHE A N   1 
ATOM   225 C  CA  . PHE A 1 30  ? -3.312  -4.572  -4.808  1.00 7.68  ? 30  PHE A CA  1 
ATOM   226 C  C   . PHE A 1 30  ? -4.444  -5.368  -5.485  1.00 7.48  ? 30  PHE A C   1 
ATOM   227 O  O   . PHE A 1 30  ? -5.596  -4.906  -5.372  1.00 9.08  ? 30  PHE A O   1 
ATOM   228 C  CB  . PHE A 1 30  ? -2.775  -3.445  -5.692  1.00 8.98  ? 30  PHE A CB  1 
ATOM   229 C  CG  . PHE A 1 30  ? -1.780  -2.557  -5.012  1.00 10.51 ? 30  PHE A CG  1 
ATOM   230 C  CD1 . PHE A 1 30  ? -2.056  -2.063  -3.760  1.00 11.92 ? 30  PHE A CD1 1 
ATOM   231 C  CD2 . PHE A 1 30  ? -0.564  -2.283  -5.658  1.00 12.36 ? 30  PHE A CD2 1 
ATOM   232 C  CE1 . PHE A 1 30  ? -1.112  -1.228  -3.085  1.00 12.67 ? 30  PHE A CE1 1 
ATOM   233 C  CE2 . PHE A 1 30  ? 0.356   -1.439  -5.024  1.00 14.24 ? 30  PHE A CE2 1 
ATOM   234 C  CZ  . PHE A 1 30  ? 0.085   -0.979  -3.738  1.00 14.50 ? 30  PHE A CZ  1 
ATOM   235 N  N   . GLN A 1 31  ? -4.094  -6.476  -6.118  1.00 7.22  ? 31  GLN A N   1 
ATOM   236 C  CA  . GLN A 1 31  ? -5.171  -7.316  -6.728  1.00 8.94  ? 31  GLN A CA  1 
ATOM   237 C  C   . GLN A 1 31  ? -6.021  -8.066  -5.680  1.00 8.34  ? 31  GLN A C   1 
ATOM   238 O  O   . GLN A 1 31  ? -7.271  -7.963  -5.658  1.00 9.04  ? 31  GLN A O   1 
ATOM   239 C  CB  . GLN A 1 31  ? -4.512  -8.251  -7.774  1.00 12.17 ? 31  GLN A CB  1 
ATOM   240 C  CG  . GLN A 1 31  ? -5.501  -9.295  -8.322  1.00 24.40 ? 31  GLN A CG  1 
ATOM   241 C  CD  . GLN A 1 31  ? -4.810  -10.648 -8.382  1.00 31.60 ? 31  GLN A CD  1 
ATOM   242 O  OE1 . GLN A 1 31  ? -4.142  -10.943 -9.380  1.00 34.87 ? 31  GLN A OE1 1 
ATOM   243 N  NE2 . GLN A 1 31  ? -4.875  -11.470 -7.308  1.00 34.68 ? 31  GLN A NE2 1 
ATOM   244 N  N   . THR A 1 32  ? -5.318  -8.776  -4.793  1.00 8.41  ? 32  THR A N   1 
ATOM   245 C  CA  . THR A 1 32  ? -6.062  -9.572  -3.782  1.00 8.04  ? 32  THR A CA  1 
ATOM   246 C  C   . THR A 1 32  ? -6.907  -8.772  -2.851  1.00 8.86  ? 32  THR A C   1 
ATOM   247 O  O   . THR A 1 32  ? -8.053  -9.153  -2.514  1.00 10.06 ? 32  THR A O   1 
ATOM   248 C  CB  . THR A 1 32  ? -5.066  -10.487 -2.977  1.00 10.67 ? 32  THR A CB  1 
ATOM   249 O  OG1 . THR A 1 32  ? -4.351  -11.231 -3.953  1.00 9.30  ? 32  THR A OG1 1 
ATOM   250 C  CG2 . THR A 1 32  ? -5.850  -11.313 -1.951  1.00 9.23  ? 32  THR A CG2 1 
ATOM   251 N  N   . SER A 1 33  ? -6.386  -7.582  -2.456  1.00 7.88  ? 33  SER A N   1 
ATOM   252 C  CA  . SER A 1 33  ? -7.102  -6.698  -1.529  1.00 8.34  ? 33  SER A CA  1 
ATOM   253 C  C   . SER A 1 33  ? -8.327  -6.015  -2.183  1.00 10.11 ? 33  SER A C   1 
ATOM   254 O  O   . SER A 1 33  ? -9.152  -5.513  -1.441  1.00 11.48 ? 33  SER A O   1 
ATOM   255 C  CB  . SER A 1 33  ? -6.216  -5.587  -0.932  1.00 10.13 ? 33  SER A CB  1 
ATOM   256 O  OG  . SER A 1 33  ? -5.783  -4.730  -1.966  1.00 9.16  ? 33  SER A OG  1 
ATOM   257 N  N   . GLY A 1 34  ? -8.314  -5.984  -3.531  1.00 9.77  ? 34  GLY A N   1 
ATOM   258 C  CA  . GLY A 1 34  ? -9.378  -5.303  -4.253  1.00 9.16  ? 34  GLY A CA  1 
ATOM   259 C  C   . GLY A 1 34  ? -9.040  -3.855  -4.570  1.00 10.08 ? 34  GLY A C   1 
ATOM   260 O  O   . GLY A 1 34  ? -9.845  -3.206  -5.295  1.00 10.17 ? 34  GLY A O   1 
ATOM   261 N  N   . LEU A 1 35  ? -7.888  -3.329  -4.100  1.00 8.00  ? 35  LEU A N   1 
ATOM   262 C  CA  . LEU A 1 35  ? -7.554  -1.941  -4.379  1.00 9.70  ? 35  LEU A CA  1 
ATOM   263 C  C   . LEU A 1 35  ? -7.478  -1.646  -5.885  1.00 8.59  ? 35  LEU A C   1 
ATOM   264 O  O   . LEU A 1 35  ? -7.879  -0.533  -6.289  1.00 9.64  ? 35  LEU A O   1 
ATOM   265 C  CB  . LEU A 1 35  ? -6.216  -1.680  -3.648  1.00 11.75 ? 35  LEU A CB  1 
ATOM   266 C  CG  . LEU A 1 35  ? -6.283  -0.673  -2.518  1.00 16.56 ? 35  LEU A CG  1 
ATOM   267 C  CD1 . LEU A 1 35  ? -4.915  -0.608  -1.808  1.00 16.57 ? 35  LEU A CD1 1 
ATOM   268 C  CD2 . LEU A 1 35  ? -6.661  0.694   -3.061  1.00 20.05 ? 35  LEU A CD2 1 
ATOM   269 N  N   . SER A 1 36  ? -6.965  -2.633  -6.628  1.00 8.73  ? 36  SER A N   1 
ATOM   270 C  CA  . SER A 1 36  ? -6.822  -2.355  -8.101  1.00 9.17  ? 36  SER A CA  1 
ATOM   271 C  C   . SER A 1 36  ? -8.176  -2.203  -8.774  1.00 9.19  ? 36  SER A C   1 
ATOM   272 O  O   . SER A 1 36  ? -8.033  -1.628  -9.890  1.00 13.46 ? 36  SER A O   1 
ATOM   273 C  CB  . SER A 1 36  ? -6.031  -3.427  -8.754  1.00 11.84 ? 36  SER A CB  1 
ATOM   274 O  OG  . SER A 1 36  ? -6.816  -4.622  -8.776  1.00 12.53 ? 36  SER A OG  1 
ATOM   275 N  N   . LYS A 1 37  ? -9.284  -2.582  -8.197  1.00 9.43  ? 37  LYS A N   1 
ATOM   276 C  CA  . LYS A 1 37  ? -10.572 -2.372  -8.855  1.00 13.42 ? 37  LYS A CA  1 
ATOM   277 C  C   . LYS A 1 37  ? -11.286 -1.082  -8.478  1.00 11.42 ? 37  LYS A C   1 
ATOM   278 O  O   . LYS A 1 37  ? -12.393 -0.818  -8.947  1.00 12.92 ? 37  LYS A O   1 
ATOM   279 C  CB  . LYS A 1 37  ? -11.613 -3.434  -8.359  1.00 15.53 ? 37  LYS A CB  1 
ATOM   280 C  CG  . LYS A 1 37  ? -11.277 -4.851  -8.775  1.00 20.79 ? 37  LYS A CG  1 
ATOM   281 C  CD  . LYS A 1 37  ? -12.383 -5.816  -8.393  1.00 25.23 ? 37  LYS A CD  1 
ATOM   282 C  CE  . LYS A 1 37  ? -12.014 -6.628  -7.159  1.00 28.42 ? 37  LYS A CE  1 
ATOM   283 N  NZ  . LYS A 1 37  ? -13.090 -7.700  -6.960  1.00 29.58 ? 37  LYS A NZ  1 
ATOM   284 N  N   . MET A 1 38  ? -10.724 -0.317  -7.541  1.00 9.88  ? 38  MET A N   1 
ATOM   285 C  CA  . MET A 1 38  ? -11.394 0.866   -6.989  1.00 9.31  ? 38  MET A CA  1 
ATOM   286 C  C   . MET A 1 38  ? -11.173 2.106   -7.893  1.00 7.84  ? 38  MET A C   1 
ATOM   287 O  O   . MET A 1 38  ? -10.220 2.168   -8.634  1.00 9.32  ? 38  MET A O   1 
ATOM   288 C  CB  . MET A 1 38  ? -10.917 1.123   -5.586  1.00 11.63 ? 38  MET A CB  1 
ATOM   289 C  CG  . MET A 1 38  ? -11.068 0.024   -4.574  1.00 17.09 ? 38  MET A CG  1 
ATOM   290 S  SD  . MET A 1 38  ? -12.830 -0.252  -4.185  1.00 28.05 ? 38  MET A SD  1 
ATOM   291 C  CE  . MET A 1 38  ? -13.135 -1.692  -5.162  1.00 26.57 ? 38  MET A CE  1 
ATOM   292 N  N   . SER A 1 39  ? -12.135 3.028   -7.726  1.00 7.45  ? 39  SER A N   1 
ATOM   293 C  CA  . SER A 1 39  ? -12.093 4.307   -8.478  1.00 7.93  ? 39  SER A CA  1 
ATOM   294 C  C   . SER A 1 39  ? -10.938 5.195   -7.952  1.00 6.71  ? 39  SER A C   1 
ATOM   295 O  O   . SER A 1 39  ? -10.453 4.971   -6.798  1.00 7.79  ? 39  SER A O   1 
ATOM   296 C  CB  . SER A 1 39  ? -13.405 5.066   -8.357  1.00 9.28  ? 39  SER A CB  1 
ATOM   297 O  OG  . SER A 1 39  ? -13.549 5.474   -7.017  1.00 9.48  ? 39  SER A OG  1 
ATOM   298 N  N   . ALA A 1 40  ? -10.648 6.224   -8.673  1.00 6.76  ? 40  ALA A N   1 
ATOM   299 C  CA  . ALA A 1 40  ? -9.570  7.168   -8.243  1.00 6.67  ? 40  ALA A CA  1 
ATOM   300 C  C   . ALA A 1 40  ? -9.945  7.790   -6.881  1.00 6.81  ? 40  ALA A C   1 
ATOM   301 O  O   . ALA A 1 40  ? -9.018  7.913   -6.005  1.00 6.68  ? 40  ALA A O   1 
ATOM   302 C  CB  . ALA A 1 40  ? -9.376  8.243   -9.268  1.00 8.92  ? 40  ALA A CB  1 
ATOM   303 N  N   . SER A 1 41  ? -11.148 8.187   -6.652  1.00 7.39  ? 41  SER A N   1 
ATOM   304 C  CA  . SER A 1 41  ? -11.558 8.814   -5.411  1.00 7.69  ? 41  SER A CA  1 
ATOM   305 C  C   . SER A 1 41  ? -11.330 7.878   -4.208  1.00 7.88  ? 41  SER A C   1 
ATOM   306 O  O   . SER A 1 41  ? -10.825 8.293   -3.117  1.00 8.95  ? 41  SER A O   1 
ATOM   307 C  CB  . SER A 1 41  ? -12.990 9.295   -5.470  1.00 11.76 ? 41  SER A CB  1 
ATOM   308 O  OG  . SER A 1 41  ? -13.362 9.865   -4.259  1.00 20.18 ? 41  SER A OG  1 
ATOM   309 N  N   . GLN A 1 42  ? -11.693 6.624   -4.399  1.00 6.53  ? 42  GLN A N   1 
ATOM   310 C  CA  . GLN A 1 42  ? -11.499 5.598   -3.335  1.00 6.50  ? 42  GLN A CA  1 
ATOM   311 C  C   . GLN A 1 42  ? -10.041 5.336   -3.119  1.00 6.09  ? 42  GLN A C   1 
ATOM   312 O  O   . GLN A 1 42  ? -9.643  5.208   -1.902  1.00 6.61  ? 42  GLN A O   1 
ATOM   313 C  CB  . GLN A 1 42  ? -12.250 4.342   -3.765  1.00 8.86  ? 42  GLN A CB  1 
ATOM   314 C  CG  . GLN A 1 42  ? -13.760 4.569   -3.674  1.00 11.79 ? 42  GLN A CG  1 
ATOM   315 C  CD  . GLN A 1 42  ? -14.521 3.405   -4.248  1.00 17.02 ? 42  GLN A CD  1 
ATOM   316 O  OE1 . GLN A 1 42  ? -15.585 3.050   -3.708  1.00 22.23 ? 42  GLN A OE1 1 
ATOM   317 N  NE2 . GLN A 1 42  ? -14.079 2.800   -5.340  1.00 16.01 ? 42  GLN A NE2 1 
ATOM   318 N  N   . VAL A 1 43  ? -9.231  5.247   -4.113  1.00 6.30  ? 43  VAL A N   1 
ATOM   319 C  CA  . VAL A 1 43  ? -7.791  5.032   -3.978  1.00 7.52  ? 43  VAL A CA  1 
ATOM   320 C  C   . VAL A 1 43  ? -7.171  6.245   -3.250  1.00 6.59  ? 43  VAL A C   1 
ATOM   321 O  O   . VAL A 1 43  ? -6.312  5.970   -2.337  1.00 7.47  ? 43  VAL A O   1 
ATOM   322 C  CB  . VAL A 1 43  ? -7.128  4.754   -5.349  1.00 8.20  ? 43  VAL A CB  1 
ATOM   323 C  CG1 . VAL A 1 43  ? -5.600  4.769   -5.190  1.00 8.84  ? 43  VAL A CG1 1 
ATOM   324 C  CG2 . VAL A 1 43  ? -7.664  3.406   -5.917  1.00 7.68  ? 43  VAL A CG2 1 
ATOM   325 N  N   . LYS A 1 44  ? -7.600  7.424   -3.501  1.00 7.01  ? 44  LYS A N   1 
ATOM   326 C  CA  . LYS A 1 44  ? -7.119  8.626   -2.814  1.00 7.62  ? 44  LYS A CA  1 
ATOM   327 C  C   . LYS A 1 44  ? -7.510  8.574   -1.327  1.00 7.82  ? 44  LYS A C   1 
ATOM   328 O  O   . LYS A 1 44  ? -6.589  8.948   -0.485  1.00 9.77  ? 44  LYS A O   1 
ATOM   329 C  CB  . LYS A 1 44  ? -7.679  9.880   -3.497  1.00 9.05  ? 44  LYS A CB  1 
ATOM   330 C  CG  . LYS A 1 44  ? -7.216  11.198  -2.885  1.00 13.75 ? 44  LYS A CG  1 
ATOM   331 C  CD  . LYS A 1 44  ? -5.705  11.255  -2.887  1.00 16.84 ? 44  LYS A CD  1 
ATOM   332 C  CE  . LYS A 1 44  ? -5.192  12.633  -2.479  1.00 19.16 ? 44  LYS A CE  1 
ATOM   333 N  NZ  . LYS A 1 44  ? -5.695  13.711  -3.434  1.00 20.92 ? 44  LYS A NZ  1 
ATOM   334 N  N   . ASP A 1 45  ? -8.682  8.121   -0.990  1.00 7.90  ? 45  ASP A N   1 
ATOM   335 C  CA  . ASP A 1 45  ? -9.051  8.004   0.442   1.00 8.81  ? 45  ASP A CA  1 
ATOM   336 C  C   . ASP A 1 45  ? -8.111  7.006   1.107   1.00 8.85  ? 45  ASP A C   1 
ATOM   337 O  O   . ASP A 1 45  ? -7.641  7.283   2.258   1.00 10.89 ? 45  ASP A O   1 
ATOM   338 C  CB  . ASP A 1 45  ? -10.488 7.508   0.557   1.00 10.61 ? 45  ASP A CB  1 
ATOM   339 C  CG  . ASP A 1 45  ? -11.533 8.540   0.200   1.00 16.13 ? 45  ASP A CG  1 
ATOM   340 O  OD1 . ASP A 1 45  ? -11.225 9.727   0.145   1.00 20.08 ? 45  ASP A OD1 1 
ATOM   341 O  OD2 . ASP A 1 45  ? -12.685 8.111   -0.096  1.00 20.90 ? 45  ASP A OD2 1 
ATOM   342 N  N   . ILE A 1 46  ? -7.777  5.898   0.495   1.00 6.69  ? 46  ILE A N   1 
ATOM   343 C  CA  . ILE A 1 46  ? -6.846  4.940   1.059   1.00 7.72  ? 46  ILE A CA  1 
ATOM   344 C  C   . ILE A 1 46  ? -5.489  5.601   1.195   1.00 8.04  ? 46  ILE A C   1 
ATOM   345 O  O   . ILE A 1 46  ? -4.826  5.430   2.275   1.00 8.69  ? 46  ILE A O   1 
ATOM   346 C  CB  . ILE A 1 46  ? -6.872  3.624   0.241   1.00 8.53  ? 46  ILE A CB  1 
ATOM   347 C  CG1 . ILE A 1 46  ? -8.230  2.960   0.437   1.00 11.73 ? 46  ILE A CG1 1 
ATOM   348 C  CG2 . ILE A 1 46  ? -5.678  2.715   0.613   1.00 9.36  ? 46  ILE A CG2 1 
ATOM   349 C  CD1 . ILE A 1 46  ? -8.534  1.629   -0.245  1.00 19.22 ? 46  ILE A CD1 1 
ATOM   350 N  N   . PHE A 1 47  ? -4.989  6.266   0.200   1.00 6.40  ? 47  PHE A N   1 
ATOM   351 C  CA  . PHE A 1 47  ? -3.703  6.990   0.258   1.00 6.19  ? 47  PHE A CA  1 
ATOM   352 C  C   . PHE A 1 47  ? -3.654  7.904   1.527   1.00 6.74  ? 47  PHE A C   1 
ATOM   353 O  O   . PHE A 1 47  ? -2.629  7.845   2.248   1.00 6.61  ? 47  PHE A O   1 
ATOM   354 C  CB  . PHE A 1 47  ? -3.504  7.857   -0.973  1.00 7.01  ? 47  PHE A CB  1 
ATOM   355 C  CG  . PHE A 1 47  ? -2.203  8.606   -0.963  1.00 6.78  ? 47  PHE A CG  1 
ATOM   356 C  CD1 . PHE A 1 47  ? -1.067  8.026   -1.494  1.00 8.16  ? 47  PHE A CD1 1 
ATOM   357 C  CD2 . PHE A 1 47  ? -2.160  9.913   -0.492  1.00 9.29  ? 47  PHE A CD2 1 
ATOM   358 C  CE1 . PHE A 1 47  ? 0.143   8.713   -1.592  1.00 10.00 ? 47  PHE A CE1 1 
ATOM   359 C  CE2 . PHE A 1 47  ? -0.915  10.645  -0.538  1.00 9.11  ? 47  PHE A CE2 1 
ATOM   360 C  CZ  . PHE A 1 47  ? 0.179   10.017  -1.069  1.00 10.45 ? 47  PHE A CZ  1 
ATOM   361 N  N   . ARG A 1 48  ? -4.681  8.612   1.736   1.00 6.98  ? 48  ARG A N   1 
ATOM   362 C  CA  . ARG A 1 48  ? -4.724  9.544   2.916   1.00 9.37  ? 48  ARG A CA  1 
ATOM   363 C  C   . ARG A 1 48  ? -4.598  8.762   4.185   1.00 9.69  ? 48  ARG A C   1 
ATOM   364 O  O   . ARG A 1 48  ? -3.853  9.273   5.085   1.00 11.43 ? 48  ARG A O   1 
ATOM   365 C  CB  . ARG A 1 48  ? -5.894  10.460  2.867   1.00 10.67 ? 48  ARG A CB  1 
ATOM   366 C  CG  . ARG A 1 48  ? -5.934  11.470  1.729   1.00 15.93 ? 48  ARG A CG  1 
ATOM   367 C  CD  . ARG A 1 48  ? -6.967  12.494  2.190   1.00 23.22 ? 48  ARG A CD  1 
ATOM   368 N  NE  . ARG A 1 48  ? -8.295  12.067  1.732   1.00 29.84 ? 48  ARG A NE  1 
ATOM   369 C  CZ  . ARG A 1 48  ? -8.691  12.784  0.619   1.00 33.15 ? 48  ARG A CZ  1 
ATOM   370 N  NH1 . ARG A 1 48  ? -8.120  13.941  0.273   1.00 34.16 ? 48  ARG A NH1 1 
ATOM   371 N  NH2 . ARG A 1 48  ? -9.458  12.131  -0.251  1.00 33.65 ? 48  ARG A NH2 1 
ATOM   372 N  N   . PHE A 1 49  ? -5.128  7.594   4.316   1.00 9.77  ? 49  PHE A N   1 
ATOM   373 C  CA  . PHE A 1 49  ? -4.986  6.803   5.579   1.00 9.65  ? 49  PHE A CA  1 
ATOM   374 C  C   . PHE A 1 49  ? -3.619  6.285   5.723   1.00 10.42 ? 49  PHE A C   1 
ATOM   375 O  O   . PHE A 1 49  ? -3.096  6.111   6.881   1.00 12.93 ? 49  PHE A O   1 
ATOM   376 C  CB  . PHE A 1 49  ? -5.999  5.638   5.572   1.00 13.54 ? 49  PHE A CB  1 
ATOM   377 C  CG  . PHE A 1 49  ? -7.401  6.113   5.656   1.00 20.90 ? 49  PHE A CG  1 
ATOM   378 C  CD1 . PHE A 1 49  ? -7.785  6.954   6.718   1.00 24.47 ? 49  PHE A CD1 1 
ATOM   379 C  CD2 . PHE A 1 49  ? -8.355  5.759   4.712   1.00 22.14 ? 49  PHE A CD2 1 
ATOM   380 C  CE1 . PHE A 1 49  ? -9.087  7.456   6.812   1.00 27.36 ? 49  PHE A CE1 1 
ATOM   381 C  CE2 . PHE A 1 49  ? -9.662  6.249   4.759   1.00 26.54 ? 49  PHE A CE2 1 
ATOM   382 C  CZ  . PHE A 1 49  ? -10.027 7.075   5.834   1.00 29.05 ? 49  PHE A CZ  1 
ATOM   383 N  N   . ILE A 1 50  ? -2.865  5.994   4.674   1.00 7.96  ? 50  ILE A N   1 
ATOM   384 C  CA  . ILE A 1 50  ? -1.520  5.461   4.715   1.00 7.88  ? 50  ILE A CA  1 
ATOM   385 C  C   . ILE A 1 50  ? -0.476  6.533   5.027   1.00 8.15  ? 50  ILE A C   1 
ATOM   386 O  O   . ILE A 1 50  ? 0.576   6.280   5.619   1.00 7.74  ? 50  ILE A O   1 
ATOM   387 C  CB  . ILE A 1 50  ? -1.149  4.617   3.432   1.00 7.96  ? 50  ILE A CB  1 
ATOM   388 C  CG1 . ILE A 1 50  ? -2.224  3.421   3.345   1.00 11.86 ? 50  ILE A CG1 1 
ATOM   389 C  CG2 . ILE A 1 50  ? 0.278   4.092   3.482   1.00 12.06 ? 50  ILE A CG2 1 
ATOM   390 C  CD1 . ILE A 1 50  ? -2.119  2.764   1.930   1.00 16.81 ? 50  ILE A CD1 1 
ATOM   391 N  N   . ASP A 1 51  ? -0.763  7.736   4.574   1.00 6.40  ? 51  ASP A N   1 
ATOM   392 C  CA  . ASP A 1 51  ? 0.128   8.919   4.753   1.00 6.17  ? 51  ASP A CA  1 
ATOM   393 C  C   . ASP A 1 51  ? -0.031  9.388   6.201   1.00 6.62  ? 51  ASP A C   1 
ATOM   394 O  O   . ASP A 1 51  ? -0.680  10.418  6.463   1.00 7.33  ? 51  ASP A O   1 
ATOM   395 C  CB  . ASP A 1 51  ? -0.312  9.971   3.723   1.00 6.78  ? 51  ASP A CB  1 
ATOM   396 C  CG  . ASP A 1 51  ? 0.548   11.207  3.826   1.00 7.07  ? 51  ASP A CG  1 
ATOM   397 O  OD1 . ASP A 1 51  ? 1.625   11.165  4.392   1.00 7.37  ? 51  ASP A OD1 1 
ATOM   398 O  OD2 . ASP A 1 51  ? 0.124   12.237  3.329   1.00 7.69  ? 51  ASP A OD2 1 
ATOM   399 N  N   . ASN A 1 52  ? 0.588   8.645   7.114   1.00 7.57  ? 52  ASN A N   1 
ATOM   400 C  CA  . ASN A 1 52  ? 0.475   8.885   8.554   1.00 8.27  ? 52  ASN A CA  1 
ATOM   401 C  C   . ASN A 1 52  ? 0.813   10.323  8.950   1.00 8.00  ? 52  ASN A C   1 
ATOM   402 O  O   . ASN A 1 52  ? 0.035   10.801  9.795   1.00 9.53  ? 52  ASN A O   1 
ATOM   403 C  CB  . ASN A 1 52  ? 1.421   7.902   9.232   1.00 9.92  ? 52  ASN A CB  1 
ATOM   404 C  CG  . ASN A 1 52  ? 1.159   7.793   10.731  1.00 11.32 ? 52  ASN A CG  1 
ATOM   405 O  OD1 . ASN A 1 52  ? 0.111   7.371   11.147  1.00 13.36 ? 52  ASN A OD1 1 
ATOM   406 N  ND2 . ASN A 1 52  ? 2.161   8.353   11.406  1.00 14.28 ? 52  ASN A ND2 1 
ATOM   407 N  N   . ASP A 1 53  ? 1.818   10.949  8.401   1.00 6.66  ? 53  ASP A N   1 
ATOM   408 C  CA  . ASP A 1 53  ? 2.204   12.294  8.843   1.00 8.07  ? 53  ASP A CA  1 
ATOM   409 C  C   . ASP A 1 53  ? 1.557   13.403  8.013   1.00 8.72  ? 53  ASP A C   1 
ATOM   410 O  O   . ASP A 1 53  ? 1.945   14.568  8.224   1.00 9.98  ? 53  ASP A O   1 
ATOM   411 C  CB  . ASP A 1 53  ? 3.686   12.429  8.962   1.00 8.21  ? 53  ASP A CB  1 
ATOM   412 C  CG  . ASP A 1 53  ? 4.393   12.357  7.622   1.00 9.71  ? 53  ASP A CG  1 
ATOM   413 O  OD1 . ASP A 1 53  ? 3.751   12.332  6.537   1.00 7.07  ? 53  ASP A OD1 1 
ATOM   414 O  OD2 . ASP A 1 53  ? 5.640   12.432  7.554   1.00 12.29 ? 53  ASP A OD2 1 
ATOM   415 N  N   . GLN A 1 54  ? 0.631   13.072  7.150   1.00 7.07  ? 54  GLN A N   1 
ATOM   416 C  CA  . GLN A 1 54  ? -0.070  14.063  6.310   1.00 7.21  ? 54  GLN A CA  1 
ATOM   417 C  C   . GLN A 1 54  ? 0.873   14.933  5.522   1.00 7.79  ? 54  GLN A C   1 
ATOM   418 O  O   . GLN A 1 54  ? 0.535   16.107  5.252   1.00 8.09  ? 54  GLN A O   1 
ATOM   419 C  CB  . GLN A 1 54  ? -1.062  14.913  7.138   1.00 8.01  ? 54  GLN A CB  1 
ATOM   420 C  CG  . GLN A 1 54  ? -2.003  13.969  7.941   1.00 12.30 ? 54  GLN A CG  1 
ATOM   421 C  CD  . GLN A 1 54  ? -3.060  14.722  8.703   1.00 12.54 ? 54  GLN A CD  1 
ATOM   422 O  OE1 . GLN A 1 54  ? -3.063  15.905  8.899   1.00 9.41  ? 54  GLN A OE1 1 
ATOM   423 N  NE2 . GLN A 1 54  ? -4.108  13.987  9.200   1.00 20.22 ? 54  GLN A NE2 1 
ATOM   424 N  N   . SER A 1 55  ? 1.994   14.390  5.071   1.00 6.11  ? 55  SER A N   1 
ATOM   425 C  CA  . SER A 1 55  ? 2.935   15.177  4.260   1.00 4.68  ? 55  SER A CA  1 
ATOM   426 C  C   . SER A 1 55  ? 2.491   15.268  2.783   1.00 6.49  ? 55  SER A C   1 
ATOM   427 O  O   . SER A 1 55  ? 3.031   16.125  2.035   1.00 8.51  ? 55  SER A O   1 
ATOM   428 C  CB  . SER A 1 55  ? 4.288   14.644  4.286   1.00 6.79  ? 55  SER A CB  1 
ATOM   429 O  OG  . SER A 1 55  ? 4.290   13.294  3.700   1.00 5.90  ? 55  SER A OG  1 
ATOM   430 N  N   . GLY A 1 56  ? 1.561   14.392  2.386   1.00 5.56  ? 56  GLY A N   1 
ATOM   431 C  CA  . GLY A 1 56  ? 1.128   14.331  1.004   1.00 6.70  ? 56  GLY A CA  1 
ATOM   432 C  C   . GLY A 1 56  ? 1.898   13.290  0.272   1.00 6.43  ? 56  GLY A C   1 
ATOM   433 O  O   . GLY A 1 56  ? 1.618   13.057  -0.955  1.00 7.78  ? 56  GLY A O   1 
ATOM   434 N  N   . TYR A 1 57  ? 2.853   12.597  0.823   1.00 4.86  ? 57  TYR A N   1 
ATOM   435 C  CA  . TYR A 1 57  ? 3.668   11.607  0.200   1.00 4.96  ? 57  TYR A CA  1 
ATOM   436 C  C   . TYR A 1 57  ? 3.892   10.446  1.134   1.00 7.51  ? 57  TYR A C   1 
ATOM   437 O  O   . TYR A 1 57  ? 3.957   10.700  2.379   1.00 8.63  ? 57  TYR A O   1 
ATOM   438 C  CB  . TYR A 1 57  ? 5.072   12.185  -0.128  1.00 6.98  ? 57  TYR A CB  1 
ATOM   439 C  CG  . TYR A 1 57  ? 5.015   13.372  -1.020  1.00 7.03  ? 57  TYR A CG  1 
ATOM   440 C  CD1 . TYR A 1 57  ? 4.847   14.665  -0.514  1.00 8.35  ? 57  TYR A CD1 1 
ATOM   441 C  CD2 . TYR A 1 57  ? 5.059   13.218  -2.434  1.00 7.51  ? 57  TYR A CD2 1 
ATOM   442 C  CE1 . TYR A 1 57  ? 4.691   15.784  -1.344  1.00 9.43  ? 57  TYR A CE1 1 
ATOM   443 C  CE2 . TYR A 1 57  ? 5.011   14.346  -3.261  1.00 8.87  ? 57  TYR A CE2 1 
ATOM   444 C  CZ  . TYR A 1 57  ? 4.772   15.598  -2.675  1.00 11.01 ? 57  TYR A CZ  1 
ATOM   445 O  OH  . TYR A 1 57  ? 4.674   16.734  -3.512  1.00 13.02 ? 57  TYR A OH  1 
ATOM   446 N  N   . LEU A 1 58  ? 4.049   9.253   0.596   1.00 6.00  ? 58  LEU A N   1 
ATOM   447 C  CA  . LEU A 1 58  ? 4.462   8.103   1.421   1.00 7.12  ? 58  LEU A CA  1 
ATOM   448 C  C   . LEU A 1 58  ? 5.974   8.031   1.369   1.00 8.86  ? 58  LEU A C   1 
ATOM   449 O  O   . LEU A 1 58  ? 6.572   7.980   0.279   1.00 9.05  ? 58  LEU A O   1 
ATOM   450 C  CB  . LEU A 1 58  ? 3.856   6.817   0.827   1.00 7.44  ? 58  LEU A CB  1 
ATOM   451 C  CG  . LEU A 1 58  ? 2.366   6.854   0.572   1.00 10.55 ? 58  LEU A CG  1 
ATOM   452 C  CD1 . LEU A 1 58  ? 1.838   5.470   0.165   1.00 9.69  ? 58  LEU A CD1 1 
ATOM   453 C  CD2 . LEU A 1 58  ? 1.589   7.373   1.797   1.00 12.06 ? 58  LEU A CD2 1 
ATOM   454 N  N   . ASP A 1 59  ? 6.612   7.957   2.539   1.00 10.91 ? 59  ASP A N   1 
ATOM   455 C  CA  . ASP A 1 59  ? 8.085   7.741   2.555   1.00 13.77 ? 59  ASP A CA  1 
ATOM   456 C  C   . ASP A 1 59  ? 8.462   7.285   3.995   1.00 16.87 ? 59  ASP A C   1 
ATOM   457 O  O   . ASP A 1 59  ? 7.629   7.348   4.927   1.00 17.08 ? 59  ASP A O   1 
ATOM   458 C  CB  . ASP A 1 59  ? 8.947   8.880   2.087   1.00 18.38 ? 59  ASP A CB  1 
ATOM   459 C  CG  . ASP A 1 59  ? 8.511   10.088  2.904   1.00 21.13 ? 59  ASP A CG  1 
ATOM   460 O  OD1 . ASP A 1 59  ? 8.408   9.954   4.170   1.00 25.01 ? 59  ASP A OD1 1 
ATOM   461 O  OD2 . ASP A 1 59  ? 8.350   11.148  2.299   1.00 29.83 ? 59  ASP A OD2 1 
ATOM   462 N  N   . GLY A 1 60  ? 9.740   6.950   4.053   1.00 18.73 ? 60  GLY A N   1 
ATOM   463 C  CA  . GLY A 1 60  ? 10.338  6.512   5.321   1.00 16.92 ? 60  GLY A CA  1 
ATOM   464 C  C   . GLY A 1 60  ? 9.538   5.367   5.926   1.00 15.96 ? 60  GLY A C   1 
ATOM   465 O  O   . GLY A 1 60  ? 9.204   4.327   5.336   1.00 17.13 ? 60  GLY A O   1 
ATOM   466 N  N   . ASP A 1 61  ? 9.265   5.582   7.229   1.00 13.74 ? 61  ASP A N   1 
ATOM   467 C  CA  . ASP A 1 61  ? 8.585   4.588   8.055   1.00 12.71 ? 61  ASP A CA  1 
ATOM   468 C  C   . ASP A 1 61  ? 7.225   4.228   7.512   1.00 9.32  ? 61  ASP A C   1 
ATOM   469 O  O   . ASP A 1 61  ? 6.696   3.151   7.873   1.00 8.89  ? 61  ASP A O   1 
ATOM   470 C  CB  . ASP A 1 61  ? 8.616   4.996   9.537   1.00 13.03 ? 61  ASP A CB  1 
ATOM   471 C  CG  . ASP A 1 61  ? 9.943   4.827   10.222  1.00 18.56 ? 61  ASP A CG  1 
ATOM   472 O  OD1 . ASP A 1 61  ? 10.852  4.175   9.759   1.00 19.35 ? 61  ASP A OD1 1 
ATOM   473 O  OD2 . ASP A 1 61  ? 10.056  5.475   11.310  1.00 23.79 ? 61  ASP A OD2 1 
ATOM   474 N  N   . GLU A 1 62  ? 6.553   5.079   6.725   1.00 7.57  ? 62  GLU A N   1 
ATOM   475 C  CA  . GLU A 1 62  ? 5.231   4.787   6.226   1.00 6.55  ? 62  GLU A CA  1 
ATOM   476 C  C   . GLU A 1 62  ? 5.264   3.553   5.349   1.00 7.99  ? 62  GLU A C   1 
ATOM   477 O  O   . GLU A 1 62  ? 4.207   2.822   5.280   1.00 8.01  ? 62  GLU A O   1 
ATOM   478 C  CB  . GLU A 1 62  ? 4.605   5.992   5.578   1.00 6.53  ? 62  GLU A CB  1 
ATOM   479 C  CG  . GLU A 1 62  ? 4.345   7.141   6.549   1.00 7.41  ? 62  GLU A CG  1 
ATOM   480 C  CD  . GLU A 1 62  ? 4.042   8.469   5.939   1.00 6.12  ? 62  GLU A CD  1 
ATOM   481 O  OE1 . GLU A 1 62  ? 4.123   8.477   4.649   1.00 9.50  ? 62  GLU A OE1 1 
ATOM   482 O  OE2 . GLU A 1 62  ? 3.784   9.415   6.634   1.00 7.58  ? 62  GLU A OE2 1 
ATOM   483 N  N   . LEU A 1 63  ? 6.343   3.269   4.675   1.00 6.31  ? 63  LEU A N   1 
ATOM   484 C  CA  . LEU A 1 63  ? 6.481   2.069   3.854   1.00 8.21  ? 63  LEU A CA  1 
ATOM   485 C  C   . LEU A 1 63  ? 6.651   0.836   4.743   1.00 7.48  ? 63  LEU A C   1 
ATOM   486 O  O   . LEU A 1 63  ? 6.043   -0.214  4.480   1.00 7.62  ? 63  LEU A O   1 
ATOM   487 C  CB  . LEU A 1 63  ? 7.565   2.334   2.834   1.00 10.60 ? 63  LEU A CB  1 
ATOM   488 C  CG  . LEU A 1 63  ? 7.216   3.385   1.739   1.00 14.71 ? 63  LEU A CG  1 
ATOM   489 C  CD1 . LEU A 1 63  ? 8.139   3.204   0.521   1.00 19.43 ? 63  LEU A CD1 1 
ATOM   490 C  CD2 . LEU A 1 63  ? 5.810   3.149   1.293   1.00 19.42 ? 63  LEU A CD2 1 
ATOM   491 N  N   . LYS A 1 64  ? 7.500   0.945   5.741   1.00 7.22  ? 64  LYS A N   1 
ATOM   492 C  CA  . LYS A 1 64  ? 7.748   -0.195  6.661   1.00 9.07  ? 64  LYS A CA  1 
ATOM   493 C  C   . LYS A 1 64  ? 6.450   -0.592  7.370   1.00 6.43  ? 64  LYS A C   1 
ATOM   494 O  O   . LYS A 1 64  ? 6.276   -1.831  7.538   1.00 6.96  ? 64  LYS A O   1 
ATOM   495 C  CB  . LYS A 1 64  ? 8.799   0.303   7.659   1.00 12.07 ? 64  LYS A CB  1 
ATOM   496 C  CG  . LYS A 1 64  ? 9.322   -0.703  8.671   1.00 21.05 ? 64  LYS A CG  1 
ATOM   497 C  CD  . LYS A 1 64  ? 10.457  -0.047  9.477   1.00 25.38 ? 64  LYS A CD  1 
ATOM   498 C  CE  . LYS A 1 64  ? 11.657  0.302   8.611   1.00 29.91 ? 64  LYS A CE  1 
ATOM   499 N  NZ  . LYS A 1 64  ? 12.118  -0.918  7.839   1.00 35.10 ? 64  LYS A NZ  1 
ATOM   500 N  N   . TYR A 1 65  ? 5.607   0.329   7.672   1.00 5.53  ? 65  TYR A N   1 
ATOM   501 C  CA  . TYR A 1 65  ? 4.361   0.060   8.371   1.00 6.66  ? 65  TYR A CA  1 
ATOM   502 C  C   . TYR A 1 65  ? 3.138   -0.018  7.488   1.00 6.64  ? 65  TYR A C   1 
ATOM   503 O  O   . TYR A 1 65  ? 1.985   0.043   7.971   1.00 6.74  ? 65  TYR A O   1 
ATOM   504 C  CB  . TYR A 1 65  ? 4.111   1.181   9.429   1.00 9.72  ? 65  TYR A CB  1 
ATOM   505 C  CG  . TYR A 1 65  ? 5.248   1.275   10.443  1.00 11.03 ? 65  TYR A CG  1 
ATOM   506 C  CD1 . TYR A 1 65  ? 5.822   0.127   10.994  1.00 13.86 ? 65  TYR A CD1 1 
ATOM   507 C  CD2 . TYR A 1 65  ? 5.656   2.522   10.889  1.00 13.60 ? 65  TYR A CD2 1 
ATOM   508 C  CE1 . TYR A 1 65  ? 6.880   0.242   11.902  1.00 17.20 ? 65  TYR A CE1 1 
ATOM   509 C  CE2 . TYR A 1 65  ? 6.662   2.650   11.844  1.00 15.61 ? 65  TYR A CE2 1 
ATOM   510 C  CZ  . TYR A 1 65  ? 7.296   1.516   12.300  1.00 16.78 ? 65  TYR A CZ  1 
ATOM   511 O  OH  . TYR A 1 65  ? 8.293   1.674   13.234  1.00 20.18 ? 65  TYR A OH  1 
ATOM   512 N  N   . PHE A 1 66  ? 3.337   -0.151  6.165   1.00 5.84  ? 66  PHE A N   1 
ATOM   513 C  CA  . PHE A 1 66  ? 2.254   -0.195  5.204   1.00 6.83  ? 66  PHE A CA  1 
ATOM   514 C  C   . PHE A 1 66  ? 1.122   -1.201  5.544   1.00 5.33  ? 66  PHE A C   1 
ATOM   515 O  O   . PHE A 1 66  ? -0.050  -0.844  5.511   1.00 6.56  ? 66  PHE A O   1 
ATOM   516 C  CB  . PHE A 1 66  ? 2.894   -0.473  3.825   1.00 7.35  ? 66  PHE A CB  1 
ATOM   517 C  CG  . PHE A 1 66  ? 1.954   -0.430  2.649   1.00 7.85  ? 66  PHE A CG  1 
ATOM   518 C  CD1 . PHE A 1 66  ? 1.714   0.825   2.035   1.00 12.27 ? 66  PHE A CD1 1 
ATOM   519 C  CD2 . PHE A 1 66  ? 1.344   -1.561  2.191   1.00 11.24 ? 66  PHE A CD2 1 
ATOM   520 C  CE1 . PHE A 1 66  ? 0.834   0.895   0.931   1.00 14.27 ? 66  PHE A CE1 1 
ATOM   521 C  CE2 . PHE A 1 66  ? 0.485   -1.504  1.057   1.00 14.15 ? 66  PHE A CE2 1 
ATOM   522 C  CZ  . PHE A 1 66  ? 0.208   -0.270  0.508   1.00 14.42 ? 66  PHE A CZ  1 
ATOM   523 N  N   . LEU A 1 67  ? 1.526   -2.439  5.846   1.00 4.97  ? 67  LEU A N   1 
ATOM   524 C  CA  . LEU A 1 67  ? 0.498   -3.473  6.133   1.00 6.36  ? 67  LEU A CA  1 
ATOM   525 C  C   . LEU A 1 67  ? -0.256  -3.140  7.442   1.00 6.04  ? 67  LEU A C   1 
ATOM   526 O  O   . LEU A 1 67  ? -1.393  -3.574  7.552   1.00 5.39  ? 67  LEU A O   1 
ATOM   527 C  CB  . LEU A 1 67  ? 1.145   -4.848  6.256   1.00 5.06  ? 67  LEU A CB  1 
ATOM   528 C  CG  . LEU A 1 67  ? 1.869   -5.328  5.002   1.00 8.34  ? 67  LEU A CG  1 
ATOM   529 C  CD1 . LEU A 1 67  ? 2.442   -6.752  5.294   1.00 8.28  ? 67  LEU A CD1 1 
ATOM   530 C  CD2 . LEU A 1 67  ? 0.981   -5.381  3.767   1.00 9.74  ? 67  LEU A CD2 1 
ATOM   531 N  N   . GLN A 1 68  ? 0.407   -2.493  8.344   1.00 4.98  ? 68  GLN A N   1 
ATOM   532 C  CA  . GLN A 1 68  ? -0.130  -2.190  9.652   1.00 4.91  ? 68  GLN A CA  1 
ATOM   533 C  C   . GLN A 1 68  ? -1.296  -1.205  9.642   1.00 4.82  ? 68  GLN A C   1 
ATOM   534 O  O   . GLN A 1 68  ? -2.095  -1.105  10.563  1.00 7.04  ? 68  GLN A O   1 
ATOM   535 C  CB  . GLN A 1 68  ? 0.934   -1.776  10.657  1.00 6.31  ? 68  GLN A CB  1 
ATOM   536 C  CG  . GLN A 1 68  ? 1.788   -2.974  11.021  1.00 9.08  ? 68  GLN A CG  1 
ATOM   537 C  CD  . GLN A 1 68  ? 3.022   -2.624  11.867  1.00 10.01 ? 68  GLN A CD  1 
ATOM   538 O  OE1 . GLN A 1 68  ? 3.048   -1.548  12.456  1.00 13.56 ? 68  GLN A OE1 1 
ATOM   539 N  NE2 . GLN A 1 68  ? 3.916   -3.587  11.928  1.00 12.34 ? 68  GLN A NE2 1 
ATOM   540 N  N   . LYS A 1 69  ? -1.414  -0.477  8.457   1.00 5.63  ? 69  LYS A N   1 
ATOM   541 C  CA  . LYS A 1 69  ? -2.580  0.356   8.262   1.00 6.78  ? 69  LYS A CA  1 
ATOM   542 C  C   . LYS A 1 69  ? -3.834  -0.468  7.952   1.00 6.57  ? 69  LYS A C   1 
ATOM   543 O  O   . LYS A 1 69  ? -4.937  0.060   8.096   1.00 8.18  ? 69  LYS A O   1 
ATOM   544 C  CB  . LYS A 1 69  ? -2.341  1.420   7.159   1.00 6.79  ? 69  LYS A CB  1 
ATOM   545 C  CG  . LYS A 1 69  ? -1.232  2.430   7.587   1.00 8.92  ? 69  LYS A CG  1 
ATOM   546 C  CD  . LYS A 1 69  ? -1.827  3.303   8.700   1.00 11.34 ? 69  LYS A CD  1 
ATOM   547 C  CE  . LYS A 1 69  ? -0.917  4.474   9.101   1.00 11.37 ? 69  LYS A CE  1 
ATOM   548 N  NZ  . LYS A 1 69  ? -1.523  5.183   10.261  1.00 13.59 ? 69  LYS A NZ  1 
ATOM   549 N  N   . PHE A 1 70  ? -3.623  -1.681  7.450   1.00 6.73  ? 70  PHE A N   1 
ATOM   550 C  CA  . PHE A 1 70  ? -4.750  -2.572  7.084   1.00 6.58  ? 70  PHE A CA  1 
ATOM   551 C  C   . PHE A 1 70  ? -5.171  -3.400  8.291   1.00 7.87  ? 70  PHE A C   1 
ATOM   552 O  O   . PHE A 1 70  ? -6.392  -3.541  8.489   1.00 9.08  ? 70  PHE A O   1 
ATOM   553 C  CB  . PHE A 1 70  ? -4.334  -3.393  5.854   1.00 8.00  ? 70  PHE A CB  1 
ATOM   554 C  CG  . PHE A 1 70  ? -4.155  -2.564  4.606   1.00 8.87  ? 70  PHE A CG  1 
ATOM   555 C  CD1 . PHE A 1 70  ? -2.899  -1.946  4.374   1.00 8.24  ? 70  PHE A CD1 1 
ATOM   556 C  CD2 . PHE A 1 70  ? -5.202  -2.431  3.684   1.00 10.57 ? 70  PHE A CD2 1 
ATOM   557 C  CE1 . PHE A 1 70  ? -2.730  -1.196  3.192   1.00 9.79  ? 70  PHE A CE1 1 
ATOM   558 C  CE2 . PHE A 1 70  ? -4.987  -1.697  2.520   1.00 10.59 ? 70  PHE A CE2 1 
ATOM   559 C  CZ  . PHE A 1 70  ? -3.759  -1.031  2.318   1.00 12.10 ? 70  PHE A CZ  1 
ATOM   560 N  N   . GLN A 1 71  ? -4.276  -3.893  9.075   1.00 6.55  ? 71  GLN A N   1 
ATOM   561 C  CA  . GLN A 1 71  ? -4.548  -4.533  10.361  1.00 6.26  ? 71  GLN A CA  1 
ATOM   562 C  C   . GLN A 1 71  ? -3.327  -4.169  11.238  1.00 5.59  ? 71  GLN A C   1 
ATOM   563 O  O   . GLN A 1 71  ? -2.171  -4.416  10.823  1.00 5.25  ? 71  GLN A O   1 
ATOM   564 C  CB  . GLN A 1 71  ? -4.683  -6.044  10.335  1.00 9.12  ? 71  GLN A CB  1 
ATOM   565 C  CG  . GLN A 1 71  ? -6.002  -6.588  9.867   1.00 9.90  ? 71  GLN A CG  1 
ATOM   566 C  CD  . GLN A 1 71  ? -6.118  -8.106  10.075  1.00 9.48  ? 71  GLN A CD  1 
ATOM   567 O  OE1 . GLN A 1 71  ? -5.453  -8.751  10.853  1.00 8.24  ? 71  GLN A OE1 1 
ATOM   568 N  NE2 . GLN A 1 71  ? -7.079  -8.591  9.260   1.00 10.62 ? 71  GLN A NE2 1 
ATOM   569 N  N   . SER A 1 72  ? -3.626  -3.626  12.409  1.00 5.49  ? 72  SER A N   1 
ATOM   570 C  CA  . SER A 1 72  ? -2.588  -3.119  13.279  1.00 7.22  ? 72  SER A CA  1 
ATOM   571 C  C   . SER A 1 72  ? -1.632  -4.204  13.767  1.00 6.40  ? 72  SER A C   1 
ATOM   572 O  O   . SER A 1 72  ? -0.524  -3.818  14.162  1.00 8.47  ? 72  SER A O   1 
ATOM   573 C  CB  . SER A 1 72  ? -3.139  -2.423  14.518  1.00 8.81  ? 72  SER A CB  1 
ATOM   574 O  OG  . SER A 1 72  ? -3.889  -3.393  15.277  1.00 9.58  ? 72  SER A OG  1 
ATOM   575 N  N   . ASP A 1 73  ? -1.956  -5.465  13.745  1.00 4.81  ? 73  ASP A N   1 
ATOM   576 C  CA  . ASP A 1 73  ? -1.043  -6.531  14.138  1.00 5.37  ? 73  ASP A CA  1 
ATOM   577 C  C   . ASP A 1 73  ? -0.330  -7.200  13.000  1.00 6.17  ? 73  ASP A C   1 
ATOM   578 O  O   . ASP A 1 73  ? 0.325   -8.242  13.167  1.00 8.05  ? 73  ASP A O   1 
ATOM   579 C  CB  . ASP A 1 73  ? -1.768  -7.572  14.987  1.00 5.42  ? 73  ASP A CB  1 
ATOM   580 C  CG  . ASP A 1 73  ? -2.981  -8.194  14.336  1.00 6.17  ? 73  ASP A CG  1 
ATOM   581 O  OD1 . ASP A 1 73  ? -3.289  -7.969  13.134  1.00 6.81  ? 73  ASP A OD1 1 
ATOM   582 O  OD2 . ASP A 1 73  ? -3.800  -8.898  14.983  1.00 7.41  ? 73  ASP A OD2 1 
ATOM   583 N  N   . ALA A 1 74  ? -0.395  -6.603  11.766  1.00 5.14  ? 74  ALA A N   1 
ATOM   584 C  CA  . ALA A 1 74  ? 0.345   -7.156  10.629  1.00 6.14  ? 74  ALA A CA  1 
ATOM   585 C  C   . ALA A 1 74  ? 1.846   -6.922  10.815  1.00 5.53  ? 74  ALA A C   1 
ATOM   586 O  O   . ALA A 1 74  ? 2.299   -6.036  11.552  1.00 7.35  ? 74  ALA A O   1 
ATOM   587 C  CB  . ALA A 1 74  ? -0.087  -6.513  9.290   1.00 8.41  ? 74  ALA A CB  1 
ATOM   588 N  N   . ARG A 1 75  ? 2.625   -7.775  10.108  1.00 5.58  ? 75  ARG A N   1 
ATOM   589 C  CA  . ARG A 1 75  ? 4.075   -7.631  10.170  1.00 5.52  ? 75  ARG A CA  1 
ATOM   590 C  C   . ARG A 1 75  ? 4.570   -6.355  9.478   1.00 5.55  ? 75  ARG A C   1 
ATOM   591 O  O   . ARG A 1 75  ? 3.900   -5.776  8.616   1.00 6.20  ? 75  ARG A O   1 
ATOM   592 C  CB  . ARG A 1 75  ? 4.728   -8.833  9.522   1.00 5.83  ? 75  ARG A CB  1 
ATOM   593 C  CG  . ARG A 1 75  ? 4.513   -8.950  8.021   1.00 5.96  ? 75  ARG A CG  1 
ATOM   594 C  CD  . ARG A 1 75  ? 5.259   -10.121 7.467   1.00 7.28  ? 75  ARG A CD  1 
ATOM   595 N  NE  . ARG A 1 75  ? 5.199   -10.298 6.034   1.00 7.43  ? 75  ARG A NE  1 
ATOM   596 C  CZ  . ARG A 1 75  ? 5.968   -9.703  5.135   1.00 5.61  ? 75  ARG A CZ  1 
ATOM   597 N  NH1 . ARG A 1 75  ? 6.927   -8.838  5.528   1.00 7.13  ? 75  ARG A NH1 1 
ATOM   598 N  NH2 . ARG A 1 75  ? 5.797   -9.887  3.830   1.00 7.85  ? 75  ARG A NH2 1 
ATOM   599 N  N   . GLU A 1 76  ? 5.780   -5.986  9.862   1.00 5.98  ? 76  GLU A N   1 
ATOM   600 C  CA  . GLU A 1 76  ? 6.499   -4.889  9.189   1.00 6.58  ? 76  GLU A CA  1 
ATOM   601 C  C   . GLU A 1 76  ? 7.007   -5.473  7.863   1.00 6.16  ? 76  GLU A C   1 
ATOM   602 O  O   . GLU A 1 76  ? 7.327   -6.688  7.714   1.00 7.02  ? 76  GLU A O   1 
ATOM   603 C  CB  . GLU A 1 76  ? 7.705   -4.444  9.945   1.00 9.31  ? 76  GLU A CB  1 
ATOM   604 C  CG  . GLU A 1 76  ? 7.514   -3.603  11.157  1.00 14.05 ? 76  GLU A CG  1 
ATOM   605 C  CD  . GLU A 1 76  ? 8.859   -3.124  11.804  1.00 13.05 ? 76  GLU A CD  1 
ATOM   606 O  OE1 . GLU A 1 76  ? 9.914   -3.238  11.230  1.00 18.18 ? 76  GLU A OE1 1 
ATOM   607 O  OE2 . GLU A 1 76  ? 8.527   -2.709  12.910  1.00 18.51 ? 76  GLU A OE2 1 
ATOM   608 N  N   . LEU A 1 77  ? 7.081   -4.593  6.843   1.00 5.51  ? 77  LEU A N   1 
ATOM   609 C  CA  . LEU A 1 77  ? 7.715   -4.968  5.574   1.00 5.87  ? 77  LEU A CA  1 
ATOM   610 C  C   . LEU A 1 77  ? 9.273   -5.011  5.817   1.00 5.82  ? 77  LEU A C   1 
ATOM   611 O  O   . LEU A 1 77  ? 9.778   -4.220  6.646   1.00 7.11  ? 77  LEU A O   1 
ATOM   612 C  CB  . LEU A 1 77  ? 7.422   -3.975  4.498   1.00 6.14  ? 77  LEU A CB  1 
ATOM   613 C  CG  . LEU A 1 77  ? 5.973   -3.960  4.010   1.00 8.42  ? 77  LEU A CG  1 
ATOM   614 C  CD1 . LEU A 1 77  ? 5.864   -3.113  2.753   1.00 10.95 ? 77  LEU A CD1 1 
ATOM   615 C  CD2 . LEU A 1 77  ? 5.502   -5.369  3.673   1.00 9.40  ? 77  LEU A CD2 1 
ATOM   616 N  N   . THR A 1 78  ? 9.946   -5.867  5.104   1.00 4.60  ? 78  THR A N   1 
ATOM   617 C  CA  . THR A 1 78  ? 11.405  -5.907  5.144   1.00 5.77  ? 78  THR A CA  1 
ATOM   618 C  C   . THR A 1 78  ? 11.990  -4.734  4.326   1.00 4.79  ? 78  THR A C   1 
ATOM   619 O  O   . THR A 1 78  ? 11.271  -4.071  3.573   1.00 5.17  ? 78  THR A O   1 
ATOM   620 C  CB  . THR A 1 78  ? 11.972  -7.234  4.572   1.00 4.82  ? 78  THR A CB  1 
ATOM   621 O  OG1 . THR A 1 78  ? 11.721  -7.206  3.124   1.00 6.10  ? 78  THR A OG1 1 
ATOM   622 C  CG2 . THR A 1 78  ? 11.282  -8.484  5.132   1.00 7.48  ? 78  THR A CG2 1 
ATOM   623 N  N   . GLU A 1 79  ? 13.254  -4.520  4.508   1.00 5.93  ? 79  GLU A N   1 
ATOM   624 C  CA  . GLU A 1 79  ? 13.938  -3.420  3.721   1.00 5.73  ? 79  GLU A CA  1 
ATOM   625 C  C   . GLU A 1 79  ? 13.787  -3.774  2.245   1.00 5.28  ? 79  GLU A C   1 
ATOM   626 O  O   . GLU A 1 79  ? 13.575  -2.783  1.449   1.00 6.56  ? 79  GLU A O   1 
ATOM   627 C  CB  . GLU A 1 79  ? 15.372  -3.248  4.171   1.00 6.07  ? 79  GLU A CB  1 
ATOM   628 C  CG  . GLU A 1 79  ? 15.491  -2.671  5.605   1.00 6.84  ? 79  GLU A CG  1 
ATOM   629 C  CD  . GLU A 1 79  ? 16.910  -2.619  6.047   1.00 9.80  ? 79  GLU A CD  1 
ATOM   630 O  OE1 . GLU A 1 79  ? 17.832  -3.113  5.518   1.00 8.78  ? 79  GLU A OE1 1 
ATOM   631 O  OE2 . GLU A 1 79  ? 17.095  -1.983  7.135   1.00 13.40 ? 79  GLU A OE2 1 
ATOM   632 N  N   . SER A 1 80  ? 13.909  -5.002  1.877   1.00 4.52  ? 80  SER A N   1 
ATOM   633 C  CA  . SER A 1 80  ? 13.800  -5.381  0.454   1.00 5.58  ? 80  SER A CA  1 
ATOM   634 C  C   . SER A 1 80  ? 12.378  -5.086  -0.050  1.00 5.11  ? 80  SER A C   1 
ATOM   635 O  O   . SER A 1 80  ? 12.202  -4.615  -1.219  1.00 7.31  ? 80  SER A O   1 
ATOM   636 C  CB  . SER A 1 80  ? 14.194  -6.792  0.291   1.00 6.82  ? 80  SER A CB  1 
ATOM   637 O  OG  . SER A 1 80  ? 14.144  -7.150  -1.066  1.00 12.52 ? 80  SER A OG  1 
ATOM   638 N  N   . GLU A 1 81  ? 11.351  -5.418  0.742   1.00 5.03  ? 81  GLU A N   1 
ATOM   639 C  CA  . GLU A 1 81  ? 9.990   -5.143  0.356   1.00 5.63  ? 81  GLU A CA  1 
ATOM   640 C  C   . GLU A 1 81  ? 9.635   -3.658  0.242   1.00 7.29  ? 81  GLU A C   1 
ATOM   641 O  O   . GLU A 1 81  ? 8.893   -3.242  -0.659  1.00 7.46  ? 81  GLU A O   1 
ATOM   642 C  CB  . GLU A 1 81  ? 9.042   -5.844  1.351   1.00 5.87  ? 81  GLU A CB  1 
ATOM   643 C  CG  . GLU A 1 81  ? 9.078   -7.363  1.203   1.00 6.11  ? 81  GLU A CG  1 
ATOM   644 C  CD  . GLU A 1 81  ? 8.351   -8.077  2.337   1.00 6.65  ? 81  GLU A CD  1 
ATOM   645 O  OE1 . GLU A 1 81  ? 8.289   -7.530  3.460   1.00 6.62  ? 81  GLU A OE1 1 
ATOM   646 O  OE2 . GLU A 1 81  ? 7.806   -9.205  2.080   1.00 6.80  ? 81  GLU A OE2 1 
ATOM   647 N  N   . THR A 1 82  ? 10.269  -2.875  1.126   1.00 6.91  ? 82  THR A N   1 
ATOM   648 C  CA  . THR A 1 82  ? 10.002  -1.398  1.024   1.00 7.89  ? 82  THR A CA  1 
ATOM   649 C  C   . THR A 1 82  ? 10.658  -0.873  -0.285  1.00 7.39  ? 82  THR A C   1 
ATOM   650 O  O   . THR A 1 82  ? 10.029  -0.017  -0.967  1.00 7.66  ? 82  THR A O   1 
ATOM   651 C  CB  . THR A 1 82  ? 10.385  -0.571  2.251   1.00 9.22  ? 82  THR A CB  1 
ATOM   652 O  OG1 . THR A 1 82  ? 11.778  -0.574  2.420   1.00 11.58 ? 82  THR A OG1 1 
ATOM   653 C  CG2 . THR A 1 82  ? 9.679   -1.105  3.544   1.00 8.67  ? 82  THR A CG2 1 
ATOM   654 N  N   . LYS A 1 83  ? 11.809  -1.363  -0.554  1.00 6.79  ? 83  LYS A N   1 
ATOM   655 C  CA  . LYS A 1 83  ? 12.484  -0.958  -1.840  1.00 7.81  ? 83  LYS A CA  1 
ATOM   656 C  C   . LYS A 1 83  ? 11.619  -1.377  -2.975  1.00 8.91  ? 83  LYS A C   1 
ATOM   657 O  O   . LYS A 1 83  ? 11.492  -0.544  -3.942  1.00 9.17  ? 83  LYS A O   1 
ATOM   658 C  CB  . LYS A 1 83  ? 13.848  -1.565  -1.846  1.00 6.89  ? 83  LYS A CB  1 
ATOM   659 C  CG  . LYS A 1 83  ? 14.639  -1.275  -3.160  1.00 10.75 ? 83  LYS A CG  1 
ATOM   660 C  CD  . LYS A 1 83  ? 16.039  -1.980  -3.073  1.00 13.59 ? 83  LYS A CD  1 
ATOM   661 C  CE  . LYS A 1 83  ? 16.833  -1.887  -4.359  1.00 17.46 ? 83  LYS A CE  1 
ATOM   662 N  NZ  . LYS A 1 83  ? 16.054  -2.540  -5.474  1.00 25.57 ? 83  LYS A NZ  1 
ATOM   663 N  N   . SER A 1 84  ? 11.007  -2.541  -3.001  1.00 9.34  ? 84  SER A N   1 
ATOM   664 C  CA  . SER A 1 84  ? 10.144  -2.994  -4.108  1.00 9.10  ? 84  SER A CA  1 
ATOM   665 C  C   . SER A 1 84  ? 8.977   -2.057  -4.258  1.00 8.56  ? 84  SER A C   1 
ATOM   666 O  O   . SER A 1 84  ? 8.572   -1.748  -5.446  1.00 8.99  ? 84  SER A O   1 
ATOM   667 C  CB  . SER A 1 84  ? 9.766   -4.479  -3.850  1.00 12.66 ? 84  SER A CB  1 
ATOM   668 O  OG  . SER A 1 84  ? 8.569   -4.468  -2.974  1.00 21.55 ? 84  SER A OG  1 
ATOM   669 N  N   . LEU A 1 85  ? 8.381   -1.566  -3.230  1.00 8.06  ? 85  LEU A N   1 
ATOM   670 C  CA  . LEU A 1 85  ? 7.298   -0.637  -3.269  1.00 8.02  ? 85  LEU A CA  1 
ATOM   671 C  C   . LEU A 1 85  ? 7.730   0.688   -3.955  1.00 8.26  ? 85  LEU A C   1 
ATOM   672 O  O   . LEU A 1 85  ? 7.022   1.238   -4.821  1.00 8.09  ? 85  LEU A O   1 
ATOM   673 C  CB  . LEU A 1 85  ? 6.775   -0.427  -1.866  1.00 10.72 ? 85  LEU A CB  1 
ATOM   674 C  CG  . LEU A 1 85  ? 5.412   0.118   -1.633  1.00 15.07 ? 85  LEU A CG  1 
ATOM   675 C  CD1 . LEU A 1 85  ? 4.298   -0.471  -2.519  1.00 15.52 ? 85  LEU A CD1 1 
ATOM   676 C  CD2 . LEU A 1 85  ? 5.061   -0.223  -0.150  1.00 13.57 ? 85  LEU A CD2 1 
ATOM   677 N  N   . MET A 1 86  ? 8.872   1.199   -3.488  1.00 7.27  ? 86  MET A N   1 
ATOM   678 C  CA  . MET A 1 86  ? 9.425   2.447   -4.088  1.00 7.80  ? 86  MET A CA  1 
ATOM   679 C  C   . MET A 1 86  ? 9.764   2.221   -5.543  1.00 8.24  ? 86  MET A C   1 
ATOM   680 O  O   . MET A 1 86  ? 9.465   3.118   -6.391  1.00 9.75  ? 86  MET A O   1 
ATOM   681 C  CB  . MET A 1 86  ? 10.596  2.946   -3.226  1.00 10.87 ? 86  MET A CB  1 
ATOM   682 C  CG  . MET A 1 86  ? 11.026  4.322   -3.652  1.00 14.52 ? 86  MET A CG  1 
ATOM   683 S  SD  . MET A 1 86  ? 9.803   5.647   -3.361  1.00 13.82 ? 86  MET A SD  1 
ATOM   684 C  CE  . MET A 1 86  ? 9.435   5.314   -1.719  1.00 13.02 ? 86  MET A CE  1 
ATOM   685 N  N   . ASP A 1 87  ? 10.370  1.136   -5.883  1.00 7.63  ? 87  ASP A N   1 
ATOM   686 C  CA  . ASP A 1 87  ? 10.727  0.839   -7.306  1.00 10.59 ? 87  ASP A CA  1 
ATOM   687 C  C   . ASP A 1 87  ? 9.432   0.768   -8.151  1.00 10.26 ? 87  ASP A C   1 
ATOM   688 O  O   . ASP A 1 87  ? 9.428   1.186   -9.363  1.00 10.54 ? 87  ASP A O   1 
ATOM   689 C  CB  . ASP A 1 87  ? 11.535  -0.404  -7.443  1.00 11.08 ? 87  ASP A CB  1 
ATOM   690 C  CG  . ASP A 1 87  ? 12.953  -0.466  -6.912  1.00 17.35 ? 87  ASP A CG  1 
ATOM   691 O  OD1 . ASP A 1 87  ? 13.429  0.630   -6.643  1.00 18.21 ? 87  ASP A OD1 1 
ATOM   692 O  OD2 . ASP A 1 87  ? 13.395  -1.618  -6.745  1.00 16.45 ? 87  ASP A OD2 1 
ATOM   693 N  N   . ALA A 1 88  ? 8.364   0.226   -7.575  1.00 6.63  ? 88  ALA A N   1 
ATOM   694 C  CA  . ALA A 1 88  ? 7.129   0.067   -8.341  1.00 7.55  ? 88  ALA A CA  1 
ATOM   695 C  C   . ALA A 1 88  ? 6.455   1.400   -8.578  1.00 7.86  ? 88  ALA A C   1 
ATOM   696 O  O   . ALA A 1 88  ? 5.799   1.571   -9.640  1.00 8.63  ? 88  ALA A O   1 
ATOM   697 C  CB  . ALA A 1 88  ? 6.160   -0.883  -7.659  1.00 10.32 ? 88  ALA A CB  1 
ATOM   698 N  N   . ALA A 1 89  ? 6.600   2.371   -7.651  1.00 6.15  ? 89  ALA A N   1 
ATOM   699 C  CA  . ALA A 1 89  ? 5.861   3.587   -7.753  1.00 6.26  ? 89  ALA A CA  1 
ATOM   700 C  C   . ALA A 1 89  ? 6.552   4.874   -8.218  1.00 5.98  ? 89  ALA A C   1 
ATOM   701 O  O   . ALA A 1 89  ? 5.885   5.648   -8.855  1.00 7.88  ? 89  ALA A O   1 
ATOM   702 C  CB  . ALA A 1 89  ? 5.298   3.924   -6.333  1.00 8.18  ? 89  ALA A CB  1 
ATOM   703 N  N   . ASP A 1 90  ? 7.797   5.016   -7.829  1.00 6.86  ? 90  ASP A N   1 
ATOM   704 C  CA  . ASP A 1 90  ? 8.472   6.333   -8.056  1.00 6.26  ? 90  ASP A CA  1 
ATOM   705 C  C   . ASP A 1 90  ? 8.726   6.595   -9.556  1.00 8.64  ? 90  ASP A C   1 
ATOM   706 O  O   . ASP A 1 90  ? 9.330   5.694   -10.154 1.00 12.57 ? 90  ASP A O   1 
ATOM   707 C  CB  . ASP A 1 90  ? 9.764   6.385   -7.244  1.00 8.15  ? 90  ASP A CB  1 
ATOM   708 C  CG  . ASP A 1 90  ? 10.257  7.838   -7.007  1.00 8.99  ? 90  ASP A CG  1 
ATOM   709 O  OD1 . ASP A 1 90  ? 9.556   8.787   -7.089  1.00 7.81  ? 90  ASP A OD1 1 
ATOM   710 O  OD2 . ASP A 1 90  ? 11.476  7.990   -6.677  1.00 13.89 ? 90  ASP A OD2 1 
ATOM   711 N  N   . ASN A 1 91  ? 8.249   7.745   -10.023 1.00 6.44  ? 91  ASN A N   1 
ATOM   712 C  CA  . ASN A 1 91  ? 8.602   8.063   -11.438 1.00 8.21  ? 91  ASN A CA  1 
ATOM   713 C  C   . ASN A 1 91  ? 9.292   9.401   -11.518 1.00 8.52  ? 91  ASN A C   1 
ATOM   714 O  O   . ASN A 1 91  ? 9.531   9.724   -12.699 1.00 11.02 ? 91  ASN A O   1 
ATOM   715 C  CB  . ASN A 1 91  ? 7.399   7.914   -12.367 1.00 13.85 ? 91  ASN A CB  1 
ATOM   716 C  CG  . ASN A 1 91  ? 6.319   8.828   -12.065 1.00 15.98 ? 91  ASN A CG  1 
ATOM   717 O  OD1 . ASN A 1 91  ? 6.534   9.996   -11.590 1.00 20.58 ? 91  ASN A OD1 1 
ATOM   718 N  ND2 . ASN A 1 91  ? 5.060   8.371   -12.301 1.00 22.51 ? 91  ASN A ND2 1 
ATOM   719 N  N   . ASP A 1 92  ? 9.509   10.106  -10.476 1.00 6.47  ? 92  ASP A N   1 
ATOM   720 C  CA  . ASP A 1 92  ? 10.127  11.452  -10.556 1.00 7.95  ? 92  ASP A CA  1 
ATOM   721 C  C   . ASP A 1 92  ? 11.402  11.500  -9.750  1.00 7.23  ? 92  ASP A C   1 
ATOM   722 O  O   . ASP A 1 92  ? 11.875  12.654  -9.585  1.00 8.32  ? 92  ASP A O   1 
ATOM   723 C  CB  . ASP A 1 92  ? 9.096   12.508  -10.294 1.00 7.17  ? 92  ASP A CB  1 
ATOM   724 C  CG  . ASP A 1 92  ? 8.464   12.404  -8.939  1.00 10.75 ? 92  ASP A CG  1 
ATOM   725 O  OD1 . ASP A 1 92  ? 8.860   11.619  -8.119  1.00 8.75  ? 92  ASP A OD1 1 
ATOM   726 O  OD2 . ASP A 1 92  ? 7.659   13.301  -8.677  1.00 14.29 ? 92  ASP A OD2 1 
ATOM   727 N  N   . GLY A 1 93  ? 11.993  10.415  -9.320  1.00 6.65  ? 93  GLY A N   1 
ATOM   728 C  CA  . GLY A 1 93  ? 13.319  10.443  -8.683  1.00 7.05  ? 93  GLY A CA  1 
ATOM   729 C  C   . GLY A 1 93  ? 13.405  11.167  -7.393  1.00 8.69  ? 93  GLY A C   1 
ATOM   730 O  O   . GLY A 1 93  ? 14.574  11.632  -7.066  1.00 9.06  ? 93  GLY A O   1 
ATOM   731 N  N   . ASP A 1 94  ? 12.375  11.354  -6.612  1.00 6.11  ? 94  ASP A N   1 
ATOM   732 C  CA  . ASP A 1 94  ? 12.399  12.070  -5.349  1.00 6.09  ? 94  ASP A CA  1 
ATOM   733 C  C   . ASP A 1 94  ? 12.335  11.105  -4.170  1.00 6.24  ? 94  ASP A C   1 
ATOM   734 O  O   . ASP A 1 94  ? 12.260  11.645  -3.019  1.00 8.40  ? 94  ASP A O   1 
ATOM   735 C  CB  . ASP A 1 94  ? 11.396  13.194  -5.292  1.00 7.53  ? 94  ASP A CB  1 
ATOM   736 C  CG  . ASP A 1 94  ? 9.937   12.685  -5.156  1.00 6.27  ? 94  ASP A CG  1 
ATOM   737 O  OD1 . ASP A 1 94  ? 9.756   11.473  -5.234  1.00 6.53  ? 94  ASP A OD1 1 
ATOM   738 O  OD2 . ASP A 1 94  ? 9.081   13.529  -4.888  1.00 8.83  ? 94  ASP A OD2 1 
ATOM   739 N  N   . GLY A 1 95  ? 12.322  9.849   -4.388  1.00 7.18  ? 95  GLY A N   1 
ATOM   740 C  CA  . GLY A 1 95  ? 12.355  8.876   -3.263  1.00 8.75  ? 95  GLY A CA  1 
ATOM   741 C  C   . GLY A 1 95  ? 11.079  8.876   -2.411  1.00 5.81  ? 95  GLY A C   1 
ATOM   742 O  O   . GLY A 1 95  ? 11.191  8.367   -1.243  1.00 7.23  ? 95  GLY A O   1 
ATOM   743 N  N   . LYS A 1 96  ? 10.008  9.389   -2.855  1.00 6.57  ? 96  LYS A N   1 
ATOM   744 C  CA  . LYS A 1 96  ? 8.736   9.332   -2.079  1.00 5.72  ? 96  LYS A CA  1 
ATOM   745 C  C   . LYS A 1 96  ? 7.583   9.084   -3.049  1.00 7.40  ? 96  LYS A C   1 
ATOM   746 O  O   . LYS A 1 96  ? 7.761   9.304   -4.293  1.00 7.33  ? 96  LYS A O   1 
ATOM   747 C  CB  . LYS A 1 96  ? 8.583   10.590  -1.258  1.00 10.93 ? 96  LYS A CB  1 
ATOM   748 C  CG  . LYS A 1 96  ? 8.615   11.884  -1.986  1.00 10.27 ? 96  LYS A CG  1 
ATOM   749 C  CD  . LYS A 1 96  ? 8.746   12.973  -0.856  1.00 13.60 ? 96  LYS A CD  1 
ATOM   750 C  CE  . LYS A 1 96  ? 8.471   14.359  -1.394  1.00 14.84 ? 96  LYS A CE  1 
ATOM   751 N  NZ  . LYS A 1 96  ? 9.518   14.767  -2.353  1.00 17.44 ? 96  LYS A NZ  1 
ATOM   752 N  N   . ILE A 1 97  ? 6.469   8.620   -2.551  1.00 5.80  ? 97  ILE A N   1 
ATOM   753 C  CA  . ILE A 1 97  ? 5.321   8.277   -3.385  1.00 5.36  ? 97  ILE A CA  1 
ATOM   754 C  C   . ILE A 1 97  ? 4.284   9.333   -3.248  1.00 4.96  ? 97  ILE A C   1 
ATOM   755 O  O   . ILE A 1 97  ? 3.664   9.410   -2.175  1.00 6.16  ? 97  ILE A O   1 
ATOM   756 C  CB  . ILE A 1 97  ? 4.819   6.886   -2.989  1.00 5.67  ? 97  ILE A CB  1 
ATOM   757 C  CG1 . ILE A 1 97  ? 5.911   5.847   -3.109  1.00 7.32  ? 97  ILE A CG1 1 
ATOM   758 C  CG2 . ILE A 1 97  ? 3.599   6.476   -3.894  1.00 6.94  ? 97  ILE A CG2 1 
ATOM   759 C  CD1 . ILE A 1 97  ? 5.530   4.414   -2.722  1.00 10.07 ? 97  ILE A CD1 1 
ATOM   760 N  N   . GLY A 1 98  ? 3.991   10.079  -4.304  1.00 5.03  ? 98  GLY A N   1 
ATOM   761 C  CA  . GLY A 1 98  ? 2.927   11.070  -4.314  1.00 6.29  ? 98  GLY A CA  1 
ATOM   762 C  C   . GLY A 1 98  ? 1.585   10.356  -4.601  1.00 5.73  ? 98  GLY A C   1 
ATOM   763 O  O   . GLY A 1 98  ? 1.541   9.185   -5.010  1.00 6.37  ? 98  GLY A O   1 
ATOM   764 N  N   . ALA A 1 99  ? 0.494   11.117  -4.415  1.00 6.72  ? 99  ALA A N   1 
ATOM   765 C  CA  . ALA A 1 99  ? -0.845  10.511  -4.632  1.00 7.72  ? 99  ALA A CA  1 
ATOM   766 C  C   . ALA A 1 99  ? -0.976  10.063  -6.059  1.00 8.93  ? 99  ALA A C   1 
ATOM   767 O  O   . ALA A 1 99  ? -1.607  8.983   -6.336  1.00 8.94  ? 99  ALA A O   1 
ATOM   768 C  CB  . ALA A 1 99  ? -1.933  11.488  -4.238  1.00 9.37  ? 99  ALA A CB  1 
ATOM   769 N  N   . ASP A 1 100 ? -0.466  10.799  -7.020  1.00 7.25  ? 100 ASP A N   1 
ATOM   770 C  CA  . ASP A 1 100 ? -0.571  10.487  -8.472  1.00 8.34  ? 100 ASP A CA  1 
ATOM   771 C  C   . ASP A 1 100 ? 0.151   9.195   -8.754  1.00 7.10  ? 100 ASP A C   1 
ATOM   772 O  O   . ASP A 1 100 ? -0.339  8.277   -9.462  1.00 6.71  ? 100 ASP A O   1 
ATOM   773 C  CB  . ASP A 1 100 ? 0.035   11.635  -9.317  1.00 13.55 ? 100 ASP A CB  1 
ATOM   774 C  CG  . ASP A 1 100 ? 1.475   11.979  -8.802  1.00 20.04 ? 100 ASP A CG  1 
ATOM   775 O  OD1 . ASP A 1 100 ? 2.098   11.844  -7.696  1.00 15.19 ? 100 ASP A OD1 1 
ATOM   776 O  OD2 . ASP A 1 100 ? 2.191   12.428  -9.808  1.00 28.27 ? 100 ASP A OD2 1 
ATOM   777 N  N   . GLU A 1 101 ? 1.355   9.037   -8.212  1.00 6.66  ? 101 GLU A N   1 
ATOM   778 C  CA  . GLU A 1 101 ? 2.160   7.857   -8.376  1.00 6.62  ? 101 GLU A CA  1 
ATOM   779 C  C   . GLU A 1 101 ? 1.461   6.623   -7.770  1.00 6.16  ? 101 GLU A C   1 
ATOM   780 O  O   . GLU A 1 101 ? 1.567   5.503   -8.302  1.00 6.47  ? 101 GLU A O   1 
ATOM   781 C  CB  . GLU A 1 101 ? 3.552   8.058   -7.692  1.00 4.42  ? 101 GLU A CB  1 
ATOM   782 C  CG  . GLU A 1 101 ? 4.452   8.991   -8.530  1.00 6.77  ? 101 GLU A CG  1 
ATOM   783 C  CD  . GLU A 1 101 ? 5.716   9.362   -7.842  1.00 6.21  ? 101 GLU A CD  1 
ATOM   784 O  OE1 . GLU A 1 101 ? 5.680   9.506   -6.600  1.00 7.48  ? 101 GLU A OE1 1 
ATOM   785 O  OE2 . GLU A 1 101 ? 6.788   9.494   -8.478  1.00 7.09  ? 101 GLU A OE2 1 
ATOM   786 N  N   . PHE A 1 102 ? 0.834   6.846   -6.630  1.00 6.22  ? 102 PHE A N   1 
ATOM   787 C  CA  . PHE A 1 102 ? 0.085   5.779   -5.959  1.00 6.45  ? 102 PHE A CA  1 
ATOM   788 C  C   . PHE A 1 102 ? -1.059  5.277   -6.896  1.00 6.82  ? 102 PHE A C   1 
ATOM   789 O  O   . PHE A 1 102 ? -1.192  4.062   -7.055  1.00 6.69  ? 102 PHE A O   1 
ATOM   790 C  CB  . PHE A 1 102 ? -0.388  6.227   -4.571  1.00 6.64  ? 102 PHE A CB  1 
ATOM   791 C  CG  . PHE A 1 102 ? -0.963  5.107   -3.710  1.00 7.54  ? 102 PHE A CG  1 
ATOM   792 C  CD1 . PHE A 1 102 ? -0.156  4.182   -3.136  1.00 6.82  ? 102 PHE A CD1 1 
ATOM   793 C  CD2 . PHE A 1 102 ? -2.353  5.034   -3.492  1.00 6.89  ? 102 PHE A CD2 1 
ATOM   794 C  CE1 . PHE A 1 102 ? -0.639  3.141   -2.361  1.00 9.91  ? 102 PHE A CE1 1 
ATOM   795 C  CE2 . PHE A 1 102 ? -2.887  4.020   -2.661  1.00 9.03  ? 102 PHE A CE2 1 
ATOM   796 C  CZ  . PHE A 1 102 ? -2.045  3.098   -2.124  1.00 10.57 ? 102 PHE A CZ  1 
ATOM   797 N  N   . GLN A 1 103 ? -1.805  6.226   -7.424  1.00 6.11  ? 103 GLN A N   1 
ATOM   798 C  CA  . GLN A 1 103 ? -2.914  5.865   -8.341  1.00 7.93  ? 103 GLN A CA  1 
ATOM   799 C  C   . GLN A 1 103 ? -2.362  5.055   -9.521  1.00 6.95  ? 103 GLN A C   1 
ATOM   800 O  O   . GLN A 1 103 ? -2.969  4.009   -9.880  1.00 8.07  ? 103 GLN A O   1 
ATOM   801 C  CB  . GLN A 1 103 ? -3.606  7.112   -8.856  1.00 9.40  ? 103 GLN A CB  1 
ATOM   802 C  CG  . GLN A 1 103 ? -4.283  7.931   -7.820  1.00 16.54 ? 103 GLN A CG  1 
ATOM   803 C  CD  . GLN A 1 103 ? -5.777  7.580   -7.669  1.00 17.90 ? 103 GLN A CD  1 
ATOM   804 O  OE1 . GLN A 1 103 ? -6.413  8.319   -6.858  1.00 15.72 ? 103 GLN A OE1 1 
ATOM   805 N  NE2 . GLN A 1 103 ? -6.165  6.475   -8.329  1.00 15.77 ? 103 GLN A NE2 1 
ATOM   806 N  N   . GLU A 1 104 ? -1.311  5.528   -10.116 1.00 7.25  ? 104 GLU A N   1 
ATOM   807 C  CA  . GLU A 1 104 ? -0.734  4.827   -11.298 1.00 7.54  ? 104 GLU A CA  1 
ATOM   808 C  C   . GLU A 1 104 ? -0.280  3.468   -10.923 1.00 8.33  ? 104 GLU A C   1 
ATOM   809 O  O   . GLU A 1 104 ? -0.511  2.447   -11.683 1.00 11.01 ? 104 GLU A O   1 
ATOM   810 C  CB  . GLU A 1 104 ? 0.472   5.590   -11.883 1.00 9.02  ? 104 GLU A CB  1 
ATOM   811 C  CG  . GLU A 1 104 ? 0.036   6.904   -12.539 1.00 11.28 ? 104 GLU A CG  1 
ATOM   812 C  CD  . GLU A 1 104 ? 1.150   7.920   -12.631 1.00 16.25 ? 104 GLU A CD  1 
ATOM   813 O  OE1 . GLU A 1 104 ? 2.222   7.809   -12.002 1.00 20.26 ? 104 GLU A OE1 1 
ATOM   814 O  OE2 . GLU A 1 104 ? 0.855   8.891   -13.368 1.00 21.73 ? 104 GLU A OE2 1 
ATOM   815 N  N   . MET A 1 105 ? 0.322   3.228   -9.771  1.00 7.88  ? 105 MET A N   1 
ATOM   816 C  CA  . MET A 1 105 ? 0.830   1.951   -9.351  1.00 7.92  ? 105 MET A CA  1 
ATOM   817 C  C   . MET A 1 105 ? -0.347  0.953   -9.097  1.00 8.72  ? 105 MET A C   1 
ATOM   818 O  O   . MET A 1 105 ? -0.289  -0.163  -9.579  1.00 9.78  ? 105 MET A O   1 
ATOM   819 C  CB  . MET A 1 105 ? 1.722   2.113   -8.136  1.00 7.31  ? 105 MET A CB  1 
ATOM   820 C  CG  . MET A 1 105 ? 2.083   0.730   -7.580  1.00 11.47 ? 105 MET A CG  1 
ATOM   821 S  SD  . MET A 1 105 ? 3.167   0.852   -6.111  1.00 10.63 ? 105 MET A SD  1 
ATOM   822 C  CE  . MET A 1 105 ? 2.150   1.940   -5.061  1.00 14.96 ? 105 MET A CE  1 
ATOM   823 N  N   . VAL A 1 106 ? -1.329  1.433   -8.390  1.00 7.88  ? 106 VAL A N   1 
ATOM   824 C  CA  . VAL A 1 106 ? -2.462  0.574   -8.003  1.00 10.75 ? 106 VAL A CA  1 
ATOM   825 C  C   . VAL A 1 106 ? -3.150  0.042   -9.242  1.00 12.41 ? 106 VAL A C   1 
ATOM   826 O  O   . VAL A 1 106 ? -3.612  -1.102  -9.142  1.00 12.81 ? 106 VAL A O   1 
ATOM   827 C  CB  . VAL A 1 106 ? -3.359  1.329   -7.002  1.00 9.25  ? 106 VAL A CB  1 
ATOM   828 C  CG1 . VAL A 1 106 ? -4.715  0.638   -6.926  1.00 13.64 ? 106 VAL A CG1 1 
ATOM   829 C  CG2 . VAL A 1 106 ? -2.549  1.475   -5.704  1.00 9.99  ? 106 VAL A CG2 1 
ATOM   830 N  N   . HIS A 1 107 ? -3.310  0.884   -10.214 1.00 12.36 ? 107 HIS A N   1 
ATOM   831 C  CA  . HIS A 1 107 ? -4.071  0.496   -11.445 1.00 16.14 ? 107 HIS A CA  1 
ATOM   832 C  C   . HIS A 1 107 ? -3.201  -0.208  -12.458 1.00 20.53 ? 107 HIS A C   1 
ATOM   833 O  O   . HIS A 1 107 ? -3.762  -0.551  -13.519 1.00 23.48 ? 107 HIS A O   1 
ATOM   834 C  CB  . HIS A 1 107 ? -4.807  1.722   -11.996 1.00 14.66 ? 107 HIS A CB  1 
ATOM   835 C  CG  . HIS A 1 107 ? -5.952  2.051   -11.091 1.00 22.32 ? 107 HIS A CG  1 
ATOM   836 N  ND1 . HIS A 1 107 ? -6.154  3.306   -10.513 1.00 26.93 ? 107 HIS A ND1 1 
ATOM   837 C  CD2 . HIS A 1 107 ? -6.929  1.250   -10.613 1.00 23.03 ? 107 HIS A CD2 1 
ATOM   838 C  CE1 . HIS A 1 107 ? -7.283  3.262   -9.792  1.00 28.07 ? 107 HIS A CE1 1 
ATOM   839 N  NE2 . HIS A 1 107 ? -7.753  2.046   -9.828  1.00 24.58 ? 107 HIS A NE2 1 
ATOM   840 N  N   . SER A 1 108 ? -1.934  -0.470  -12.176 1.00 19.14 ? 108 SER A N   1 
ATOM   841 C  CA  . SER A 1 108 ? -1.045  -1.138  -13.149 1.00 21.78 ? 108 SER A CA  1 
ATOM   842 C  C   . SER A 1 108 ? -1.226  -2.639  -13.307 1.00 23.20 ? 108 SER A C   1 
ATOM   843 O  O   . SER A 1 108 ? -0.833  -3.075  -14.441 1.00 24.41 ? 108 SER A O   1 
ATOM   844 C  CB  . SER A 1 108 ? 0.417   -0.766  -12.783 1.00 17.23 ? 108 SER A CB  1 
ATOM   845 O  OG  . SER A 1 108 ? 0.353   0.563   -13.424 1.00 26.45 ? 108 SER A OG  1 
ATOM   846 O  OXT . SER A 1 108 ? -1.646  -3.336  -12.374 1.00 24.73 ? 108 SER A OXT 1 
HETATM 847 CA CA  . CA  B 2 .   ? 7.999   10.356  -6.415  1.00 5.83  ? 109 CA  A CA  1 
HETATM 848 CA CA  . CA  C 2 .   ? 3.932   10.950  4.670   1.00 6.08  ? 110 CA  A CA  1 
HETATM 849 CA CA  . CA  D 2 .   ? -13.611 -0.329  -10.899 1.00 15.90 ? 124 CA  A CA  1 
HETATM 850 CA CA  . CA  E 2 .   ? -5.188  -9.528  13.061  1.00 6.39  ? 135 CA  A CA  1 
HETATM 851 O  O   . HOH F 3 .   ? 6.723   12.189  -5.450  1.00 10.83 ? 111 HOH A O   1 
HETATM 852 O  O   . HOH F 3 .   ? 6.275   10.885  4.698   1.00 14.96 ? 112 HOH A O   1 
HETATM 853 O  O   . HOH F 3 .   ? 6.784   13.116  2.800   1.00 21.74 ? 113 HOH A O   1 
HETATM 854 O  O   . HOH F 3 .   ? -2.437  -9.097  10.580  1.00 15.24 ? 114 HOH A O   1 
HETATM 855 O  O   . HOH F 3 .   ? 3.708   -3.190  7.570   1.00 8.19  ? 115 HOH A O   1 
HETATM 856 O  O   . HOH F 3 .   ? 11.994  7.569   -9.971  1.00 28.00 ? 116 HOH A O   1 
HETATM 857 O  O   . HOH F 3 .   ? -12.061 -5.445  -1.207  1.00 15.41 ? 117 HOH A O   1 
HETATM 858 O  O   . HOH F 3 .   ? 15.506  -6.767  3.685   1.00 7.31  ? 118 HOH A O   1 
HETATM 859 O  O   . HOH F 3 .   ? -2.314  13.031  2.843   1.00 11.27 ? 119 HOH A O   1 
HETATM 860 O  O   . HOH F 3 .   ? 1.981   3.939   6.756   1.00 10.79 ? 120 HOH A O   1 
HETATM 861 O  O   . HOH F 3 .   ? 0.036   -17.990 2.539   1.00 39.55 ? 121 HOH A O   1 
HETATM 862 O  O   . HOH F 3 .   ? 13.322  6.605   -0.648  1.00 16.66 ? 122 HOH A O   1 
HETATM 863 O  O   . HOH F 3 .   ? 3.532   -15.947 2.487   1.00 16.85 ? 123 HOH A O   1 
HETATM 864 O  O   . HOH F 3 .   ? -15.257 0.232   -9.276  1.00 21.14 ? 125 HOH A O   1 
HETATM 865 O  O   . HOH F 3 .   ? -3.413  12.271  5.210   1.00 19.72 ? 126 HOH A O   1 
HETATM 866 O  O   . HOH F 3 .   ? -5.892  -10.954 15.020  1.00 8.06  ? 127 HOH A O   1 
HETATM 867 O  O   . HOH F 3 .   ? 1.275   -9.963  8.701   1.00 13.77 ? 128 HOH A O   1 
HETATM 868 O  O   . HOH F 3 .   ? -7.216  -10.661 12.375  1.00 10.28 ? 129 HOH A O   1 
HETATM 869 O  O   . HOH F 3 .   ? 11.339  -4.638  8.952   1.00 22.43 ? 130 HOH A O   1 
HETATM 870 O  O   . HOH F 3 .   ? 0.688   13.749  -3.272  1.00 14.88 ? 131 HOH A O   1 
HETATM 871 O  O   . HOH F 3 .   ? 1.526   17.942  0.680   1.00 13.03 ? 132 HOH A O   1 
HETATM 872 O  O   . HOH F 3 .   ? 13.190  3.627   -6.248  1.00 33.56 ? 133 HOH A O   1 
HETATM 873 O  O   . HOH F 3 .   ? 8.490   -8.349  9.655   1.00 15.40 ? 134 HOH A O   1 
HETATM 874 O  O   . HOH F 3 .   ? 4.803   9.095   9.282   1.00 18.28 ? 136 HOH A O   1 
HETATM 875 O  O   . HOH F 3 .   ? 6.250   12.322  -13.020 1.00 37.14 ? 137 HOH A O   1 
HETATM 876 O  O   . HOH F 3 .   ? 13.793  -12.350 4.892   1.00 13.17 ? 138 HOH A O   1 
HETATM 877 O  O   . HOH F 3 .   ? 9.879   12.182  -14.216 1.00 31.35 ? 139 HOH A O   1 
HETATM 878 O  O   . HOH F 3 .   ? 6.892   -7.655  12.104  1.00 17.23 ? 140 HOH A O   1 
HETATM 879 O  O   . HOH F 3 .   ? 1.209   -10.395 5.918   1.00 11.77 ? 141 HOH A O   1 
HETATM 880 O  O   . HOH F 3 .   ? 5.363   11.706  -10.490 1.00 24.64 ? 142 HOH A O   1 
HETATM 881 O  O   . HOH F 3 .   ? -4.742  -15.434 0.461   1.00 19.82 ? 143 HOH A O   1 
HETATM 882 O  O   . HOH F 3 .   ? 4.665   13.175  -7.063  1.00 22.04 ? 144 HOH A O   1 
HETATM 883 O  O   . HOH F 3 .   ? 1.900   -9.978  -1.811  1.00 12.34 ? 145 HOH A O   1 
HETATM 884 O  O   . HOH F 3 .   ? -0.900  -9.947  -1.019  1.00 10.28 ? 146 HOH A O   1 
HETATM 885 O  O   . HOH F 3 .   ? 13.542  1.821   -0.654  1.00 32.13 ? 147 HOH A O   1 
HETATM 886 O  O   . HOH F 3 .   ? -9.500  -7.922  7.690   1.00 18.49 ? 148 HOH A O   1 
HETATM 887 O  O   . HOH F 3 .   ? 1.794   -10.518 13.078  1.00 14.59 ? 149 HOH A O   1 
HETATM 888 O  O   . HOH F 3 .   ? 8.622   15.592  -6.724  1.00 32.31 ? 150 HOH A O   1 
HETATM 889 O  O   . HOH F 3 .   ? -3.037  13.716  0.192   1.00 24.12 ? 151 HOH A O   1 
HETATM 890 O  O   . HOH F 3 .   ? -10.476 -13.831 3.819   1.00 26.33 ? 152 HOH A O   1 
HETATM 891 O  O   . HOH F 3 .   ? 14.999  -0.483  8.130   1.00 39.38 ? 153 HOH A O   1 
HETATM 892 O  O   . HOH F 3 .   ? 2.739   4.698   9.396   1.00 18.77 ? 154 HOH A O   1 
HETATM 893 O  O   . HOH F 3 .   ? 4.959   6.170   10.027  1.00 18.21 ? 155 HOH A O   1 
HETATM 894 O  O   . HOH F 3 .   ? -13.283 6.733   3.890   1.00 32.74 ? 156 HOH A O   1 
HETATM 895 O  O   . HOH F 3 .   ? 13.380  6.393   -5.682  1.00 25.01 ? 157 HOH A O   1 
HETATM 896 O  O   . HOH F 3 .   ? 13.457  -5.409  -3.614  1.00 28.48 ? 158 HOH A O   1 
HETATM 897 O  O   . HOH F 3 .   ? -2.719  -5.030  17.261  1.00 20.89 ? 159 HOH A O   1 
HETATM 898 O  O   . HOH F 3 .   ? 11.495  14.040  -13.637 1.00 24.66 ? 160 HOH A O   1 
HETATM 899 O  O   . HOH F 3 .   ? -5.694  2.183   9.620   1.00 16.46 ? 161 HOH A O   1 
HETATM 900 O  O   . HOH F 3 .   ? -5.085  -12.935 7.432   1.00 23.87 ? 162 HOH A O   1 
HETATM 901 O  O   . HOH F 3 .   ? 11.919  1.069   -10.759 1.00 20.02 ? 163 HOH A O   1 
HETATM 902 O  O   . HOH F 3 .   ? -1.012  17.174  -0.712  1.00 23.75 ? 164 HOH A O   1 
HETATM 903 O  O   . HOH F 3 .   ? 4.560   -5.729  -8.071  1.00 34.82 ? 165 HOH A O   1 
HETATM 904 O  O   . HOH F 3 .   ? -9.718  -11.139 -2.802  1.00 30.00 ? 166 HOH A O   1 
HETATM 905 O  O   . HOH F 3 .   ? 15.360  -9.400  3.312   1.00 15.45 ? 167 HOH A O   1 
HETATM 906 O  O   . HOH F 3 .   ? 6.515   -13.662 9.111   1.00 26.43 ? 168 HOH A O   1 
HETATM 907 O  O   . HOH F 3 .   ? 19.823  -0.965  6.789   1.00 21.92 ? 169 HOH A O   1 
HETATM 908 O  O   . HOH F 3 .   ? 1.981   0.834   12.927  1.00 29.96 ? 170 HOH A O   1 
HETATM 909 O  O   . HOH F 3 .   ? 7.657   9.152   6.967   1.00 33.35 ? 171 HOH A O   1 
HETATM 910 O  O   . HOH F 3 .   ? -1.452  14.499  -1.481  1.00 31.27 ? 172 HOH A O   1 
HETATM 911 O  O   . HOH F 3 .   ? 12.614  0.104   5.196   1.00 21.69 ? 173 HOH A O   1 
HETATM 912 O  O   . HOH F 3 .   ? -14.345 -2.402  -10.870 1.00 31.98 ? 174 HOH A O   1 
HETATM 913 O  O   . HOH F 3 .   ? 6.944   -14.362 -8.852  1.00 42.70 ? 175 HOH A O   1 
HETATM 914 O  O   . HOH F 3 .   ? -4.145  6.253   9.353   1.00 25.65 ? 176 HOH A O   1 
HETATM 915 O  O   . HOH F 3 .   ? -16.431 -6.411  4.898   1.00 33.30 ? 177 HOH A O   1 
HETATM 916 O  O   . HOH F 3 .   ? -6.280  4.652   9.306   1.00 26.63 ? 178 HOH A O   1 
HETATM 917 O  O   . HOH F 3 .   ? -1.524  3.380   12.287  1.00 19.54 ? 179 HOH A O   1 
HETATM 918 O  O   . HOH F 3 .   ? 10.748  3.461   -10.086 1.00 16.51 ? 180 HOH A O   1 
HETATM 919 O  O   . HOH F 3 .   ? 9.802   -3.075  15.355  1.00 26.73 ? 181 HOH A O   1 
HETATM 920 O  O   . HOH F 3 .   ? -6.520  10.353  -9.277  1.00 33.13 ? 182 HOH A O   1 
HETATM 921 O  O   . HOH F 3 .   ? 6.256   -3.377  14.088  1.00 25.84 ? 183 HOH A O   1 
HETATM 922 O  O   . HOH F 3 .   ? 8.931   -3.399  -7.681  1.00 22.59 ? 184 HOH A O   1 
HETATM 923 O  O   . HOH F 3 .   ? -0.833  -11.070 9.756   1.00 33.38 ? 185 HOH A O   1 
HETATM 924 O  O   . HOH F 3 .   ? 16.476  -5.824  -2.536  1.00 22.75 ? 186 HOH A O   1 
HETATM 925 O  O   . HOH F 3 .   ? -6.687  -0.696  -14.330 1.00 36.59 ? 187 HOH A O   1 
HETATM 926 O  O   . HOH F 3 .   ? 0.591   -2.740  -9.405  1.00 35.26 ? 188 HOH A O   1 
HETATM 927 O  O   . HOH F 3 .   ? -16.080 0.131   -1.921  1.00 28.85 ? 189 HOH A O   1 
HETATM 928 O  O   . HOH F 3 .   ? -1.675  -3.214  -9.564  1.00 26.10 ? 190 HOH A O   1 
HETATM 929 O  O   . HOH F 3 .   ? -10.990 11.012  -2.477  1.00 43.01 ? 191 HOH A O   1 
HETATM 930 O  O   . HOH F 3 .   ? 11.905  -8.753  -1.125  1.00 18.51 ? 192 HOH A O   1 
HETATM 931 O  O   . HOH F 3 .   ? 5.206   16.616  -5.920  1.00 36.49 ? 193 HOH A O   1 
HETATM 932 O  O   . HOH F 3 .   ? 3.667   5.250   -10.205 1.00 10.47 ? 194 HOH A O   1 
HETATM 933 O  O   . HOH F 3 .   ? 1.974   3.393   11.763  1.00 36.10 ? 195 HOH A O   1 
HETATM 934 O  O   . HOH F 3 .   ? 2.592   -12.807 -2.108  1.00 21.50 ? 196 HOH A O   1 
HETATM 935 O  O   . HOH F 3 .   ? -7.914  -0.601  8.641   1.00 21.98 ? 197 HOH A O   1 
HETATM 936 O  O   . HOH F 3 .   ? -8.713  -3.172  9.753   1.00 26.33 ? 198 HOH A O   1 
HETATM 937 O  O   . HOH F 3 .   ? 17.487  -10.908 3.774   1.00 38.23 ? 199 HOH A O   1 
HETATM 938 O  O   . HOH F 3 .   ? 11.169  -4.206  13.573  1.00 24.85 ? 200 HOH A O   1 
HETATM 939 O  O   . HOH F 3 .   ? -7.937  -14.213 -3.009  1.00 34.67 ? 201 HOH A O   1 
HETATM 940 O  O   . HOH F 3 .   ? -13.088 8.607   -8.773  1.00 9.05  ? 202 HOH A O   1 
HETATM 941 O  O   . HOH F 3 .   ? 7.269   13.588  5.813   1.00 19.71 ? 203 HOH A O   1 
HETATM 942 O  O   . HOH F 3 .   ? 3.284   -15.229 11.564  1.00 35.14 ? 204 HOH A O   1 
HETATM 943 O  O   . HOH F 3 .   ? -1.522  2.700   -14.441 1.00 35.01 ? 205 HOH A O   1 
HETATM 944 O  O   . HOH F 3 .   ? -9.688  1.577   8.706   1.00 33.22 ? 206 HOH A O   1 
HETATM 945 O  O   . HOH F 3 .   ? -8.459  -6.033  -7.369  1.00 27.30 ? 207 HOH A O   1 
HETATM 946 O  O   . HOH F 3 .   ? 4.452   5.769   -12.776 1.00 28.11 ? 208 HOH A O   1 
HETATM 947 O  O   . HOH F 3 .   ? 0.829   -1.294  14.621  1.00 30.03 ? 209 HOH A O   1 
HETATM 948 O  O   . HOH F 3 .   ? 8.938   -7.427  -2.625  1.00 30.47 ? 210 HOH A O   1 
HETATM 949 O  O   . HOH F 3 .   ? 10.186  11.434  5.735   1.00 34.71 ? 211 HOH A O   1 
HETATM 950 O  O   . HOH F 3 .   ? 18.157  -2.926  9.477   1.00 34.85 ? 212 HOH A O   1 
HETATM 951 O  O   . HOH F 3 .   ? 4.632   10.464  11.854  1.00 35.45 ? 213 HOH A O   1 
HETATM 952 O  O   . HOH F 3 .   ? 3.377   -12.716 9.686   1.00 35.88 ? 214 HOH A O   1 
HETATM 953 O  O   . HOH F 3 .   ? 12.181  -4.090  -7.691  1.00 34.99 ? 215 HOH A O   1 
# 
